data_7RYV
#
_entry.id   7RYV
#
_cell.length_a   81.502
_cell.length_b   138.396
_cell.length_c   83.727
_cell.angle_alpha   90.000
_cell.angle_beta   95.710
_cell.angle_gamma   90.000
#
_symmetry.space_group_name_H-M   'P 1 21 1'
#
loop_
_entity.id
_entity.type
_entity.pdbx_description
1 polymer 'Ab1573 Fab heavy chain'
2 polymer 'Ab1573 Fab light chain'
3 water water
#
loop_
_entity_poly.entity_id
_entity_poly.type
_entity_poly.pdbx_seq_one_letter_code
_entity_poly.pdbx_strand_id
1 'polypeptide(L)'
;QVQLVQSGAEVKKPGASVKVSCKASGFTFGRYSFTWVRQAPGQGLEWVGVIVPLVGVTNSAKKFQGRVTITADTSTNTVY
MDLSSLRSEDTAVYYCARVGDRFGSGYAMDVWGRGALVTVSSASTKGPSVFPLAPSSKSTSGGTAALGCLVKDYFPEPVT
VSWNSGALTSGVHTFPAVLQSSGLYSLSSVVTVPSSSLGTQTYICNVNHKPSNTKVDKRVEPKSCDKT
;
E,H,I,P
2 'polypeptide(L)'
;QSALTQPPSVSGAPGERVTISCSGSGSNFEYSFVYWYQQVPGMAPKLLIYDNYKRPSGVSDRFSGSRSGTSASLTITGLQ
TEDESDYYCQSYDSSLTYWVFGGGTRLTVLGQPKAAPSVTLFPPSSEELQANKATLVCLISDFYPGAVTVAWKADSSPVK
AGVETTTPSKQSNNKYAASSYLSLTPEQWKSHRSYSCQVTHEGSTVEKTVAPTECS
;
F,J,L,Q
#
# COMPACT_ATOMS: atom_id res chain seq x y z
N GLN A 1 -17.31 -10.49 -12.45
CA GLN A 1 -16.40 -10.26 -11.33
C GLN A 1 -17.11 -9.60 -10.16
N VAL A 2 -18.44 -9.76 -10.12
CA VAL A 2 -19.20 -9.34 -8.96
C VAL A 2 -18.72 -10.12 -7.75
N GLN A 3 -18.82 -9.50 -6.57
CA GLN A 3 -18.33 -10.11 -5.34
C GLN A 3 -19.26 -9.74 -4.20
N LEU A 4 -19.10 -10.47 -3.10
CA LEU A 4 -19.72 -10.15 -1.82
C LEU A 4 -18.59 -10.02 -0.81
N VAL A 5 -18.30 -8.79 -0.40
CA VAL A 5 -17.20 -8.52 0.52
C VAL A 5 -17.72 -8.52 1.94
N GLN A 6 -17.17 -9.38 2.78
CA GLN A 6 -17.62 -9.57 4.14
C GLN A 6 -16.65 -8.91 5.11
N SER A 7 -17.12 -8.72 6.34
CA SER A 7 -16.24 -8.25 7.40
C SER A 7 -15.33 -9.40 7.86
N GLY A 8 -14.46 -9.10 8.81
CA GLY A 8 -13.38 -10.00 9.18
C GLY A 8 -13.73 -10.95 10.30
N ALA A 9 -12.68 -11.59 10.83
CA ALA A 9 -12.85 -12.54 11.92
C ALA A 9 -13.14 -11.82 13.22
N GLU A 10 -13.95 -12.44 14.07
CA GLU A 10 -14.32 -11.88 15.37
C GLU A 10 -14.21 -12.96 16.42
N VAL A 11 -13.63 -12.61 17.56
CA VAL A 11 -13.54 -13.49 18.72
C VAL A 11 -14.49 -12.95 19.79
N LYS A 12 -15.35 -13.84 20.30
CA LYS A 12 -16.42 -13.44 21.20
C LYS A 12 -16.47 -14.38 22.40
N LYS A 13 -16.91 -13.84 23.52
CA LYS A 13 -17.26 -14.60 24.71
C LYS A 13 -18.70 -15.10 24.59
N PRO A 14 -19.00 -16.27 25.13
CA PRO A 14 -20.40 -16.72 25.14
C PRO A 14 -21.30 -15.71 25.83
N GLY A 15 -22.52 -15.57 25.30
CA GLY A 15 -23.46 -14.60 25.78
C GLY A 15 -23.37 -13.24 25.12
N ALA A 16 -22.30 -12.98 24.37
CA ALA A 16 -22.13 -11.72 23.66
C ALA A 16 -22.87 -11.78 22.33
N SER A 17 -22.79 -10.69 21.57
CA SER A 17 -23.40 -10.61 20.26
C SER A 17 -22.33 -10.33 19.20
N VAL A 18 -22.62 -10.75 17.97
CA VAL A 18 -21.72 -10.53 16.84
C VAL A 18 -22.55 -10.01 15.67
N LYS A 19 -21.95 -9.10 14.89
CA LYS A 19 -22.60 -8.56 13.71
C LYS A 19 -21.65 -8.69 12.53
N VAL A 20 -22.04 -9.49 11.54
CA VAL A 20 -21.26 -9.68 10.32
C VAL A 20 -21.93 -8.92 9.19
N SER A 21 -21.13 -8.23 8.38
CA SER A 21 -21.63 -7.45 7.27
C SER A 21 -21.26 -8.10 5.94
N CYS A 22 -21.97 -7.70 4.89
CA CYS A 22 -21.78 -8.26 3.55
C CYS A 22 -22.19 -7.18 2.56
N LYS A 23 -21.22 -6.64 1.82
CA LYS A 23 -21.45 -5.50 0.94
C LYS A 23 -21.32 -5.92 -0.52
N ALA A 24 -22.25 -5.46 -1.35
CA ALA A 24 -22.22 -5.78 -2.77
C ALA A 24 -21.09 -5.03 -3.47
N SER A 25 -20.40 -5.72 -4.36
CA SER A 25 -19.32 -5.14 -5.16
C SER A 25 -19.61 -5.41 -6.62
N GLY A 26 -19.72 -4.33 -7.41
CA GLY A 26 -20.00 -4.47 -8.82
C GLY A 26 -21.46 -4.65 -9.16
N PHE A 27 -22.37 -4.44 -8.21
CA PHE A 27 -23.80 -4.52 -8.46
C PHE A 27 -24.53 -3.90 -7.27
N THR A 28 -25.85 -3.73 -7.42
CA THR A 28 -26.70 -3.20 -6.37
C THR A 28 -27.77 -4.23 -6.01
N PHE A 29 -28.49 -3.95 -4.92
CA PHE A 29 -29.47 -4.89 -4.39
C PHE A 29 -30.43 -5.37 -5.48
N GLY A 30 -31.10 -4.42 -6.13
CA GLY A 30 -32.04 -4.78 -7.18
C GLY A 30 -33.09 -5.73 -6.65
N ARG A 31 -33.34 -6.78 -7.41
CA ARG A 31 -34.30 -7.82 -7.04
C ARG A 31 -33.64 -9.05 -6.46
N TYR A 32 -32.36 -8.96 -6.09
CA TYR A 32 -31.65 -10.11 -5.56
C TYR A 32 -32.02 -10.37 -4.11
N SER A 33 -31.79 -11.60 -3.68
CA SER A 33 -31.88 -11.95 -2.28
C SER A 33 -30.49 -12.27 -1.73
N PHE A 34 -30.39 -12.27 -0.40
CA PHE A 34 -29.12 -12.48 0.28
C PHE A 34 -29.36 -13.40 1.46
N THR A 35 -28.64 -14.52 1.49
CA THR A 35 -28.76 -15.53 2.52
C THR A 35 -27.49 -15.60 3.35
N TRP A 36 -27.61 -16.19 4.53
CA TRP A 36 -26.49 -16.42 5.42
C TRP A 36 -26.39 -17.92 5.66
N VAL A 37 -25.25 -18.50 5.33
CA VAL A 37 -24.97 -19.92 5.49
C VAL A 37 -23.73 -20.06 6.36
N ARG A 38 -23.83 -20.86 7.41
CA ARG A 38 -22.72 -21.06 8.31
C ARG A 38 -22.23 -22.51 8.27
N GLN A 39 -20.97 -22.68 8.64
CA GLN A 39 -20.34 -24.00 8.72
C GLN A 39 -19.53 -24.07 10.00
N ALA A 40 -20.02 -24.85 10.97
CA ALA A 40 -19.24 -25.17 12.14
C ALA A 40 -18.03 -26.02 11.74
N PRO A 41 -16.95 -25.97 12.53
CA PRO A 41 -15.74 -26.72 12.13
C PRO A 41 -15.99 -28.21 12.09
N GLY A 42 -15.63 -28.83 10.96
CA GLY A 42 -15.82 -30.25 10.78
C GLY A 42 -17.25 -30.68 10.57
N GLN A 43 -18.14 -29.77 10.17
CA GLN A 43 -19.54 -30.11 9.93
C GLN A 43 -19.99 -29.53 8.58
N GLY A 44 -21.24 -29.87 8.20
CA GLY A 44 -21.78 -29.44 6.93
C GLY A 44 -22.37 -28.02 6.97
N LEU A 45 -22.64 -27.50 5.78
CA LEU A 45 -23.25 -26.18 5.67
C LEU A 45 -24.64 -26.18 6.31
N GLU A 46 -24.98 -25.06 6.94
CA GLU A 46 -26.26 -24.88 7.60
C GLU A 46 -26.83 -23.53 7.19
N TRP A 47 -28.08 -23.52 6.72
CA TRP A 47 -28.72 -22.28 6.34
C TRP A 47 -29.19 -21.53 7.58
N VAL A 48 -28.89 -20.23 7.64
CA VAL A 48 -29.22 -19.41 8.80
C VAL A 48 -30.44 -18.52 8.52
N GLY A 49 -30.36 -17.70 7.47
CA GLY A 49 -31.43 -16.74 7.24
C GLY A 49 -31.35 -16.12 5.86
N VAL A 50 -32.28 -15.20 5.60
CA VAL A 50 -32.44 -14.61 4.28
C VAL A 50 -33.04 -13.22 4.42
N ILE A 51 -32.76 -12.36 3.43
CA ILE A 51 -33.37 -11.03 3.36
C ILE A 51 -33.59 -10.67 1.90
N VAL A 52 -34.80 -10.20 1.59
CA VAL A 52 -35.12 -9.67 0.26
C VAL A 52 -35.26 -8.16 0.43
N PRO A 53 -34.20 -7.38 0.22
CA PRO A 53 -34.26 -5.95 0.56
C PRO A 53 -35.30 -5.16 -0.20
N LEU A 54 -35.60 -5.56 -1.44
CA LEU A 54 -36.60 -4.82 -2.21
C LEU A 54 -37.94 -4.76 -1.50
N VAL A 55 -38.45 -5.91 -1.07
CA VAL A 55 -39.72 -5.98 -0.34
C VAL A 55 -39.52 -5.95 1.17
N GLY A 56 -38.30 -6.09 1.67
CA GLY A 56 -38.02 -5.99 3.09
C GLY A 56 -38.26 -7.25 3.91
N VAL A 57 -38.60 -8.38 3.29
CA VAL A 57 -38.88 -9.62 4.01
C VAL A 57 -37.57 -10.23 4.51
N THR A 58 -37.61 -10.78 5.73
CA THR A 58 -36.49 -11.53 6.29
C THR A 58 -37.03 -12.78 6.97
N ASN A 59 -36.26 -13.85 6.89
CA ASN A 59 -36.60 -15.10 7.54
C ASN A 59 -35.32 -15.75 8.03
N SER A 60 -35.46 -16.73 8.92
CA SER A 60 -34.29 -17.44 9.40
C SER A 60 -34.73 -18.78 9.95
N ALA A 61 -33.75 -19.68 10.09
CA ALA A 61 -34.05 -21.06 10.50
C ALA A 61 -34.65 -21.10 11.90
N LYS A 62 -35.44 -22.15 12.16
CA LYS A 62 -36.18 -22.25 13.42
C LYS A 62 -35.26 -22.26 14.63
N LYS A 63 -34.10 -22.89 14.54
CA LYS A 63 -33.22 -22.98 15.69
C LYS A 63 -32.64 -21.63 16.09
N PHE A 64 -32.74 -20.61 15.23
CA PHE A 64 -32.23 -19.28 15.54
C PHE A 64 -33.34 -18.31 15.95
N GLN A 65 -34.52 -18.82 16.33
CA GLN A 65 -35.62 -17.96 16.71
C GLN A 65 -35.23 -17.05 17.87
N GLY A 66 -35.39 -15.75 17.68
CA GLY A 66 -35.11 -14.78 18.70
C GLY A 66 -33.64 -14.43 18.86
N ARG A 67 -32.73 -15.05 18.10
CA ARG A 67 -31.31 -14.78 18.23
C ARG A 67 -30.70 -14.06 17.04
N VAL A 68 -31.34 -14.08 15.86
CA VAL A 68 -30.78 -13.43 14.67
C VAL A 68 -31.69 -12.29 14.23
N THR A 69 -31.07 -11.21 13.80
CA THR A 69 -31.76 -10.11 13.14
C THR A 69 -31.00 -9.79 11.86
N ILE A 70 -31.65 -9.96 10.72
CA ILE A 70 -31.05 -9.64 9.43
C ILE A 70 -31.62 -8.31 8.96
N THR A 71 -30.74 -7.34 8.73
CA THR A 71 -31.14 -6.03 8.22
C THR A 71 -30.31 -5.71 6.99
N ALA A 72 -30.66 -4.59 6.34
CA ALA A 72 -29.95 -4.18 5.14
C ALA A 72 -29.96 -2.65 5.05
N ASP A 73 -29.02 -2.13 4.27
CA ASP A 73 -28.86 -0.70 4.04
C ASP A 73 -28.73 -0.52 2.53
N THR A 74 -29.80 -0.04 1.89
CA THR A 74 -29.82 0.06 0.44
C THR A 74 -28.89 1.15 -0.09
N SER A 75 -28.53 2.14 0.72
CA SER A 75 -27.69 3.23 0.21
C SER A 75 -26.23 2.81 0.08
N THR A 76 -25.78 1.86 0.90
CA THR A 76 -24.45 1.30 0.77
C THR A 76 -24.46 -0.15 0.30
N ASN A 77 -25.64 -0.70 -0.03
CA ASN A 77 -25.78 -2.06 -0.53
C ASN A 77 -25.12 -3.08 0.41
N THR A 78 -25.33 -2.91 1.71
CA THR A 78 -24.73 -3.77 2.73
C THR A 78 -25.82 -4.55 3.48
N VAL A 79 -25.56 -5.83 3.69
CA VAL A 79 -26.44 -6.70 4.47
C VAL A 79 -25.78 -6.98 5.81
N TYR A 80 -26.59 -7.07 6.86
CA TYR A 80 -26.08 -7.30 8.20
C TYR A 80 -26.82 -8.46 8.85
N MET A 81 -26.08 -9.35 9.49
CA MET A 81 -26.65 -10.40 10.32
C MET A 81 -26.13 -10.21 11.74
N ASP A 82 -27.05 -10.13 12.70
CA ASP A 82 -26.70 -9.96 14.11
C ASP A 82 -27.15 -11.18 14.88
N LEU A 83 -26.20 -11.87 15.50
CA LEU A 83 -26.47 -13.09 16.24
C LEU A 83 -26.14 -12.84 17.72
N SER A 84 -27.14 -12.97 18.58
CA SER A 84 -27.01 -12.61 19.98
C SER A 84 -26.99 -13.84 20.87
N SER A 85 -26.60 -13.62 22.13
CA SER A 85 -26.43 -14.67 23.13
C SER A 85 -25.68 -15.85 22.56
N LEU A 86 -24.40 -15.64 22.26
CA LEU A 86 -23.61 -16.64 21.55
C LEU A 86 -23.24 -17.80 22.46
N ARG A 87 -23.06 -18.96 21.85
CA ARG A 87 -22.68 -20.20 22.53
C ARG A 87 -21.58 -20.88 21.72
N SER A 88 -21.02 -21.96 22.28
CA SER A 88 -19.96 -22.71 21.60
C SER A 88 -20.41 -23.26 20.25
N GLU A 89 -21.67 -23.68 20.15
CA GLU A 89 -22.21 -24.21 18.89
C GLU A 89 -22.19 -23.18 17.77
N ASP A 90 -22.12 -21.89 18.10
CA ASP A 90 -22.14 -20.85 17.08
C ASP A 90 -20.77 -20.59 16.46
N THR A 91 -19.71 -21.19 17.01
CA THR A 91 -18.38 -21.11 16.40
C THR A 91 -18.46 -21.66 14.98
N ALA A 92 -18.23 -20.81 13.98
CA ALA A 92 -18.45 -21.25 12.61
C ALA A 92 -17.95 -20.16 11.67
N VAL A 93 -17.88 -20.52 10.39
CA VAL A 93 -17.59 -19.57 9.32
C VAL A 93 -18.93 -19.13 8.74
N TYR A 94 -19.23 -17.83 8.81
CA TYR A 94 -20.51 -17.30 8.34
C TYR A 94 -20.35 -16.73 6.94
N TYR A 95 -21.00 -17.35 5.96
CA TYR A 95 -20.97 -16.91 4.56
C TYR A 95 -22.24 -16.13 4.23
N CYS A 96 -22.11 -15.16 3.32
CA CYS A 96 -23.26 -14.56 2.66
C CYS A 96 -23.28 -14.96 1.19
N ALA A 97 -24.47 -15.21 0.67
CA ALA A 97 -24.64 -15.72 -0.68
C ALA A 97 -25.80 -15.01 -1.36
N ARG A 98 -25.56 -14.56 -2.59
CA ARG A 98 -26.61 -13.91 -3.36
C ARG A 98 -27.46 -14.97 -4.07
N VAL A 99 -28.76 -14.70 -4.15
CA VAL A 99 -29.74 -15.66 -4.63
C VAL A 99 -30.61 -14.99 -5.69
N GLY A 100 -30.86 -15.70 -6.77
CA GLY A 100 -31.80 -15.26 -7.78
C GLY A 100 -31.11 -14.62 -8.97
N ASP A 101 -31.81 -14.63 -10.10
CA ASP A 101 -31.32 -13.93 -11.28
C ASP A 101 -31.70 -12.46 -11.20
N ARG A 102 -31.29 -11.68 -12.20
CA ARG A 102 -31.51 -10.24 -12.16
C ARG A 102 -32.98 -9.84 -12.23
N PHE A 103 -33.91 -10.80 -12.27
CA PHE A 103 -35.34 -10.52 -12.15
C PHE A 103 -35.93 -11.04 -10.85
N GLY A 104 -35.09 -11.46 -9.91
CA GLY A 104 -35.59 -12.00 -8.66
C GLY A 104 -36.18 -13.39 -8.77
N SER A 105 -35.73 -14.20 -9.73
CA SER A 105 -36.20 -15.56 -9.91
C SER A 105 -35.06 -16.54 -9.70
N GLY A 106 -35.39 -17.71 -9.19
CA GLY A 106 -34.36 -18.68 -8.86
C GLY A 106 -34.01 -18.63 -7.39
N TYR A 107 -33.62 -19.79 -6.85
CA TYR A 107 -33.33 -19.90 -5.43
C TYR A 107 -31.95 -20.49 -5.16
N ALA A 108 -31.12 -20.63 -6.19
CA ALA A 108 -29.76 -21.12 -6.02
C ALA A 108 -28.84 -19.99 -5.56
N MET A 109 -27.90 -20.33 -4.68
CA MET A 109 -26.94 -19.36 -4.18
C MET A 109 -25.73 -19.38 -5.12
N ASP A 110 -25.64 -18.37 -5.99
CA ASP A 110 -24.68 -18.38 -7.07
C ASP A 110 -23.43 -17.56 -6.81
N VAL A 111 -23.51 -16.48 -6.03
CA VAL A 111 -22.35 -15.69 -5.65
C VAL A 111 -22.15 -15.83 -4.16
N TRP A 112 -20.93 -16.18 -3.76
CA TRP A 112 -20.60 -16.45 -2.37
C TRP A 112 -19.51 -15.49 -1.89
N GLY A 113 -19.66 -14.99 -0.67
CA GLY A 113 -18.57 -14.29 -0.02
C GLY A 113 -17.52 -15.26 0.51
N ARG A 114 -16.35 -14.70 0.84
CA ARG A 114 -15.25 -15.55 1.30
C ARG A 114 -15.50 -16.12 2.69
N GLY A 115 -16.38 -15.51 3.46
CA GLY A 115 -16.71 -16.02 4.77
C GLY A 115 -16.02 -15.26 5.88
N ALA A 116 -16.60 -15.35 7.08
CA ALA A 116 -16.09 -14.66 8.24
C ALA A 116 -16.15 -15.62 9.41
N LEU A 117 -14.99 -15.93 10.00
CA LEU A 117 -14.92 -16.89 11.10
C LEU A 117 -15.30 -16.22 12.41
N VAL A 118 -16.22 -16.86 13.14
CA VAL A 118 -16.67 -16.40 14.44
C VAL A 118 -16.29 -17.46 15.46
N THR A 119 -15.53 -17.05 16.48
CA THR A 119 -15.05 -17.97 17.52
C THR A 119 -15.70 -17.58 18.84
N VAL A 120 -16.37 -18.53 19.47
CA VAL A 120 -17.06 -18.29 20.74
C VAL A 120 -16.32 -19.09 21.79
N SER A 121 -15.69 -18.40 22.75
CA SER A 121 -14.91 -19.06 23.77
C SER A 121 -14.81 -18.17 25.01
N SER A 122 -14.85 -18.80 26.18
CA SER A 122 -14.71 -18.07 27.44
C SER A 122 -13.26 -17.74 27.77
N ALA A 123 -12.31 -18.19 26.97
CA ALA A 123 -10.91 -17.87 27.21
C ALA A 123 -10.62 -16.41 26.90
N SER A 124 -9.66 -15.84 27.61
CA SER A 124 -9.25 -14.47 27.43
C SER A 124 -7.94 -14.39 26.66
N THR A 125 -7.71 -13.24 26.04
CA THR A 125 -6.52 -13.05 25.22
C THR A 125 -5.26 -13.24 26.06
N LYS A 126 -4.36 -14.09 25.56
CA LYS A 126 -3.11 -14.37 26.25
C LYS A 126 -2.02 -14.62 25.21
N GLY A 127 -0.85 -14.05 25.46
CA GLY A 127 0.31 -14.30 24.63
C GLY A 127 0.99 -15.61 24.99
N PRO A 128 1.73 -16.16 24.02
CA PRO A 128 2.34 -17.49 24.22
C PRO A 128 3.68 -17.44 24.95
N SER A 129 3.97 -18.54 25.65
CA SER A 129 5.30 -18.82 26.17
C SER A 129 6.06 -19.66 25.14
N VAL A 130 7.27 -19.24 24.81
CA VAL A 130 8.06 -19.89 23.77
C VAL A 130 9.18 -20.69 24.43
N PHE A 131 9.32 -21.95 24.05
CA PHE A 131 10.35 -22.82 24.58
C PHE A 131 11.12 -23.47 23.44
N PRO A 132 12.44 -23.60 23.56
CA PRO A 132 13.22 -24.24 22.50
C PRO A 132 13.11 -25.75 22.60
N LEU A 133 13.08 -26.39 21.43
CA LEU A 133 13.13 -27.84 21.30
C LEU A 133 14.52 -28.16 20.77
N ALA A 134 15.42 -28.54 21.68
CA ALA A 134 16.84 -28.65 21.37
C ALA A 134 17.11 -29.91 20.55
N PRO A 135 18.00 -29.83 19.56
CA PRO A 135 18.42 -31.03 18.83
C PRO A 135 19.33 -31.90 19.70
N SER A 136 19.13 -33.20 19.61
CA SER A 136 19.95 -34.15 20.37
C SER A 136 20.36 -35.34 19.51
N GLY A 142 26.20 -37.69 7.24
CA GLY A 142 25.06 -37.47 6.37
C GLY A 142 23.71 -37.38 7.07
N GLY A 143 23.72 -37.36 8.41
CA GLY A 143 22.47 -37.29 9.15
C GLY A 143 21.93 -35.87 9.22
N THR A 144 20.61 -35.77 9.29
CA THR A 144 19.98 -34.49 9.52
C THR A 144 19.71 -34.31 11.02
N ALA A 145 19.42 -33.06 11.39
CA ALA A 145 19.02 -32.73 12.75
C ALA A 145 17.67 -32.05 12.71
N ALA A 146 16.89 -32.25 13.76
CA ALA A 146 15.61 -31.60 13.93
C ALA A 146 15.65 -30.74 15.18
N LEU A 147 15.31 -29.47 15.05
CA LEU A 147 15.22 -28.56 16.17
C LEU A 147 13.98 -27.70 15.96
N GLY A 148 13.36 -27.30 17.06
CA GLY A 148 12.09 -26.62 16.94
C GLY A 148 11.82 -25.61 18.04
N CYS A 149 10.63 -25.03 17.97
CA CYS A 149 10.12 -24.09 18.96
C CYS A 149 8.71 -24.52 19.35
N LEU A 150 8.45 -24.53 20.66
CA LEU A 150 7.15 -24.82 21.20
C LEU A 150 6.47 -23.51 21.60
N VAL A 151 5.34 -23.20 20.96
CA VAL A 151 4.60 -21.96 21.18
C VAL A 151 3.39 -22.32 22.03
N LYS A 152 3.49 -22.14 23.34
CA LYS A 152 2.58 -22.77 24.29
C LYS A 152 1.65 -21.76 24.98
N ASP A 153 0.37 -22.11 25.05
CA ASP A 153 -0.61 -21.44 25.91
C ASP A 153 -0.93 -20.02 25.44
N TYR A 154 -1.48 -19.89 24.23
CA TYR A 154 -1.89 -18.60 23.72
C TYR A 154 -3.33 -18.67 23.28
N PHE A 155 -3.96 -17.49 23.16
CA PHE A 155 -5.32 -17.35 22.65
C PHE A 155 -5.52 -15.91 22.21
N PRO A 156 -6.20 -15.67 21.08
CA PRO A 156 -6.66 -16.74 20.18
C PRO A 156 -5.67 -17.02 19.06
N GLU A 157 -6.14 -17.78 18.07
CA GLU A 157 -5.40 -17.93 16.83
C GLU A 157 -5.43 -16.61 16.05
N PRO A 158 -4.47 -16.39 15.15
CA PRO A 158 -3.32 -17.25 14.80
C PRO A 158 -2.00 -16.75 15.38
N VAL A 159 -0.94 -17.55 15.26
CA VAL A 159 0.43 -17.10 15.50
C VAL A 159 1.23 -17.39 14.25
N THR A 160 2.26 -16.58 14.02
CA THR A 160 3.20 -16.81 12.94
C THR A 160 4.55 -17.18 13.52
N VAL A 161 5.30 -18.01 12.79
CA VAL A 161 6.61 -18.45 13.21
C VAL A 161 7.56 -18.29 12.03
N SER A 162 8.64 -17.56 12.26
CA SER A 162 9.73 -17.41 11.31
C SER A 162 10.98 -18.06 11.88
N TRP A 163 12.00 -18.22 11.04
CA TRP A 163 13.29 -18.72 11.49
C TRP A 163 14.40 -17.83 10.93
N ASN A 164 15.23 -17.29 11.83
CA ASN A 164 16.28 -16.36 11.46
C ASN A 164 15.69 -15.23 10.62
N SER A 165 14.60 -14.66 11.11
CA SER A 165 13.93 -13.50 10.45
C SER A 165 13.64 -13.75 8.95
N GLY A 166 13.33 -14.98 8.58
CA GLY A 166 12.99 -15.30 7.19
C GLY A 166 14.16 -15.88 6.41
N ALA A 167 15.36 -15.68 6.89
CA ALA A 167 16.55 -16.11 6.14
C ALA A 167 16.58 -17.64 6.02
N LEU A 168 16.13 -18.37 7.04
CA LEU A 168 16.06 -19.84 6.98
C LEU A 168 14.62 -20.22 6.62
N THR A 169 14.40 -20.70 5.41
CA THR A 169 13.04 -21.06 5.00
C THR A 169 13.00 -22.54 4.62
N SER A 170 14.16 -23.17 4.46
CA SER A 170 14.25 -24.58 4.00
C SER A 170 14.27 -25.56 5.17
N GLY A 171 13.38 -26.55 5.13
CA GLY A 171 13.32 -27.55 6.20
C GLY A 171 12.40 -27.12 7.31
N VAL A 172 11.66 -26.06 7.08
CA VAL A 172 10.78 -25.51 8.13
C VAL A 172 9.40 -26.15 8.00
N HIS A 173 8.91 -26.71 9.10
CA HIS A 173 7.54 -27.28 9.09
C HIS A 173 6.82 -26.75 10.35
N THR A 174 5.91 -25.78 10.20
CA THR A 174 5.06 -25.33 11.35
C THR A 174 3.76 -26.13 11.33
N PHE A 175 3.50 -26.90 12.38
CA PHE A 175 2.35 -27.82 12.40
C PHE A 175 1.11 -27.07 12.89
N PRO A 176 -0.10 -27.48 12.46
CA PRO A 176 -1.33 -26.87 12.96
C PRO A 176 -1.40 -27.00 14.49
N ALA A 177 -1.98 -26.02 15.16
CA ALA A 177 -2.02 -25.97 16.63
C ALA A 177 -3.02 -26.90 17.28
N VAL A 178 -2.81 -27.17 18.55
CA VAL A 178 -3.74 -28.01 19.33
C VAL A 178 -4.56 -27.10 20.24
N LEU A 179 -5.80 -27.49 20.47
CA LEU A 179 -6.66 -26.76 21.40
C LEU A 179 -6.73 -27.55 22.71
N GLN A 180 -6.15 -26.98 23.77
CA GLN A 180 -6.14 -27.62 25.06
C GLN A 180 -7.52 -27.50 25.74
N SER A 181 -7.71 -28.27 26.81
CA SER A 181 -8.96 -28.22 27.55
C SER A 181 -9.15 -26.90 28.28
N SER A 182 -8.08 -26.15 28.50
CA SER A 182 -8.16 -24.86 29.15
C SER A 182 -8.55 -23.73 28.21
N GLY A 183 -8.78 -24.02 26.94
CA GLY A 183 -9.16 -23.02 25.96
C GLY A 183 -8.00 -22.33 25.26
N LEU A 184 -6.77 -22.53 25.73
CA LEU A 184 -5.58 -21.98 25.11
C LEU A 184 -5.02 -22.94 24.08
N TYR A 185 -4.28 -22.39 23.11
CA TYR A 185 -3.69 -23.13 22.01
C TYR A 185 -2.19 -23.35 22.23
N SER A 186 -1.67 -24.40 21.59
CA SER A 186 -0.24 -24.69 21.52
C SER A 186 0.10 -25.19 20.12
N LEU A 187 1.25 -24.78 19.59
CA LEU A 187 1.74 -25.33 18.32
C LEU A 187 3.26 -25.45 18.39
N SER A 188 3.84 -26.01 17.33
CA SER A 188 5.28 -26.21 17.23
C SER A 188 5.74 -25.94 15.81
N SER A 189 6.97 -25.43 15.69
CA SER A 189 7.61 -25.21 14.40
C SER A 189 8.98 -25.84 14.46
N VAL A 190 9.29 -26.73 13.51
CA VAL A 190 10.54 -27.48 13.50
C VAL A 190 11.24 -27.27 12.17
N VAL A 191 12.56 -27.19 12.19
CA VAL A 191 13.37 -27.07 10.99
C VAL A 191 14.34 -28.26 10.94
N THR A 192 14.49 -28.83 9.76
CA THR A 192 15.44 -29.93 9.55
C THR A 192 16.68 -29.36 8.87
N VAL A 193 17.83 -29.54 9.51
CA VAL A 193 19.08 -29.00 8.99
C VAL A 193 20.11 -30.12 8.93
N PRO A 194 21.10 -29.99 8.05
CA PRO A 194 22.24 -30.91 8.13
C PRO A 194 22.87 -30.83 9.50
N SER A 195 23.08 -32.00 10.12
CA SER A 195 23.56 -32.01 11.50
C SER A 195 24.92 -31.33 11.65
N SER A 196 25.73 -31.36 10.59
CA SER A 196 27.02 -30.68 10.63
C SER A 196 26.87 -29.16 10.68
N SER A 197 25.74 -28.62 10.19
CA SER A 197 25.49 -27.18 10.28
C SER A 197 25.16 -26.74 11.70
N LEU A 198 24.86 -27.67 12.61
CA LEU A 198 24.54 -27.28 13.99
C LEU A 198 25.66 -26.47 14.62
N GLY A 199 26.90 -26.71 14.21
CA GLY A 199 28.01 -25.97 14.76
C GLY A 199 28.55 -24.93 13.81
N THR A 200 27.71 -24.44 12.89
CA THR A 200 28.09 -23.39 11.97
C THR A 200 27.42 -22.05 12.25
N GLN A 201 26.25 -22.06 12.88
CA GLN A 201 25.42 -20.88 12.90
C GLN A 201 24.40 -20.99 14.03
N THR A 202 23.71 -19.88 14.27
CA THR A 202 22.66 -19.81 15.28
C THR A 202 21.29 -20.04 14.63
N TYR A 203 20.35 -20.45 15.47
CA TYR A 203 18.98 -20.67 15.04
C TYR A 203 18.06 -19.91 15.99
N ILE A 204 17.27 -18.99 15.45
CA ILE A 204 16.34 -18.17 16.22
C ILE A 204 14.97 -18.31 15.57
N CYS A 205 13.96 -18.66 16.37
CA CYS A 205 12.59 -18.66 15.90
C CYS A 205 11.91 -17.39 16.36
N ASN A 206 11.28 -16.69 15.41
CA ASN A 206 10.60 -15.43 15.67
C ASN A 206 9.10 -15.69 15.75
N VAL A 207 8.56 -15.60 16.96
CA VAL A 207 7.13 -15.83 17.21
C VAL A 207 6.41 -14.50 17.29
N ASN A 208 5.34 -14.36 16.51
CA ASN A 208 4.50 -13.17 16.53
C ASN A 208 3.06 -13.60 16.75
N HIS A 209 2.46 -13.11 17.84
CA HIS A 209 1.05 -13.33 18.16
C HIS A 209 0.36 -11.98 18.06
N LYS A 210 -0.19 -11.69 16.88
CA LYS A 210 -0.78 -10.37 16.65
C LYS A 210 -1.98 -10.05 17.55
N PRO A 211 -2.88 -10.98 17.90
CA PRO A 211 -4.00 -10.58 18.77
C PRO A 211 -3.57 -10.06 20.13
N SER A 212 -2.32 -10.27 20.53
CA SER A 212 -1.80 -9.78 21.80
C SER A 212 -0.54 -8.95 21.63
N ASN A 213 -0.17 -8.64 20.39
CA ASN A 213 1.07 -7.94 20.06
C ASN A 213 2.26 -8.49 20.83
N THR A 214 2.37 -9.82 20.88
CA THR A 214 3.45 -10.50 21.56
C THR A 214 4.45 -10.97 20.51
N LYS A 215 5.68 -10.48 20.61
CA LYS A 215 6.77 -10.86 19.72
C LYS A 215 7.89 -11.44 20.57
N VAL A 216 8.29 -12.67 20.28
CA VAL A 216 9.31 -13.37 21.06
C VAL A 216 10.33 -13.96 20.11
N ASP A 217 11.61 -13.72 20.38
CA ASP A 217 12.71 -14.37 19.69
C ASP A 217 13.38 -15.34 20.65
N LYS A 218 13.37 -16.63 20.31
CA LYS A 218 13.94 -17.66 21.16
C LYS A 218 15.09 -18.33 20.42
N ARG A 219 16.29 -18.23 21.00
CA ARG A 219 17.44 -18.97 20.48
C ARG A 219 17.33 -20.44 20.84
N VAL A 220 17.64 -21.30 19.87
CA VAL A 220 17.56 -22.76 20.02
C VAL A 220 18.97 -23.31 19.89
N GLU A 221 19.49 -23.87 20.98
CA GLU A 221 20.89 -24.30 21.01
C GLU A 221 20.99 -25.81 21.25
N PRO A 222 22.03 -26.44 20.72
CA PRO A 222 22.24 -27.87 21.01
C PRO A 222 22.46 -28.10 22.49
N LYS A 223 21.94 -29.23 22.99
CA LYS A 223 21.98 -29.56 24.41
C LYS A 223 23.40 -29.52 24.98
N GLN B 1 -39.03 -28.01 8.53
CA GLN B 1 -38.29 -28.38 7.34
C GLN B 1 -38.09 -29.89 7.22
N SER B 2 -37.93 -30.37 5.99
CA SER B 2 -37.60 -31.77 5.74
C SER B 2 -36.10 -31.93 5.61
N ALA B 3 -35.63 -33.16 5.36
CA ALA B 3 -34.22 -33.47 5.38
C ALA B 3 -33.78 -34.08 4.05
N LEU B 4 -32.54 -33.77 3.67
CA LEU B 4 -31.96 -34.31 2.41
C LEU B 4 -30.83 -35.25 2.82
N THR B 5 -30.93 -36.52 2.42
CA THR B 5 -29.91 -37.54 2.82
C THR B 5 -28.86 -37.66 1.71
N GLN B 6 -27.59 -37.43 2.04
CA GLN B 6 -26.50 -37.59 1.05
C GLN B 6 -25.66 -38.81 1.45
N PRO B 7 -24.83 -39.37 0.53
CA PRO B 7 -23.93 -40.47 0.89
C PRO B 7 -22.85 -39.92 1.82
N PRO B 8 -22.36 -40.71 2.80
CA PRO B 8 -21.30 -40.24 3.68
C PRO B 8 -20.10 -39.73 2.86
N SER B 9 -19.81 -40.41 1.73
CA SER B 9 -18.65 -40.02 0.91
C SER B 9 -18.66 -40.78 -0.43
N VAL B 10 -17.67 -40.53 -1.29
CA VAL B 10 -17.56 -41.25 -2.61
C VAL B 10 -16.08 -41.35 -2.97
N SER B 11 -15.68 -42.43 -3.65
CA SER B 11 -14.24 -42.61 -3.97
C SER B 11 -14.07 -43.13 -5.39
N GLY B 12 -13.03 -42.66 -6.07
CA GLY B 12 -12.79 -43.07 -7.46
C GLY B 12 -11.37 -42.80 -7.89
N ALA B 13 -10.93 -43.46 -8.97
CA ALA B 13 -9.57 -43.30 -9.49
C ALA B 13 -9.58 -42.29 -10.63
N PRO B 14 -8.46 -41.64 -10.94
CA PRO B 14 -8.47 -40.62 -11.96
C PRO B 14 -8.99 -41.18 -13.29
N GLY B 15 -9.90 -40.46 -13.95
CA GLY B 15 -10.49 -40.90 -15.23
C GLY B 15 -11.76 -41.69 -15.04
N GLU B 16 -12.03 -42.15 -13.81
CA GLU B 16 -13.24 -42.95 -13.49
C GLU B 16 -14.43 -41.98 -13.39
N ARG B 17 -15.64 -42.53 -13.28
CA ARG B 17 -16.87 -41.73 -13.17
C ARG B 17 -17.50 -42.02 -11.82
N VAL B 18 -17.91 -40.98 -11.12
CA VAL B 18 -18.51 -41.18 -9.76
C VAL B 18 -19.86 -40.46 -9.69
N THR B 19 -20.75 -41.01 -8.88
CA THR B 19 -22.11 -40.46 -8.75
C THR B 19 -22.43 -40.26 -7.27
N ILE B 20 -23.10 -39.16 -6.97
CA ILE B 20 -23.46 -38.83 -5.59
C ILE B 20 -24.97 -38.68 -5.53
N SER B 21 -25.60 -39.40 -4.61
CA SER B 21 -27.06 -39.40 -4.56
C SER B 21 -27.54 -38.39 -3.51
N CYS B 22 -28.84 -38.08 -3.60
CA CYS B 22 -29.47 -37.13 -2.69
C CYS B 22 -30.94 -37.49 -2.60
N SER B 23 -31.43 -37.76 -1.39
CA SER B 23 -32.80 -38.19 -1.15
C SER B 23 -33.48 -37.22 -0.20
N GLY B 24 -34.64 -36.72 -0.61
CA GLY B 24 -35.46 -35.87 0.23
C GLY B 24 -36.65 -36.63 0.79
N SER B 25 -36.99 -36.32 2.05
CA SER B 25 -38.11 -36.98 2.71
C SER B 25 -39.43 -36.25 2.50
N GLY B 26 -39.40 -34.98 2.09
CA GLY B 26 -40.62 -34.25 1.87
C GLY B 26 -41.47 -34.84 0.75
N SER B 27 -42.77 -34.60 0.84
CA SER B 27 -43.70 -35.20 -0.12
C SER B 27 -43.51 -34.64 -1.52
N ASN B 28 -43.10 -33.37 -1.62
CA ASN B 28 -42.98 -32.69 -2.90
C ASN B 28 -41.55 -32.70 -3.45
N PHE B 29 -40.69 -33.56 -2.91
CA PHE B 29 -39.27 -33.49 -3.28
C PHE B 29 -39.03 -33.86 -4.74
N GLU B 30 -39.86 -34.74 -5.30
CA GLU B 30 -39.68 -35.15 -6.68
C GLU B 30 -39.74 -33.95 -7.64
N TYR B 31 -40.70 -33.05 -7.44
CA TYR B 31 -40.91 -31.96 -8.38
C TYR B 31 -40.14 -30.69 -8.02
N SER B 32 -39.69 -30.55 -6.77
CA SER B 32 -38.92 -29.39 -6.37
C SER B 32 -37.53 -29.41 -7.01
N PHE B 33 -36.99 -28.22 -7.26
CA PHE B 33 -35.66 -28.11 -7.84
C PHE B 33 -34.58 -28.47 -6.83
N VAL B 34 -33.48 -29.00 -7.34
CA VAL B 34 -32.35 -29.39 -6.51
C VAL B 34 -31.12 -28.64 -7.02
N TYR B 35 -30.28 -28.21 -6.09
CA TYR B 35 -29.05 -27.51 -6.40
C TYR B 35 -27.87 -28.25 -5.78
N TRP B 36 -26.72 -28.16 -6.43
CA TRP B 36 -25.51 -28.84 -6.00
C TRP B 36 -24.39 -27.83 -5.83
N TYR B 37 -23.63 -27.97 -4.74
CA TYR B 37 -22.53 -27.09 -4.42
C TYR B 37 -21.28 -27.91 -4.16
N GLN B 38 -20.14 -27.33 -4.54
CA GLN B 38 -18.82 -27.91 -4.28
C GLN B 38 -18.04 -26.99 -3.35
N GLN B 39 -17.53 -27.54 -2.26
CA GLN B 39 -16.70 -26.76 -1.34
C GLN B 39 -15.33 -27.41 -1.24
N VAL B 40 -14.34 -26.78 -1.85
CA VAL B 40 -12.95 -27.16 -1.60
C VAL B 40 -12.61 -26.80 -0.16
N PRO B 41 -11.99 -27.68 0.61
CA PRO B 41 -11.67 -27.34 2.00
C PRO B 41 -10.77 -26.11 2.06
N GLY B 42 -11.07 -25.21 3.00
CA GLY B 42 -10.39 -23.95 3.10
C GLY B 42 -10.95 -22.84 2.23
N MET B 43 -12.04 -23.08 1.51
CA MET B 43 -12.61 -22.10 0.60
C MET B 43 -14.12 -22.06 0.78
N ALA B 44 -14.74 -21.08 0.13
CA ALA B 44 -16.19 -20.96 0.20
C ALA B 44 -16.86 -21.91 -0.80
N PRO B 45 -18.11 -22.30 -0.52
CA PRO B 45 -18.82 -23.15 -1.49
C PRO B 45 -18.98 -22.44 -2.82
N LYS B 46 -19.22 -23.23 -3.86
CA LYS B 46 -19.52 -22.67 -5.17
C LYS B 46 -20.63 -23.49 -5.81
N LEU B 47 -21.48 -22.80 -6.56
CA LEU B 47 -22.60 -23.48 -7.21
C LEU B 47 -22.12 -24.26 -8.42
N LEU B 48 -22.51 -25.53 -8.49
CA LEU B 48 -22.23 -26.40 -9.63
C LEU B 48 -23.43 -26.63 -10.52
N ILE B 49 -24.59 -26.89 -9.94
CA ILE B 49 -25.80 -27.22 -10.68
C ILE B 49 -26.97 -26.50 -10.02
N TYR B 50 -27.83 -25.88 -10.83
CA TYR B 50 -29.08 -25.34 -10.34
C TYR B 50 -30.22 -25.83 -11.22
N ASP B 51 -31.41 -25.93 -10.63
CA ASP B 51 -32.62 -26.36 -11.32
C ASP B 51 -32.43 -27.75 -11.95
N ASN B 52 -32.00 -28.69 -11.11
CA ASN B 52 -31.85 -30.11 -11.42
C ASN B 52 -30.64 -30.41 -12.29
N TYR B 53 -30.47 -29.69 -13.41
CA TYR B 53 -29.46 -30.07 -14.39
C TYR B 53 -28.68 -28.93 -15.03
N LYS B 54 -29.07 -27.67 -14.80
CA LYS B 54 -28.43 -26.55 -15.48
C LYS B 54 -27.11 -26.20 -14.81
N ARG B 55 -26.16 -25.73 -15.63
CA ARG B 55 -24.80 -25.54 -15.19
C ARG B 55 -24.39 -24.10 -15.42
N PRO B 56 -23.88 -23.42 -14.40
CA PRO B 56 -23.51 -22.00 -14.57
C PRO B 56 -22.32 -21.82 -15.49
N SER B 57 -21.94 -20.57 -15.73
CA SER B 57 -20.79 -20.27 -16.54
C SER B 57 -19.50 -20.58 -15.78
N GLY B 58 -18.55 -21.18 -16.47
CA GLY B 58 -17.25 -21.46 -15.87
C GLY B 58 -17.19 -22.73 -15.06
N VAL B 59 -18.25 -23.54 -15.05
CA VAL B 59 -18.27 -24.83 -14.39
C VAL B 59 -18.08 -25.90 -15.44
N SER B 60 -17.17 -26.84 -15.18
CA SER B 60 -16.77 -27.82 -16.19
C SER B 60 -17.94 -28.72 -16.57
N ASP B 61 -18.00 -29.08 -17.86
CA ASP B 61 -19.09 -29.90 -18.38
C ASP B 61 -19.03 -31.34 -17.93
N ARG B 62 -17.96 -31.76 -17.24
CA ARG B 62 -17.96 -33.11 -16.68
C ARG B 62 -18.78 -33.20 -15.39
N PHE B 63 -19.28 -32.08 -14.87
CA PHE B 63 -20.30 -32.10 -13.84
C PHE B 63 -21.67 -32.07 -14.48
N SER B 64 -22.57 -32.95 -14.02
CA SER B 64 -23.92 -32.97 -14.54
C SER B 64 -24.87 -33.41 -13.44
N GLY B 65 -26.10 -32.93 -13.52
CA GLY B 65 -27.14 -33.29 -12.57
C GLY B 65 -28.29 -33.97 -13.27
N SER B 66 -28.99 -34.84 -12.53
CA SER B 66 -30.16 -35.51 -13.06
C SER B 66 -31.09 -35.86 -11.89
N ARG B 67 -32.30 -36.27 -12.25
CA ARG B 67 -33.33 -36.67 -11.31
C ARG B 67 -33.84 -38.04 -11.70
N SER B 68 -34.05 -38.89 -10.70
CA SER B 68 -34.58 -40.24 -10.89
C SER B 68 -35.54 -40.50 -9.74
N GLY B 69 -36.83 -40.62 -10.05
CA GLY B 69 -37.83 -40.80 -9.02
C GLY B 69 -37.78 -39.68 -8.00
N THR B 70 -37.88 -40.05 -6.73
CA THR B 70 -37.75 -39.08 -5.64
C THR B 70 -36.30 -38.93 -5.20
N SER B 71 -35.40 -38.75 -6.15
CA SER B 71 -33.97 -38.65 -5.84
C SER B 71 -33.30 -37.71 -6.83
N ALA B 72 -32.13 -37.21 -6.43
CA ALA B 72 -31.29 -36.40 -7.30
C ALA B 72 -29.88 -36.97 -7.29
N SER B 73 -29.14 -36.75 -8.38
CA SER B 73 -27.81 -37.30 -8.51
C SER B 73 -26.88 -36.32 -9.20
N LEU B 74 -25.67 -36.21 -8.68
CA LEU B 74 -24.58 -35.49 -9.33
C LEU B 74 -23.57 -36.51 -9.86
N THR B 75 -23.15 -36.33 -11.11
CA THR B 75 -22.24 -37.25 -11.78
C THR B 75 -20.99 -36.49 -12.22
N ILE B 76 -19.84 -36.96 -11.76
CA ILE B 76 -18.55 -36.35 -12.07
C ILE B 76 -17.80 -37.28 -13.02
N THR B 77 -17.73 -36.90 -14.29
CA THR B 77 -17.02 -37.69 -15.28
C THR B 77 -15.55 -37.28 -15.34
N GLY B 78 -14.69 -38.24 -15.70
CA GLY B 78 -13.27 -38.01 -15.84
C GLY B 78 -12.62 -37.43 -14.59
N LEU B 79 -12.58 -38.23 -13.53
CA LEU B 79 -12.15 -37.71 -12.23
C LEU B 79 -10.75 -37.15 -12.28
N GLN B 80 -10.55 -36.04 -11.57
CA GLN B 80 -9.27 -35.40 -11.44
C GLN B 80 -9.02 -35.15 -9.96
N THR B 81 -7.74 -34.97 -9.62
CA THR B 81 -7.37 -34.92 -8.20
C THR B 81 -7.96 -33.72 -7.47
N GLU B 82 -8.20 -32.61 -8.20
CA GLU B 82 -8.80 -31.40 -7.61
C GLU B 82 -10.27 -31.59 -7.30
N ASP B 83 -10.92 -32.57 -7.94
CA ASP B 83 -12.31 -32.88 -7.62
C ASP B 83 -12.48 -33.32 -6.19
N GLU B 84 -11.39 -33.64 -5.47
CA GLU B 84 -11.49 -33.85 -4.02
C GLU B 84 -12.07 -32.60 -3.38
N SER B 85 -13.24 -32.76 -2.76
CA SER B 85 -14.01 -31.68 -2.17
C SER B 85 -15.21 -32.33 -1.49
N ASP B 86 -15.95 -31.50 -0.75
CA ASP B 86 -17.26 -31.89 -0.26
C ASP B 86 -18.33 -31.38 -1.22
N TYR B 87 -19.34 -32.21 -1.45
CA TYR B 87 -20.42 -31.90 -2.36
C TYR B 87 -21.73 -31.88 -1.58
N TYR B 88 -22.47 -30.78 -1.68
CA TYR B 88 -23.73 -30.63 -0.98
C TYR B 88 -24.86 -30.47 -1.96
N CYS B 89 -25.91 -31.29 -1.81
CA CYS B 89 -27.15 -31.00 -2.49
C CYS B 89 -27.98 -30.07 -1.62
N GLN B 90 -28.94 -29.39 -2.25
CA GLN B 90 -29.78 -28.44 -1.53
C GLN B 90 -31.12 -28.36 -2.23
N SER B 91 -32.16 -28.11 -1.43
CA SER B 91 -33.50 -27.87 -1.93
C SER B 91 -34.04 -26.63 -1.24
N TYR B 92 -35.08 -26.05 -1.82
CA TYR B 92 -35.70 -24.84 -1.29
C TYR B 92 -37.18 -25.12 -1.07
N ASP B 93 -37.66 -24.86 0.14
CA ASP B 93 -39.08 -25.04 0.45
C ASP B 93 -39.75 -23.68 0.34
N SER B 94 -40.66 -23.54 -0.62
CA SER B 94 -41.32 -22.27 -0.86
C SER B 94 -42.36 -21.96 0.20
N SER B 95 -42.99 -22.99 0.77
CA SER B 95 -43.98 -22.75 1.82
C SER B 95 -43.36 -22.35 3.15
N LEU B 96 -42.05 -22.57 3.37
CA LEU B 96 -41.41 -22.10 4.59
C LEU B 96 -40.39 -20.99 4.38
N THR B 97 -39.98 -20.70 3.15
CA THR B 97 -38.85 -19.80 2.87
C THR B 97 -37.57 -20.34 3.53
N TYR B 98 -37.44 -21.66 3.54
CA TYR B 98 -36.29 -22.35 4.13
C TYR B 98 -35.41 -22.89 3.01
N TRP B 99 -34.10 -22.76 3.18
CA TRP B 99 -33.16 -23.55 2.42
C TRP B 99 -32.74 -24.74 3.25
N VAL B 100 -32.64 -25.91 2.62
CA VAL B 100 -32.29 -27.14 3.31
C VAL B 100 -31.09 -27.75 2.61
N PHE B 101 -30.00 -27.94 3.35
CA PHE B 101 -28.81 -28.55 2.80
C PHE B 101 -28.79 -30.05 3.07
N GLY B 102 -28.12 -30.78 2.18
CA GLY B 102 -27.77 -32.16 2.48
C GLY B 102 -26.65 -32.23 3.50
N GLY B 103 -26.40 -33.43 3.99
CA GLY B 103 -25.32 -33.62 4.94
C GLY B 103 -23.93 -33.49 4.33
N GLY B 104 -23.82 -33.53 3.02
CA GLY B 104 -22.52 -33.40 2.38
C GLY B 104 -21.91 -34.75 2.07
N THR B 105 -21.14 -34.79 0.99
CA THR B 105 -20.45 -35.99 0.54
C THR B 105 -18.98 -35.64 0.28
N ARG B 106 -18.08 -36.38 0.91
CA ARG B 106 -16.65 -36.19 0.72
C ARG B 106 -16.18 -37.12 -0.38
N LEU B 107 -15.64 -36.54 -1.45
CA LEU B 107 -15.12 -37.31 -2.59
C LEU B 107 -13.61 -37.44 -2.45
N THR B 108 -13.13 -38.68 -2.36
CA THR B 108 -11.71 -38.97 -2.33
C THR B 108 -11.29 -39.52 -3.69
N VAL B 109 -10.26 -38.92 -4.27
CA VAL B 109 -9.69 -39.37 -5.54
C VAL B 109 -8.56 -40.35 -5.24
N LEU B 110 -8.81 -41.64 -5.45
CA LEU B 110 -7.81 -42.66 -5.22
C LEU B 110 -6.61 -42.46 -6.16
N GLY B 111 -5.49 -43.08 -5.81
CA GLY B 111 -4.33 -43.02 -6.69
C GLY B 111 -3.02 -42.74 -5.99
N GLN B 112 -3.04 -41.79 -5.06
CA GLN B 112 -1.83 -41.44 -4.32
C GLN B 112 -1.35 -42.67 -3.53
N PRO B 113 -0.05 -42.95 -3.55
CA PRO B 113 0.45 -44.16 -2.88
C PRO B 113 0.54 -43.99 -1.37
N LYS B 114 0.45 -45.12 -0.68
CA LYS B 114 0.48 -45.11 0.78
C LYS B 114 1.86 -44.71 1.29
N ALA B 115 1.89 -43.75 2.22
CA ALA B 115 3.13 -43.26 2.82
C ALA B 115 3.05 -43.40 4.33
N ALA B 116 4.13 -43.94 4.94
CA ALA B 116 4.19 -44.08 6.39
C ALA B 116 4.58 -42.77 7.05
N PRO B 117 4.12 -42.53 8.27
CA PRO B 117 4.41 -41.25 8.95
C PRO B 117 5.82 -41.22 9.50
N SER B 118 6.46 -40.05 9.38
CA SER B 118 7.70 -39.75 10.08
C SER B 118 7.36 -39.17 11.44
N VAL B 119 8.04 -39.66 12.48
CA VAL B 119 7.76 -39.27 13.85
C VAL B 119 8.96 -38.51 14.40
N THR B 120 8.71 -37.37 15.03
CA THR B 120 9.72 -36.61 15.77
C THR B 120 9.18 -36.40 17.18
N LEU B 121 9.97 -36.78 18.18
CA LEU B 121 9.56 -36.71 19.57
C LEU B 121 10.56 -35.86 20.37
N PHE B 122 10.04 -34.84 21.06
CA PHE B 122 10.84 -33.93 21.86
C PHE B 122 10.54 -34.10 23.34
N PRO B 123 11.56 -34.10 24.20
CA PRO B 123 11.31 -34.10 25.65
C PRO B 123 10.98 -32.70 26.13
N PRO B 124 10.56 -32.52 27.38
CA PRO B 124 10.38 -31.16 27.89
C PRO B 124 11.71 -30.45 27.98
N SER B 125 11.73 -29.19 27.56
CA SER B 125 12.95 -28.40 27.63
C SER B 125 13.26 -28.04 29.08
N SER B 126 14.53 -27.72 29.34
CA SER B 126 14.91 -27.35 30.70
C SER B 126 14.28 -26.03 31.12
N GLU B 127 14.07 -25.11 30.19
CA GLU B 127 13.37 -23.86 30.51
C GLU B 127 11.93 -24.14 30.93
N GLU B 128 11.24 -25.04 30.24
CA GLU B 128 9.87 -25.35 30.63
C GLU B 128 9.83 -26.00 32.00
N LEU B 129 10.74 -26.96 32.26
CA LEU B 129 10.81 -27.58 33.57
C LEU B 129 11.12 -26.56 34.66
N GLN B 130 11.90 -25.52 34.35
CA GLN B 130 12.13 -24.45 35.33
C GLN B 130 10.86 -23.63 35.56
N ALA B 131 9.95 -23.60 34.59
CA ALA B 131 8.68 -22.93 34.77
C ALA B 131 7.62 -23.84 35.38
N ASN B 132 8.05 -24.95 35.98
CA ASN B 132 7.15 -25.93 36.61
C ASN B 132 6.13 -26.48 35.60
N LYS B 133 6.52 -26.57 34.34
CA LYS B 133 5.70 -27.18 33.30
C LYS B 133 6.50 -28.28 32.61
N ALA B 134 5.79 -29.12 31.87
CA ALA B 134 6.43 -30.20 31.11
C ALA B 134 5.50 -30.62 30.00
N THR B 135 6.01 -30.66 28.77
CA THR B 135 5.21 -31.01 27.60
C THR B 135 6.05 -31.89 26.69
N LEU B 136 5.54 -33.07 26.36
CA LEU B 136 6.17 -33.91 25.36
C LEU B 136 5.50 -33.64 24.02
N VAL B 137 6.30 -33.52 22.96
CA VAL B 137 5.82 -33.07 21.66
C VAL B 137 6.10 -34.17 20.65
N CYS B 138 5.03 -34.74 20.08
CA CYS B 138 5.13 -35.77 19.05
C CYS B 138 4.64 -35.15 17.73
N LEU B 139 5.55 -34.93 16.81
CA LEU B 139 5.22 -34.34 15.52
C LEU B 139 5.21 -35.43 14.46
N ILE B 140 4.11 -35.52 13.73
CA ILE B 140 3.87 -36.56 12.74
C ILE B 140 3.70 -35.89 11.39
N SER B 141 4.25 -36.50 10.34
CA SER B 141 4.24 -35.85 9.05
C SER B 141 4.42 -36.87 7.94
N ASP B 142 4.08 -36.45 6.71
CA ASP B 142 4.38 -37.13 5.47
C ASP B 142 3.59 -38.42 5.28
N PHE B 143 2.44 -38.57 5.93
CA PHE B 143 1.67 -39.79 5.79
C PHE B 143 0.48 -39.58 4.87
N TYR B 144 0.09 -40.67 4.19
CA TYR B 144 -1.06 -40.74 3.32
C TYR B 144 -1.56 -42.17 3.37
N PRO B 145 -2.89 -42.40 3.44
CA PRO B 145 -3.99 -41.44 3.53
C PRO B 145 -4.02 -40.69 4.84
N GLY B 146 -4.95 -39.72 4.93
CA GLY B 146 -4.92 -38.73 5.99
C GLY B 146 -5.54 -39.19 7.30
N ALA B 147 -5.00 -40.25 7.89
CA ALA B 147 -5.54 -40.75 9.14
C ALA B 147 -4.46 -41.52 9.89
N VAL B 148 -4.29 -41.17 11.17
CA VAL B 148 -3.39 -41.84 12.08
C VAL B 148 -4.11 -42.00 13.41
N THR B 149 -3.58 -42.87 14.26
CA THR B 149 -4.00 -42.92 15.66
C THR B 149 -2.75 -42.91 16.53
N VAL B 150 -2.83 -42.17 17.64
CA VAL B 150 -1.67 -41.92 18.50
C VAL B 150 -1.95 -42.53 19.87
N ALA B 151 -0.96 -43.25 20.40
CA ALA B 151 -0.98 -43.75 21.77
C ALA B 151 0.33 -43.37 22.45
N TRP B 152 0.24 -43.08 23.75
CA TRP B 152 1.41 -42.74 24.54
C TRP B 152 1.61 -43.81 25.60
N LYS B 153 2.87 -44.00 25.99
CA LYS B 153 3.23 -44.98 27.01
C LYS B 153 4.20 -44.36 27.99
N ALA B 154 3.87 -44.44 29.29
CA ALA B 154 4.79 -44.09 30.36
C ALA B 154 5.52 -45.36 30.78
N ASP B 155 6.84 -45.39 30.58
CA ASP B 155 7.62 -46.62 30.62
C ASP B 155 7.02 -47.62 29.66
N SER B 156 6.36 -48.66 30.17
CA SER B 156 5.72 -49.66 29.33
C SER B 156 4.22 -49.73 29.57
N SER B 157 3.61 -48.65 30.06
CA SER B 157 2.19 -48.63 30.40
C SER B 157 1.50 -47.45 29.74
N PRO B 158 0.26 -47.61 29.31
CA PRO B 158 -0.45 -46.51 28.63
C PRO B 158 -0.74 -45.36 29.59
N VAL B 159 -1.11 -44.21 29.00
CA VAL B 159 -1.30 -42.98 29.76
C VAL B 159 -2.72 -42.45 29.60
N LYS B 160 -3.04 -41.94 28.41
CA LYS B 160 -4.32 -41.32 28.08
C LYS B 160 -4.54 -39.98 28.77
N ALA B 161 -4.11 -39.83 30.02
CA ALA B 161 -4.30 -38.57 30.73
C ALA B 161 -3.30 -37.52 30.24
N GLY B 162 -3.82 -36.39 29.76
CA GLY B 162 -2.98 -35.32 29.27
C GLY B 162 -2.68 -35.34 27.79
N VAL B 163 -3.31 -36.26 27.04
CA VAL B 163 -3.05 -36.39 25.61
C VAL B 163 -3.93 -35.41 24.86
N GLU B 164 -3.31 -34.52 24.08
CA GLU B 164 -4.01 -33.65 23.16
C GLU B 164 -3.46 -33.90 21.77
N THR B 165 -4.33 -34.28 20.84
CA THR B 165 -3.94 -34.65 19.50
C THR B 165 -4.81 -33.89 18.51
N THR B 166 -4.20 -33.40 17.43
CA THR B 166 -4.90 -32.63 16.43
C THR B 166 -5.54 -33.55 15.39
N THR B 167 -6.39 -32.95 14.55
CA THR B 167 -6.88 -33.65 13.39
C THR B 167 -5.76 -33.72 12.33
N PRO B 168 -5.83 -34.68 11.43
CA PRO B 168 -4.92 -34.65 10.28
C PRO B 168 -5.11 -33.39 9.46
N SER B 169 -4.01 -32.86 8.94
CA SER B 169 -4.02 -31.65 8.13
C SER B 169 -3.18 -31.87 6.89
N LYS B 170 -3.61 -31.30 5.76
CA LYS B 170 -2.97 -31.57 4.49
C LYS B 170 -1.74 -30.67 4.31
N GLN B 171 -0.57 -31.29 4.13
CA GLN B 171 0.68 -30.59 3.90
C GLN B 171 0.70 -30.00 2.49
N SER B 172 1.75 -29.21 2.20
CA SER B 172 1.89 -28.60 0.89
C SER B 172 2.30 -29.60 -0.19
N ASN B 173 2.82 -30.77 0.18
CA ASN B 173 3.19 -31.81 -0.77
C ASN B 173 2.12 -32.90 -0.89
N ASN B 174 0.88 -32.59 -0.48
CA ASN B 174 -0.30 -33.43 -0.63
C ASN B 174 -0.30 -34.66 0.28
N LYS B 175 0.68 -34.78 1.16
CA LYS B 175 0.60 -35.74 2.26
C LYS B 175 0.00 -35.02 3.48
N TYR B 176 -0.03 -35.71 4.62
CA TYR B 176 -0.73 -35.19 5.78
C TYR B 176 0.21 -35.10 6.97
N ALA B 177 -0.20 -34.28 7.95
CA ALA B 177 0.58 -34.06 9.15
C ALA B 177 -0.37 -34.04 10.34
N ALA B 178 0.19 -34.26 11.52
CA ALA B 178 -0.57 -34.19 12.76
C ALA B 178 0.40 -34.00 13.91
N SER B 179 -0.13 -33.53 15.05
CA SER B 179 0.66 -33.34 16.26
C SER B 179 -0.07 -33.98 17.43
N SER B 180 0.71 -34.44 18.40
CA SER B 180 0.16 -34.94 19.65
C SER B 180 1.04 -34.46 20.80
N TYR B 181 0.40 -33.88 21.81
CA TYR B 181 1.10 -33.34 22.97
C TYR B 181 0.69 -34.10 24.22
N LEU B 182 1.64 -34.33 25.12
CA LEU B 182 1.39 -34.93 26.42
C LEU B 182 1.82 -33.94 27.48
N SER B 183 0.86 -33.36 28.18
CA SER B 183 1.16 -32.49 29.32
C SER B 183 1.46 -33.34 30.56
N LEU B 184 2.52 -32.97 31.25
CA LEU B 184 2.95 -33.74 32.42
C LEU B 184 3.46 -32.74 33.44
N THR B 185 3.72 -33.21 34.64
CA THR B 185 4.36 -32.35 35.65
C THR B 185 5.86 -32.68 35.60
N PRO B 186 6.75 -31.74 35.98
CA PRO B 186 8.17 -32.05 36.06
C PRO B 186 8.50 -33.33 36.86
N GLU B 187 7.71 -33.62 37.89
CA GLU B 187 7.95 -34.83 38.73
C GLU B 187 7.44 -36.10 38.02
N GLN B 188 6.34 -36.02 37.29
CA GLN B 188 5.86 -37.18 36.50
C GLN B 188 6.92 -37.57 35.48
N TRP B 189 7.49 -36.58 34.78
CA TRP B 189 8.52 -36.82 33.74
C TRP B 189 9.74 -37.48 34.35
N LYS B 190 10.11 -37.05 35.55
CA LYS B 190 11.32 -37.57 36.22
C LYS B 190 10.90 -38.75 37.11
N SER B 191 9.63 -39.11 37.05
CA SER B 191 9.15 -40.28 37.82
C SER B 191 9.34 -41.52 36.96
N HIS B 192 9.07 -41.39 35.67
CA HIS B 192 9.12 -42.57 34.78
C HIS B 192 10.51 -42.58 34.13
N ARG B 193 10.90 -43.69 33.52
CA ARG B 193 12.24 -43.81 32.89
C ARG B 193 12.14 -43.43 31.41
N SER B 194 10.91 -43.32 30.87
CA SER B 194 10.84 -42.82 29.48
C SER B 194 9.39 -42.81 28.99
N TYR B 195 9.14 -42.10 27.88
CA TYR B 195 7.77 -42.08 27.27
C TYR B 195 7.88 -42.46 25.80
N SER B 196 6.83 -43.06 25.23
CA SER B 196 6.90 -43.54 23.83
C SER B 196 5.68 -43.11 23.03
N CYS B 197 5.84 -42.24 22.04
CA CYS B 197 4.74 -41.86 21.17
C CYS B 197 4.61 -42.92 20.09
N GLN B 198 3.47 -43.63 20.12
CA GLN B 198 3.22 -44.73 19.15
C GLN B 198 2.17 -44.27 18.15
N VAL B 199 2.56 -44.14 16.88
CA VAL B 199 1.66 -43.70 15.83
C VAL B 199 1.31 -44.90 14.95
N THR B 200 0.02 -45.17 14.83
CA THR B 200 -0.47 -46.30 14.04
C THR B 200 -1.10 -45.78 12.76
N HIS B 201 -0.72 -46.40 11.63
CA HIS B 201 -1.19 -45.95 10.32
C HIS B 201 -1.17 -47.15 9.38
N GLU B 202 -2.35 -47.59 8.95
CA GLU B 202 -2.47 -48.73 8.03
C GLU B 202 -1.84 -49.99 8.63
N GLY B 203 -2.25 -50.31 9.86
CA GLY B 203 -1.79 -51.50 10.53
C GLY B 203 -0.32 -51.51 10.93
N SER B 204 0.43 -50.47 10.62
CA SER B 204 1.83 -50.37 11.00
C SER B 204 1.99 -49.28 12.05
N THR B 205 2.74 -49.59 13.11
CA THR B 205 2.94 -48.67 14.22
C THR B 205 4.39 -48.19 14.22
N VAL B 206 4.57 -46.87 14.28
CA VAL B 206 5.89 -46.23 14.33
C VAL B 206 6.08 -45.64 15.73
N GLU B 207 7.24 -45.91 16.34
CA GLU B 207 7.49 -45.57 17.73
C GLU B 207 8.78 -44.81 17.91
N LYS B 208 8.73 -43.79 18.77
CA LYS B 208 9.90 -43.06 19.25
C LYS B 208 9.84 -42.96 20.76
N THR B 209 11.02 -42.81 21.39
CA THR B 209 11.13 -42.84 22.85
C THR B 209 12.14 -41.80 23.33
N VAL B 210 11.82 -41.14 24.45
CA VAL B 210 12.70 -40.15 25.06
C VAL B 210 12.75 -40.39 26.56
N ALA B 211 13.88 -40.01 27.15
CA ALA B 211 14.15 -40.27 28.56
C ALA B 211 14.75 -39.02 29.18
N PRO B 212 14.63 -38.86 30.49
CA PRO B 212 15.30 -37.74 31.16
C PRO B 212 16.81 -37.83 31.01
N THR B 213 17.40 -36.73 30.55
CA THR B 213 18.84 -36.67 30.30
C THR B 213 19.54 -35.76 31.32
N GLN C 1 -14.71 1.87 -50.60
CA GLN C 1 -14.19 2.81 -49.61
C GLN C 1 -15.26 3.19 -48.59
N VAL C 2 -16.49 2.71 -48.82
CA VAL C 2 -17.55 2.84 -47.83
C VAL C 2 -17.13 2.11 -46.56
N GLN C 3 -17.08 2.84 -45.44
CA GLN C 3 -16.58 2.28 -44.19
C GLN C 3 -17.45 2.70 -43.01
N LEU C 4 -17.40 1.89 -41.96
CA LEU C 4 -17.98 2.19 -40.65
C LEU C 4 -16.84 2.26 -39.66
N VAL C 5 -16.46 3.48 -39.26
CA VAL C 5 -15.37 3.68 -38.33
C VAL C 5 -15.92 3.67 -36.91
N GLN C 6 -15.30 2.90 -36.03
CA GLN C 6 -15.78 2.69 -34.67
C GLN C 6 -14.83 3.32 -33.65
N SER C 7 -15.35 3.51 -32.44
CA SER C 7 -14.52 3.88 -31.31
C SER C 7 -13.60 2.72 -30.90
N GLY C 8 -12.61 3.03 -30.06
CA GLY C 8 -11.59 2.08 -29.69
C GLY C 8 -12.00 1.17 -28.53
N ALA C 9 -11.04 0.40 -28.06
CA ALA C 9 -11.26 -0.57 -26.99
C ALA C 9 -11.51 0.14 -25.66
N GLU C 10 -12.28 -0.52 -24.80
CA GLU C 10 -12.66 0.04 -23.51
C GLU C 10 -12.56 -1.04 -22.43
N VAL C 11 -11.98 -0.68 -21.29
CA VAL C 11 -11.94 -1.51 -20.10
C VAL C 11 -12.91 -0.92 -19.08
N LYS C 12 -13.83 -1.75 -18.58
CA LYS C 12 -14.84 -1.30 -17.64
C LYS C 12 -14.84 -2.21 -16.42
N LYS C 13 -15.27 -1.65 -15.31
CA LYS C 13 -15.49 -2.50 -14.16
C LYS C 13 -16.94 -3.00 -14.15
N PRO C 14 -17.21 -4.15 -13.53
CA PRO C 14 -18.60 -4.62 -13.48
C PRO C 14 -19.51 -3.58 -12.84
N GLY C 15 -20.72 -3.47 -13.40
CA GLY C 15 -21.69 -2.49 -12.94
C GLY C 15 -21.63 -1.16 -13.68
N ALA C 16 -20.53 -0.88 -14.37
CA ALA C 16 -20.38 0.37 -15.09
C ALA C 16 -21.13 0.31 -16.42
N SER C 17 -20.99 1.37 -17.22
CA SER C 17 -21.65 1.48 -18.51
C SER C 17 -20.63 1.90 -19.57
N VAL C 18 -20.90 1.55 -20.81
CA VAL C 18 -19.99 1.82 -21.91
C VAL C 18 -20.79 2.29 -23.11
N LYS C 19 -20.20 3.20 -23.88
CA LYS C 19 -20.84 3.77 -25.05
C LYS C 19 -19.90 3.63 -26.23
N VAL C 20 -20.31 2.84 -27.23
CA VAL C 20 -19.53 2.59 -28.42
C VAL C 20 -20.21 3.30 -29.59
N SER C 21 -19.42 3.92 -30.44
CA SER C 21 -19.94 4.70 -31.54
C SER C 21 -19.54 4.09 -32.87
N CYS C 22 -20.28 4.48 -33.91
CA CYS C 22 -20.07 3.97 -35.25
C CYS C 22 -20.45 5.09 -36.21
N LYS C 23 -19.49 5.53 -37.02
CA LYS C 23 -19.66 6.70 -37.87
C LYS C 23 -19.61 6.29 -39.33
N ALA C 24 -20.57 6.78 -40.12
CA ALA C 24 -20.64 6.45 -41.54
C ALA C 24 -19.58 7.23 -42.31
N SER C 25 -18.70 6.51 -42.99
CA SER C 25 -17.68 7.14 -43.82
C SER C 25 -17.92 6.77 -45.28
N GLY C 26 -17.95 7.79 -46.14
CA GLY C 26 -18.22 7.59 -47.56
C GLY C 26 -19.68 7.45 -47.93
N PHE C 27 -20.59 7.74 -47.01
CA PHE C 27 -22.02 7.66 -47.26
C PHE C 27 -22.75 8.26 -46.07
N THR C 28 -24.01 8.64 -46.29
CA THR C 28 -24.87 9.15 -45.23
C THR C 28 -25.95 8.12 -44.88
N PHE C 29 -26.64 8.39 -43.77
CA PHE C 29 -27.62 7.43 -43.24
C PHE C 29 -28.60 6.98 -44.32
N GLY C 30 -29.23 7.95 -45.00
CA GLY C 30 -30.16 7.60 -46.05
C GLY C 30 -31.26 6.70 -45.53
N ARG C 31 -31.48 5.59 -46.22
CA ARG C 31 -32.46 4.60 -45.84
C ARG C 31 -31.84 3.38 -45.18
N TYR C 32 -30.55 3.41 -44.92
CA TYR C 32 -29.86 2.24 -44.38
C TYR C 32 -30.25 2.01 -42.93
N SER C 33 -30.03 0.79 -42.49
CA SER C 33 -30.12 0.41 -41.09
C SER C 33 -28.72 0.14 -40.56
N PHE C 34 -28.61 0.11 -39.24
CA PHE C 34 -27.34 -0.12 -38.57
C PHE C 34 -27.60 -1.01 -37.38
N THR C 35 -26.98 -2.19 -37.40
CA THR C 35 -27.11 -3.18 -36.35
C THR C 35 -25.86 -3.21 -35.49
N TRP C 36 -26.00 -3.81 -34.32
CA TRP C 36 -24.88 -4.10 -33.44
C TRP C 36 -24.81 -5.59 -33.20
N VAL C 37 -23.61 -6.16 -33.34
CA VAL C 37 -23.35 -7.58 -33.19
C VAL C 37 -22.12 -7.74 -32.31
N ARG C 38 -22.19 -8.62 -31.34
CA ARG C 38 -21.05 -8.83 -30.46
C ARG C 38 -20.55 -10.25 -30.59
N GLN C 39 -19.32 -10.46 -30.10
CA GLN C 39 -18.71 -11.79 -30.07
C GLN C 39 -17.89 -11.91 -28.79
N ALA C 40 -18.40 -12.67 -27.82
CA ALA C 40 -17.63 -12.98 -26.63
C ALA C 40 -16.39 -13.79 -27.01
N PRO C 41 -15.33 -13.75 -26.21
CA PRO C 41 -14.12 -14.50 -26.55
C PRO C 41 -14.40 -15.99 -26.68
N GLY C 42 -14.00 -16.54 -27.82
CA GLY C 42 -14.21 -17.96 -28.09
C GLY C 42 -15.65 -18.38 -28.26
N GLN C 43 -16.50 -17.51 -28.81
CA GLN C 43 -17.90 -17.85 -29.03
C GLN C 43 -18.32 -17.33 -30.40
N GLY C 44 -19.58 -17.59 -30.74
CA GLY C 44 -20.12 -17.14 -32.01
C GLY C 44 -20.71 -15.74 -31.92
N LEU C 45 -21.08 -15.22 -33.08
CA LEU C 45 -21.69 -13.91 -33.16
C LEU C 45 -23.07 -13.90 -32.52
N GLU C 46 -23.37 -12.82 -31.81
CA GLU C 46 -24.68 -12.61 -31.20
C GLU C 46 -25.23 -11.26 -31.64
N TRP C 47 -26.43 -11.26 -32.20
CA TRP C 47 -27.08 -10.00 -32.54
C TRP C 47 -27.48 -9.24 -31.28
N VAL C 48 -27.26 -7.93 -31.29
CA VAL C 48 -27.55 -7.07 -30.13
C VAL C 48 -28.77 -6.19 -30.39
N GLY C 49 -28.71 -5.37 -31.44
CA GLY C 49 -29.78 -4.41 -31.66
C GLY C 49 -29.67 -3.76 -33.02
N VAL C 50 -30.61 -2.86 -33.30
CA VAL C 50 -30.73 -2.23 -34.61
C VAL C 50 -31.36 -0.86 -34.45
N ILE C 51 -31.01 0.04 -35.37
CA ILE C 51 -31.65 1.35 -35.46
C ILE C 51 -31.88 1.66 -36.94
N VAL C 52 -33.08 2.14 -37.26
CA VAL C 52 -33.37 2.67 -38.59
C VAL C 52 -33.51 4.17 -38.44
N PRO C 53 -32.43 4.94 -38.57
CA PRO C 53 -32.49 6.37 -38.20
C PRO C 53 -33.47 7.19 -39.02
N LEU C 54 -33.82 6.76 -40.24
CA LEU C 54 -34.79 7.52 -41.03
C LEU C 54 -36.15 7.56 -40.32
N VAL C 55 -36.66 6.40 -39.90
CA VAL C 55 -37.96 6.34 -39.23
C VAL C 55 -37.83 6.36 -37.71
N GLY C 56 -36.62 6.20 -37.17
CA GLY C 56 -36.40 6.30 -35.75
C GLY C 56 -36.64 5.02 -34.96
N VAL C 57 -37.01 3.92 -35.62
CA VAL C 57 -37.27 2.68 -34.89
C VAL C 57 -35.96 2.10 -34.39
N THR C 58 -35.98 1.56 -33.17
CA THR C 58 -34.85 0.85 -32.59
C THR C 58 -35.36 -0.41 -31.90
N ASN C 59 -34.53 -1.46 -31.94
CA ASN C 59 -34.90 -2.71 -31.30
C ASN C 59 -33.64 -3.42 -30.86
N SER C 60 -33.79 -4.31 -29.87
CA SER C 60 -32.67 -5.05 -29.35
C SER C 60 -33.17 -6.40 -28.86
N ALA C 61 -32.25 -7.36 -28.79
CA ALA C 61 -32.61 -8.69 -28.34
C ALA C 61 -33.11 -8.64 -26.90
N LYS C 62 -34.14 -9.43 -26.59
CA LYS C 62 -34.79 -9.34 -25.28
C LYS C 62 -33.86 -9.73 -24.15
N LYS C 63 -32.75 -10.41 -24.44
CA LYS C 63 -31.76 -10.69 -23.40
C LYS C 63 -31.23 -9.41 -22.79
N PHE C 64 -31.04 -8.37 -23.62
CA PHE C 64 -30.56 -7.07 -23.19
C PHE C 64 -31.68 -6.14 -22.76
N GLN C 65 -32.76 -6.68 -22.21
CA GLN C 65 -33.92 -5.86 -21.85
C GLN C 65 -33.54 -4.88 -20.74
N GLY C 66 -33.82 -3.60 -20.98
CA GLY C 66 -33.53 -2.55 -20.02
C GLY C 66 -32.06 -2.25 -19.83
N ARG C 67 -31.21 -2.71 -20.74
CA ARG C 67 -29.77 -2.56 -20.61
C ARG C 67 -29.10 -1.82 -21.75
N VAL C 68 -29.69 -1.82 -22.95
CA VAL C 68 -29.08 -1.17 -24.11
C VAL C 68 -29.96 0.00 -24.55
N THR C 69 -29.30 1.08 -24.95
CA THR C 69 -29.93 2.22 -25.57
C THR C 69 -29.16 2.54 -26.85
N ILE C 70 -29.83 2.45 -28.00
CA ILE C 70 -29.22 2.75 -29.29
C ILE C 70 -29.79 4.06 -29.81
N THR C 71 -28.91 5.03 -30.06
CA THR C 71 -29.32 6.33 -30.56
C THR C 71 -28.51 6.68 -31.82
N ALA C 72 -28.93 7.74 -32.50
CA ALA C 72 -28.19 8.18 -33.69
C ALA C 72 -28.19 9.69 -33.78
N ASP C 73 -27.25 10.20 -34.56
CA ASP C 73 -27.06 11.64 -34.78
C ASP C 73 -26.92 11.80 -36.30
N THR C 74 -28.02 12.21 -36.95
CA THR C 74 -28.00 12.29 -38.39
C THR C 74 -27.13 13.43 -38.91
N SER C 75 -26.79 14.40 -38.05
CA SER C 75 -25.95 15.50 -38.53
C SER C 75 -24.50 15.07 -38.71
N THR C 76 -24.08 14.02 -37.98
CA THR C 76 -22.73 13.48 -38.12
C THR C 76 -22.72 12.04 -38.63
N ASN C 77 -23.89 11.46 -38.91
CA ASN C 77 -24.00 10.10 -39.44
C ASN C 77 -23.29 9.10 -38.54
N THR C 78 -23.58 9.20 -37.25
CA THR C 78 -22.97 8.33 -36.25
C THR C 78 -24.07 7.64 -35.45
N VAL C 79 -23.86 6.36 -35.18
CA VAL C 79 -24.77 5.56 -34.37
C VAL C 79 -24.09 5.20 -33.06
N TYR C 80 -24.87 5.14 -31.99
CA TYR C 80 -24.34 4.91 -30.66
C TYR C 80 -25.09 3.77 -30.00
N MET C 81 -24.34 2.94 -29.28
CA MET C 81 -24.91 1.87 -28.47
C MET C 81 -24.40 2.05 -27.05
N ASP C 82 -25.32 2.22 -26.12
CA ASP C 82 -24.99 2.32 -24.70
C ASP C 82 -25.46 1.06 -24.00
N LEU C 83 -24.56 0.42 -23.26
CA LEU C 83 -24.88 -0.79 -22.54
C LEU C 83 -24.52 -0.56 -21.07
N SER C 84 -25.48 -0.77 -20.18
CA SER C 84 -25.34 -0.44 -18.77
C SER C 84 -25.32 -1.69 -17.91
N SER C 85 -24.97 -1.48 -16.64
CA SER C 85 -24.78 -2.54 -15.65
C SER C 85 -24.04 -3.74 -16.25
N LEU C 86 -22.77 -3.56 -16.58
CA LEU C 86 -21.99 -4.57 -17.27
C LEU C 86 -21.56 -5.70 -16.33
N ARG C 87 -21.48 -6.91 -16.89
CA ARG C 87 -21.00 -8.09 -16.19
C ARG C 87 -19.93 -8.76 -17.04
N SER C 88 -19.31 -9.81 -16.50
CA SER C 88 -18.27 -10.52 -17.23
C SER C 88 -18.79 -11.13 -18.53
N GLU C 89 -20.07 -11.46 -18.58
CA GLU C 89 -20.65 -11.99 -19.81
C GLU C 89 -20.57 -10.99 -20.96
N ASP C 90 -20.45 -9.69 -20.65
CA ASP C 90 -20.49 -8.66 -21.69
C ASP C 90 -19.14 -8.38 -22.33
N THR C 91 -18.06 -8.96 -21.80
CA THR C 91 -16.75 -8.87 -22.43
C THR C 91 -16.84 -9.43 -23.84
N ALA C 92 -16.61 -8.59 -24.84
CA ALA C 92 -16.82 -9.02 -26.22
C ALA C 92 -16.30 -7.94 -27.16
N VAL C 93 -16.20 -8.32 -28.43
CA VAL C 93 -15.92 -7.38 -29.51
C VAL C 93 -17.26 -6.96 -30.08
N TYR C 94 -17.57 -5.67 -30.03
CA TYR C 94 -18.85 -5.14 -30.49
C TYR C 94 -18.67 -4.59 -31.90
N TYR C 95 -19.34 -5.19 -32.88
CA TYR C 95 -19.30 -4.75 -34.27
C TYR C 95 -20.57 -3.96 -34.62
N CYS C 96 -20.39 -2.96 -35.48
CA CYS C 96 -21.51 -2.28 -36.12
C CYS C 96 -21.52 -2.67 -37.59
N ALA C 97 -22.71 -2.79 -38.16
CA ALA C 97 -22.87 -3.33 -39.50
C ALA C 97 -24.04 -2.65 -40.18
N ARG C 98 -23.83 -2.26 -41.44
CA ARG C 98 -24.88 -1.61 -42.21
C ARG C 98 -25.79 -2.65 -42.84
N VAL C 99 -27.08 -2.36 -42.86
CA VAL C 99 -28.07 -3.28 -43.40
C VAL C 99 -28.89 -2.54 -44.45
N GLY C 100 -29.17 -3.23 -45.57
CA GLY C 100 -30.04 -2.70 -46.58
C GLY C 100 -29.28 -2.20 -47.80
N ASP C 101 -30.00 -2.11 -48.90
CA ASP C 101 -29.46 -1.54 -50.13
C ASP C 101 -29.83 -0.06 -50.18
N ARG C 102 -29.63 0.58 -51.34
CA ARG C 102 -29.86 2.02 -51.47
C ARG C 102 -31.31 2.40 -51.18
N PHE C 103 -32.23 1.45 -51.19
CA PHE C 103 -33.64 1.70 -50.90
C PHE C 103 -34.08 1.16 -49.55
N GLY C 104 -33.17 0.56 -48.79
CA GLY C 104 -33.48 0.02 -47.48
C GLY C 104 -34.37 -1.22 -47.50
N SER C 105 -34.13 -2.12 -48.45
CA SER C 105 -34.98 -3.30 -48.61
C SER C 105 -34.32 -4.59 -48.19
N GLY C 106 -33.01 -4.74 -48.39
CA GLY C 106 -32.33 -5.94 -47.95
C GLY C 106 -32.22 -6.03 -46.44
N TYR C 107 -31.79 -7.20 -45.97
CA TYR C 107 -31.58 -7.40 -44.54
C TYR C 107 -30.23 -8.03 -44.24
N ALA C 108 -29.36 -8.18 -45.24
CA ALA C 108 -28.03 -8.73 -45.02
C ALA C 108 -27.06 -7.64 -44.58
N MET C 109 -26.20 -7.98 -43.62
CA MET C 109 -25.22 -7.01 -43.12
C MET C 109 -24.01 -7.04 -44.06
N ASP C 110 -23.94 -6.04 -44.94
CA ASP C 110 -22.95 -6.01 -46.01
C ASP C 110 -21.72 -5.18 -45.70
N VAL C 111 -21.83 -4.11 -44.91
CA VAL C 111 -20.66 -3.30 -44.55
C VAL C 111 -20.46 -3.40 -43.05
N TRP C 112 -19.23 -3.72 -42.65
CA TRP C 112 -18.89 -4.02 -41.25
C TRP C 112 -17.84 -3.05 -40.72
N GLY C 113 -18.06 -2.54 -39.51
CA GLY C 113 -16.99 -1.88 -38.79
C GLY C 113 -15.97 -2.90 -38.30
N ARG C 114 -14.84 -2.39 -37.81
CA ARG C 114 -13.76 -3.25 -37.37
C ARG C 114 -13.91 -3.72 -35.93
N GLY C 115 -14.87 -3.18 -35.19
CA GLY C 115 -15.17 -3.72 -33.87
C GLY C 115 -14.38 -3.05 -32.76
N ALA C 116 -14.98 -3.05 -31.57
CA ALA C 116 -14.35 -2.47 -30.39
C ALA C 116 -14.38 -3.51 -29.29
N LEU C 117 -13.23 -3.80 -28.70
CA LEU C 117 -13.16 -4.76 -27.60
C LEU C 117 -13.56 -4.07 -26.30
N VAL C 118 -14.61 -4.58 -25.65
CA VAL C 118 -15.03 -4.14 -24.33
C VAL C 118 -14.65 -5.22 -23.34
N THR C 119 -13.85 -4.86 -22.34
CA THR C 119 -13.41 -5.80 -21.31
C THR C 119 -14.00 -5.39 -19.97
N VAL C 120 -14.70 -6.31 -19.31
CA VAL C 120 -15.29 -6.07 -18.01
C VAL C 120 -14.52 -6.90 -16.98
N SER C 121 -13.98 -6.23 -15.98
CA SER C 121 -13.15 -6.87 -14.97
C SER C 121 -13.09 -5.98 -13.74
N SER C 122 -13.06 -6.61 -12.57
CA SER C 122 -12.93 -5.86 -11.33
C SER C 122 -11.49 -5.46 -11.05
N ALA C 123 -10.53 -5.91 -11.86
CA ALA C 123 -9.13 -5.57 -11.63
C ALA C 123 -8.87 -4.11 -11.98
N SER C 124 -7.83 -3.56 -11.37
CA SER C 124 -7.43 -2.18 -11.56
C SER C 124 -6.12 -2.13 -12.31
N THR C 125 -5.89 -1.03 -13.03
CA THR C 125 -4.67 -0.87 -13.82
C THR C 125 -3.44 -1.08 -12.95
N LYS C 126 -2.52 -1.91 -13.44
CA LYS C 126 -1.31 -2.24 -12.70
C LYS C 126 -0.20 -2.53 -13.70
N GLY C 127 0.98 -1.99 -13.42
CA GLY C 127 2.15 -2.24 -14.24
C GLY C 127 2.78 -3.57 -13.88
N PRO C 128 3.49 -4.16 -14.84
CA PRO C 128 4.07 -5.49 -14.62
C PRO C 128 5.36 -5.45 -13.83
N SER C 129 5.69 -6.61 -13.25
CA SER C 129 7.02 -6.86 -12.73
C SER C 129 7.78 -7.71 -13.75
N VAL C 130 8.99 -7.27 -14.10
CA VAL C 130 9.78 -7.92 -15.13
C VAL C 130 10.93 -8.68 -14.47
N PHE C 131 11.04 -9.98 -14.76
CA PHE C 131 12.13 -10.80 -14.28
C PHE C 131 12.90 -11.40 -15.46
N PRO C 132 14.22 -11.54 -15.35
CA PRO C 132 14.98 -12.15 -16.44
C PRO C 132 14.94 -13.66 -16.34
N LEU C 133 14.95 -14.30 -17.50
CA LEU C 133 14.96 -15.76 -17.62
C LEU C 133 16.35 -16.14 -18.16
N ALA C 134 17.24 -16.52 -17.24
CA ALA C 134 18.63 -16.71 -17.61
C ALA C 134 18.81 -17.97 -18.46
N PRO C 135 19.67 -17.91 -19.47
CA PRO C 135 19.96 -19.11 -20.27
C PRO C 135 20.76 -20.11 -19.45
N SER C 136 20.39 -21.39 -19.59
CA SER C 136 21.10 -22.46 -18.91
C SER C 136 22.46 -22.69 -19.56
N SER C 137 23.50 -22.81 -18.74
CA SER C 137 24.86 -23.05 -19.23
C SER C 137 25.58 -24.09 -18.40
N GLY C 142 28.01 -26.56 -31.91
CA GLY C 142 27.50 -25.21 -31.70
C GLY C 142 25.99 -25.13 -31.52
N GLY C 143 25.52 -25.33 -30.30
CA GLY C 143 24.11 -25.24 -30.02
C GLY C 143 23.65 -23.81 -29.80
N THR C 144 22.34 -23.64 -29.75
CA THR C 144 21.75 -22.36 -29.44
C THR C 144 21.43 -22.25 -27.96
N ALA C 145 21.20 -21.02 -27.50
CA ALA C 145 20.81 -20.74 -26.13
C ALA C 145 19.50 -19.98 -26.13
N ALA C 146 18.65 -20.27 -25.15
CA ALA C 146 17.36 -19.60 -25.01
C ALA C 146 17.42 -18.70 -23.79
N LEU C 147 17.03 -17.44 -23.97
CA LEU C 147 16.98 -16.50 -22.87
C LEU C 147 15.71 -15.66 -23.03
N GLY C 148 15.19 -15.20 -21.90
CA GLY C 148 13.85 -14.62 -21.91
C GLY C 148 13.62 -13.59 -20.83
N CYS C 149 12.42 -13.00 -20.88
CA CYS C 149 11.92 -12.07 -19.88
C CYS C 149 10.51 -12.49 -19.49
N LEU C 150 10.28 -12.62 -18.19
CA LEU C 150 8.95 -12.88 -17.67
C LEU C 150 8.29 -11.56 -17.27
N VAL C 151 7.19 -11.23 -17.93
CA VAL C 151 6.43 -10.01 -17.68
C VAL C 151 5.21 -10.40 -16.84
N LYS C 152 5.23 -10.07 -15.54
CA LYS C 152 4.33 -10.70 -14.58
C LYS C 152 3.43 -9.66 -13.92
N ASP C 153 2.15 -10.04 -13.77
CA ASP C 153 1.19 -9.35 -12.92
C ASP C 153 0.94 -7.92 -13.40
N TYR C 154 0.33 -7.83 -14.58
CA TYR C 154 -0.06 -6.55 -15.15
C TYR C 154 -1.52 -6.61 -15.58
N PHE C 155 -2.11 -5.41 -15.75
CA PHE C 155 -3.46 -5.24 -16.23
C PHE C 155 -3.66 -3.80 -16.68
N PRO C 156 -4.36 -3.56 -17.79
CA PRO C 156 -4.88 -4.61 -18.68
C PRO C 156 -3.93 -4.87 -19.83
N GLU C 157 -4.39 -5.67 -20.79
CA GLU C 157 -3.66 -5.84 -22.04
C GLU C 157 -3.61 -4.52 -22.81
N PRO C 158 -2.66 -4.36 -23.73
CA PRO C 158 -1.51 -5.23 -24.03
C PRO C 158 -0.19 -4.73 -23.44
N VAL C 159 0.85 -5.56 -23.52
CA VAL C 159 2.23 -5.13 -23.29
C VAL C 159 3.04 -5.49 -24.53
N THR C 160 4.00 -4.64 -24.87
CA THR C 160 4.95 -4.90 -25.95
C THR C 160 6.31 -5.20 -25.36
N VAL C 161 7.04 -6.10 -26.04
CA VAL C 161 8.35 -6.53 -25.58
C VAL C 161 9.31 -6.42 -26.77
N SER C 162 10.32 -5.58 -26.62
CA SER C 162 11.40 -5.45 -27.58
C SER C 162 12.68 -6.02 -27.00
N TRP C 163 13.63 -6.34 -27.87
CA TRP C 163 14.94 -6.81 -27.44
C TRP C 163 16.00 -5.88 -28.02
N ASN C 164 16.83 -5.33 -27.13
CA ASN C 164 17.90 -4.40 -27.51
C ASN C 164 17.34 -3.25 -28.35
N SER C 165 16.23 -2.68 -27.88
CA SER C 165 15.56 -1.54 -28.52
C SER C 165 15.22 -1.83 -29.98
N GLY C 166 14.86 -3.08 -30.28
CA GLY C 166 14.46 -3.47 -31.62
C GLY C 166 15.58 -3.91 -32.54
N ALA C 167 16.84 -3.74 -32.14
CA ALA C 167 17.95 -4.18 -32.98
C ALA C 167 18.02 -5.70 -33.09
N LEU C 168 17.48 -6.43 -32.12
CA LEU C 168 17.50 -7.89 -32.09
C LEU C 168 16.08 -8.37 -32.31
N THR C 169 15.79 -8.84 -33.53
CA THR C 169 14.48 -9.38 -33.86
C THR C 169 14.51 -10.80 -34.38
N SER C 170 15.67 -11.31 -34.80
CA SER C 170 15.78 -12.68 -35.27
C SER C 170 15.76 -13.64 -34.09
N GLY C 171 14.84 -14.60 -34.14
CA GLY C 171 14.71 -15.56 -33.07
C GLY C 171 13.94 -15.07 -31.87
N VAL C 172 13.29 -13.93 -31.97
CA VAL C 172 12.47 -13.38 -30.88
C VAL C 172 11.06 -13.95 -31.00
N HIS C 173 10.54 -14.47 -29.89
CA HIS C 173 9.19 -15.03 -29.84
C HIS C 173 8.54 -14.58 -28.55
N THR C 174 7.51 -13.75 -28.67
CA THR C 174 6.71 -13.28 -27.54
C THR C 174 5.39 -14.05 -27.52
N PHE C 175 5.17 -14.83 -26.45
CA PHE C 175 3.99 -15.68 -26.38
C PHE C 175 2.79 -14.90 -25.88
N PRO C 176 1.57 -15.24 -26.32
CA PRO C 176 0.38 -14.58 -25.78
C PRO C 176 0.26 -14.79 -24.28
N ALA C 177 -0.43 -13.86 -23.62
CA ALA C 177 -0.41 -13.85 -22.16
C ALA C 177 -1.42 -14.84 -21.58
N VAL C 178 -1.17 -15.21 -20.32
CA VAL C 178 -2.07 -16.03 -19.54
C VAL C 178 -2.84 -15.13 -18.59
N LEU C 179 -4.13 -15.43 -18.40
CA LEU C 179 -4.98 -14.68 -17.48
C LEU C 179 -5.04 -15.44 -16.16
N GLN C 180 -4.35 -14.92 -15.15
CA GLN C 180 -4.35 -15.57 -13.85
C GLN C 180 -5.70 -15.37 -13.16
N SER C 181 -5.99 -16.27 -12.20
CA SER C 181 -7.25 -16.22 -11.48
C SER C 181 -7.39 -14.99 -10.60
N SER C 182 -6.38 -14.14 -10.51
CA SER C 182 -6.43 -12.90 -9.76
C SER C 182 -6.83 -11.70 -10.62
N GLY C 183 -7.13 -11.92 -11.90
CA GLY C 183 -7.50 -10.85 -12.80
C GLY C 183 -6.35 -10.23 -13.56
N LEU C 184 -5.12 -10.55 -13.18
CA LEU C 184 -3.92 -10.00 -13.80
C LEU C 184 -3.40 -10.95 -14.89
N TYR C 185 -2.59 -10.39 -15.78
CA TYR C 185 -2.00 -11.12 -16.88
C TYR C 185 -0.50 -11.33 -16.64
N SER C 186 0.06 -12.32 -17.32
CA SER C 186 1.49 -12.53 -17.37
C SER C 186 1.84 -13.08 -18.75
N LEU C 187 3.02 -12.74 -19.24
CA LEU C 187 3.52 -13.32 -20.49
C LEU C 187 5.04 -13.41 -20.44
N SER C 188 5.60 -14.00 -21.50
CA SER C 188 7.03 -14.19 -21.61
C SER C 188 7.48 -13.92 -23.03
N SER C 189 8.73 -13.47 -23.17
CA SER C 189 9.37 -13.24 -24.45
C SER C 189 10.75 -13.85 -24.43
N VAL C 190 11.05 -14.69 -25.41
CA VAL C 190 12.31 -15.41 -25.47
C VAL C 190 12.96 -15.13 -26.82
N VAL C 191 14.29 -15.06 -26.82
CA VAL C 191 15.05 -14.97 -28.07
C VAL C 191 16.08 -16.08 -28.09
N THR C 192 16.20 -16.75 -29.23
CA THR C 192 17.15 -17.82 -29.41
C THR C 192 18.41 -17.23 -30.04
N VAL C 193 19.55 -17.47 -29.40
CA VAL C 193 20.82 -16.96 -29.90
C VAL C 193 21.82 -18.11 -29.92
N PRO C 194 22.85 -17.99 -30.75
CA PRO C 194 23.96 -18.95 -30.65
C PRO C 194 24.58 -18.91 -29.26
N SER C 195 24.92 -20.09 -28.74
CA SER C 195 25.46 -20.16 -27.38
C SER C 195 26.79 -19.41 -27.27
N SER C 196 27.53 -19.28 -28.37
CA SER C 196 28.79 -18.55 -28.32
C SER C 196 28.57 -17.05 -28.19
N SER C 197 27.50 -16.53 -28.77
CA SER C 197 27.22 -15.10 -28.69
C SER C 197 26.86 -14.65 -27.28
N LEU C 198 26.65 -15.58 -26.35
CA LEU C 198 26.33 -15.17 -24.98
C LEU C 198 27.45 -14.34 -24.38
N GLY C 199 28.69 -14.57 -24.78
CA GLY C 199 29.82 -13.81 -24.28
C GLY C 199 30.31 -12.70 -25.19
N THR C 200 29.51 -12.29 -26.18
CA THR C 200 29.94 -11.27 -27.12
C THR C 200 29.20 -9.94 -26.97
N GLN C 201 28.03 -9.92 -26.33
CA GLN C 201 27.22 -8.72 -26.29
C GLN C 201 26.20 -8.85 -25.18
N THR C 202 25.59 -7.71 -24.83
CA THR C 202 24.51 -7.65 -23.84
C THR C 202 23.18 -7.95 -24.50
N TYR C 203 22.23 -8.42 -23.68
CA TYR C 203 20.87 -8.72 -24.13
C TYR C 203 19.91 -8.03 -23.17
N ILE C 204 19.16 -7.05 -23.69
CA ILE C 204 18.25 -6.22 -22.90
C ILE C 204 16.85 -6.35 -23.48
N CYS C 205 15.89 -6.69 -22.64
CA CYS C 205 14.48 -6.70 -23.05
C CYS C 205 13.82 -5.40 -22.58
N ASN C 206 13.06 -4.79 -23.48
CA ASN C 206 12.41 -3.51 -23.22
C ASN C 206 10.91 -3.76 -23.18
N VAL C 207 10.33 -3.65 -22.00
CA VAL C 207 8.89 -3.88 -21.80
C VAL C 207 8.19 -2.54 -21.72
N ASN C 208 7.10 -2.40 -22.45
CA ASN C 208 6.28 -1.20 -22.39
C ASN C 208 4.82 -1.61 -22.22
N HIS C 209 4.22 -1.19 -21.10
CA HIS C 209 2.80 -1.36 -20.83
C HIS C 209 2.16 0.03 -20.91
N LYS C 210 1.54 0.32 -22.04
CA LYS C 210 0.96 1.64 -22.33
C LYS C 210 -0.21 2.02 -21.44
N PRO C 211 -1.10 1.09 -21.04
CA PRO C 211 -2.18 1.50 -20.12
C PRO C 211 -1.66 2.12 -18.82
N SER C 212 -0.50 1.69 -18.32
CA SER C 212 0.05 2.29 -17.12
C SER C 212 1.25 3.16 -17.37
N ASN C 213 1.69 3.28 -18.63
CA ASN C 213 2.92 3.99 -19.00
C ASN C 213 4.12 3.44 -18.22
N THR C 214 4.15 2.13 -18.03
CA THR C 214 5.27 1.46 -17.37
C THR C 214 6.27 1.06 -18.44
N LYS C 215 7.52 1.52 -18.29
CA LYS C 215 8.59 1.18 -19.21
C LYS C 215 9.75 0.61 -18.41
N VAL C 216 10.12 -0.63 -18.69
CA VAL C 216 11.13 -1.35 -17.92
C VAL C 216 12.12 -1.97 -18.90
N ASP C 217 13.41 -1.78 -18.60
CA ASP C 217 14.51 -2.43 -19.31
C ASP C 217 15.17 -3.39 -18.32
N LYS C 218 15.23 -4.66 -18.68
CA LYS C 218 15.83 -5.69 -17.83
C LYS C 218 16.97 -6.34 -18.59
N ARG C 219 18.16 -6.32 -18.01
CA ARG C 219 19.29 -7.05 -18.56
C ARG C 219 19.16 -8.53 -18.24
N VAL C 220 19.54 -9.36 -19.20
CA VAL C 220 19.50 -10.81 -19.05
C VAL C 220 20.93 -11.31 -19.29
N GLU C 221 21.62 -11.66 -18.19
CA GLU C 221 22.99 -12.14 -18.25
C GLU C 221 23.05 -13.65 -18.00
N PRO C 222 24.08 -14.34 -18.52
CA PRO C 222 24.14 -15.80 -18.37
C PRO C 222 24.12 -16.24 -16.91
N LYS C 223 23.56 -17.42 -16.68
CA LYS C 223 23.47 -17.97 -15.33
C LYS C 223 24.86 -18.25 -14.79
N SER C 224 25.24 -17.54 -13.72
CA SER C 224 26.59 -17.64 -13.16
C SER C 224 26.65 -17.02 -11.76
N GLN D 1 23.81 30.99 -32.25
CA GLN D 1 22.87 29.87 -32.32
C GLN D 1 23.56 28.54 -32.02
N VAL D 2 24.79 28.60 -31.52
CA VAL D 2 25.41 27.42 -30.97
C VAL D 2 24.64 27.01 -29.73
N GLN D 3 24.37 25.70 -29.61
CA GLN D 3 23.52 25.21 -28.55
C GLN D 3 24.12 23.99 -27.89
N LEU D 4 23.60 23.69 -26.71
CA LEU D 4 23.87 22.45 -25.99
C LEU D 4 22.52 21.80 -25.76
N VAL D 5 22.23 20.71 -26.48
CA VAL D 5 20.96 20.01 -26.35
C VAL D 5 21.11 18.93 -25.29
N GLN D 6 20.30 19.01 -24.25
CA GLN D 6 20.36 18.07 -23.15
C GLN D 6 19.26 17.03 -23.29
N SER D 7 19.41 15.94 -22.54
CA SER D 7 18.36 14.94 -22.46
C SER D 7 17.27 15.42 -21.49
N GLY D 8 16.25 14.58 -21.28
CA GLY D 8 15.03 15.00 -20.61
C GLY D 8 15.04 14.74 -19.12
N ALA D 9 13.89 15.02 -18.50
CA ALA D 9 13.70 14.82 -17.07
C ALA D 9 13.79 13.34 -16.70
N GLU D 10 14.17 13.08 -15.46
CA GLU D 10 14.29 11.72 -14.96
C GLU D 10 13.76 11.63 -13.55
N VAL D 11 13.05 10.55 -13.26
CA VAL D 11 12.55 10.26 -11.91
C VAL D 11 13.23 8.99 -11.45
N LYS D 12 13.84 9.03 -10.27
CA LYS D 12 14.64 7.93 -9.75
C LYS D 12 14.32 7.69 -8.29
N LYS D 13 14.65 6.52 -7.86
CA LYS D 13 14.59 6.11 -6.46
C LYS D 13 15.95 6.38 -5.81
N PRO D 14 15.96 6.66 -4.50
CA PRO D 14 17.25 6.75 -3.80
C PRO D 14 18.07 5.49 -4.01
N GLY D 15 19.38 5.68 -4.20
CA GLY D 15 20.30 4.60 -4.47
C GLY D 15 20.53 4.31 -5.93
N ALA D 16 19.61 4.69 -6.81
CA ALA D 16 19.78 4.45 -8.24
C ALA D 16 20.82 5.42 -8.82
N SER D 17 20.99 5.34 -10.14
CA SER D 17 21.90 6.19 -10.87
C SER D 17 21.17 6.89 -12.00
N VAL D 18 21.64 8.09 -12.35
CA VAL D 18 21.11 8.84 -13.47
C VAL D 18 22.26 9.20 -14.38
N LYS D 19 21.99 9.23 -15.69
CA LYS D 19 22.99 9.54 -16.71
C LYS D 19 22.38 10.62 -17.61
N VAL D 20 22.82 11.85 -17.41
CA VAL D 20 22.30 13.00 -18.15
C VAL D 20 23.32 13.33 -19.25
N SER D 21 22.83 13.66 -20.44
CA SER D 21 23.68 13.87 -21.59
C SER D 21 23.56 15.31 -22.08
N CYS D 22 24.57 15.72 -22.83
CA CYS D 22 24.68 17.09 -23.34
C CYS D 22 25.39 17.00 -24.69
N LYS D 23 24.70 17.37 -25.76
CA LYS D 23 25.25 17.26 -27.12
C LYS D 23 25.46 18.65 -27.70
N ALA D 24 26.59 18.85 -28.37
CA ALA D 24 26.93 20.15 -28.94
C ALA D 24 26.34 20.27 -30.33
N SER D 25 25.52 21.30 -30.55
CA SER D 25 24.95 21.60 -31.86
C SER D 25 25.55 22.90 -32.38
N GLY D 26 26.04 22.87 -33.61
CA GLY D 26 26.63 24.05 -34.23
C GLY D 26 28.12 24.23 -33.99
N PHE D 27 28.80 23.24 -33.42
CA PHE D 27 30.24 23.29 -33.19
C PHE D 27 30.69 21.92 -32.73
N THR D 28 32.00 21.77 -32.55
CA THR D 28 32.60 20.55 -32.04
C THR D 28 33.40 20.86 -30.78
N PHE D 29 33.94 19.81 -30.16
CA PHE D 29 34.65 19.95 -28.89
C PHE D 29 35.79 20.97 -29.01
N GLY D 30 36.73 20.71 -29.90
CA GLY D 30 37.83 21.66 -30.10
C GLY D 30 38.65 21.80 -28.84
N ARG D 31 38.91 23.04 -28.45
CA ARG D 31 39.61 23.34 -27.20
C ARG D 31 38.66 23.73 -26.08
N TYR D 32 37.35 23.55 -26.28
CA TYR D 32 36.39 23.93 -25.26
C TYR D 32 36.41 22.96 -24.10
N SER D 33 35.94 23.42 -22.96
CA SER D 33 35.65 22.57 -21.83
C SER D 33 34.14 22.49 -21.67
N PHE D 34 33.69 21.61 -20.79
CA PHE D 34 32.27 21.42 -20.55
C PHE D 34 32.07 21.15 -19.07
N THR D 35 31.17 21.90 -18.45
CA THR D 35 30.91 21.80 -17.03
C THR D 35 29.46 21.41 -16.80
N TRP D 36 29.19 20.96 -15.58
CA TRP D 36 27.86 20.57 -15.15
C TRP D 36 27.55 21.34 -13.89
N VAL D 37 26.49 22.15 -13.95
CA VAL D 37 26.02 22.95 -12.83
C VAL D 37 24.60 22.50 -12.52
N ARG D 38 24.26 22.44 -11.24
CA ARG D 38 22.95 21.99 -10.80
C ARG D 38 22.33 23.04 -9.89
N GLN D 39 21.02 22.89 -9.68
CA GLN D 39 20.27 23.81 -8.82
C GLN D 39 19.13 23.05 -8.17
N ALA D 40 19.27 22.77 -6.87
CA ALA D 40 18.19 22.20 -6.11
C ALA D 40 17.01 23.18 -6.03
N PRO D 41 15.77 22.69 -5.96
CA PRO D 41 14.62 23.59 -5.89
C PRO D 41 14.72 24.49 -4.66
N GLY D 42 14.61 25.80 -4.89
CA GLY D 42 14.76 26.75 -3.81
C GLY D 42 16.18 26.93 -3.30
N GLN D 43 17.18 26.75 -4.16
CA GLN D 43 18.58 26.87 -3.77
C GLN D 43 19.35 27.57 -4.88
N GLY D 44 20.63 27.87 -4.61
CA GLY D 44 21.46 28.54 -5.58
C GLY D 44 22.17 27.58 -6.54
N LEU D 45 22.85 28.15 -7.53
CA LEU D 45 23.58 27.35 -8.50
C LEU D 45 24.80 26.69 -7.84
N GLU D 46 25.01 25.42 -8.14
CA GLU D 46 26.07 24.63 -7.54
C GLU D 46 26.85 23.94 -8.65
N TRP D 47 28.18 24.05 -8.60
CA TRP D 47 29.02 23.45 -9.63
C TRP D 47 29.28 21.99 -9.29
N VAL D 48 29.16 21.12 -10.30
CA VAL D 48 29.29 19.68 -10.10
C VAL D 48 30.65 19.19 -10.58
N GLY D 49 30.97 19.41 -11.86
CA GLY D 49 32.16 18.81 -12.44
C GLY D 49 32.46 19.38 -13.81
N VAL D 50 33.58 18.93 -14.38
CA VAL D 50 34.11 19.47 -15.62
C VAL D 50 34.77 18.36 -16.41
N ILE D 51 34.83 18.53 -17.74
CA ILE D 51 35.59 17.65 -18.61
C ILE D 51 36.26 18.50 -19.69
N VAL D 52 37.54 18.26 -19.91
CA VAL D 52 38.26 18.89 -21.01
C VAL D 52 38.54 17.82 -22.05
N PRO D 53 37.64 17.61 -23.02
CA PRO D 53 37.75 16.41 -23.88
C PRO D 53 39.06 16.32 -24.64
N LEU D 54 39.66 17.44 -25.03
CA LEU D 54 40.88 17.41 -25.83
C LEU D 54 42.03 16.71 -25.09
N VAL D 55 42.14 16.90 -23.78
CA VAL D 55 43.18 16.25 -22.99
C VAL D 55 42.66 15.12 -22.14
N GLY D 56 41.35 14.97 -21.99
CA GLY D 56 40.78 13.89 -21.22
C GLY D 56 40.64 14.13 -19.74
N VAL D 57 41.10 15.27 -19.22
CA VAL D 57 41.00 15.53 -17.79
C VAL D 57 39.54 15.75 -17.42
N THR D 58 39.15 15.25 -16.25
CA THR D 58 37.88 15.62 -15.63
C THR D 58 38.10 15.79 -14.13
N ASN D 59 37.28 16.64 -13.53
CA ASN D 59 37.33 16.86 -12.10
C ASN D 59 35.90 17.07 -11.60
N SER D 60 35.75 16.95 -10.28
CA SER D 60 34.44 16.99 -9.65
C SER D 60 34.53 17.71 -8.32
N ALA D 61 33.41 18.33 -7.92
CA ALA D 61 33.33 18.92 -6.59
C ALA D 61 33.47 17.85 -5.52
N LYS D 62 34.15 18.18 -4.43
CA LYS D 62 34.48 17.18 -3.42
C LYS D 62 33.22 16.63 -2.75
N LYS D 63 32.16 17.43 -2.66
CA LYS D 63 30.91 16.96 -2.06
C LYS D 63 30.42 15.68 -2.73
N PHE D 64 30.71 15.53 -4.03
CA PHE D 64 30.44 14.29 -4.76
C PHE D 64 31.67 13.41 -4.64
N GLN D 65 31.71 12.61 -3.58
CA GLN D 65 32.87 11.79 -3.25
C GLN D 65 32.71 10.41 -3.91
N GLY D 66 33.10 10.33 -5.18
CA GLY D 66 33.08 9.07 -5.90
C GLY D 66 31.75 8.70 -6.51
N ARG D 67 30.81 9.64 -6.61
CA ARG D 67 29.49 9.39 -7.18
C ARG D 67 29.31 9.96 -8.58
N VAL D 68 30.25 10.78 -9.04
CA VAL D 68 30.15 11.46 -10.33
C VAL D 68 31.19 10.86 -11.28
N THR D 69 30.73 10.43 -12.44
CA THR D 69 31.61 10.02 -13.54
C THR D 69 31.21 10.81 -14.78
N ILE D 70 32.13 11.63 -15.29
CA ILE D 70 31.88 12.48 -16.46
C ILE D 70 32.71 11.95 -17.62
N THR D 71 32.05 11.63 -18.73
CA THR D 71 32.71 11.11 -19.92
C THR D 71 32.23 11.88 -21.15
N ALA D 72 32.90 11.64 -22.28
CA ALA D 72 32.57 12.32 -23.52
C ALA D 72 32.80 11.39 -24.71
N ASP D 73 32.04 11.63 -25.78
CA ASP D 73 32.12 10.90 -27.03
C ASP D 73 32.46 11.91 -28.13
N THR D 74 33.73 11.95 -28.54
CA THR D 74 34.15 12.95 -29.54
C THR D 74 33.32 12.78 -30.82
N SER D 75 33.03 11.54 -31.21
CA SER D 75 32.30 11.28 -32.47
C SER D 75 30.93 11.96 -32.44
N THR D 76 30.22 11.90 -31.30
CA THR D 76 28.85 12.46 -31.23
C THR D 76 28.87 13.82 -30.53
N ASN D 77 30.07 14.40 -30.33
CA ASN D 77 30.16 15.66 -29.60
C ASN D 77 29.16 15.72 -28.45
N THR D 78 29.14 14.64 -27.66
CA THR D 78 28.24 14.50 -26.53
C THR D 78 29.06 14.25 -25.28
N VAL D 79 28.77 15.01 -24.22
CA VAL D 79 29.33 14.73 -22.91
C VAL D 79 28.23 14.11 -22.06
N TYR D 80 28.65 13.32 -21.07
CA TYR D 80 27.73 12.58 -20.21
C TYR D 80 28.15 12.77 -18.77
N MET D 81 27.15 12.89 -17.90
CA MET D 81 27.36 12.96 -16.46
C MET D 81 26.56 11.85 -15.81
N ASP D 82 27.25 10.94 -15.14
CA ASP D 82 26.60 9.85 -14.41
C ASP D 82 26.73 10.11 -12.92
N LEU D 83 25.61 10.31 -12.24
CA LEU D 83 25.57 10.49 -10.80
C LEU D 83 24.99 9.22 -10.18
N SER D 84 25.78 8.55 -9.34
CA SER D 84 25.36 7.32 -8.70
C SER D 84 25.02 7.56 -7.24
N SER D 85 24.43 6.54 -6.63
CA SER D 85 24.00 6.57 -5.22
C SER D 85 23.20 7.85 -4.95
N LEU D 86 22.02 7.89 -5.57
CA LEU D 86 21.20 9.10 -5.52
C LEU D 86 20.53 9.24 -4.15
N ARG D 87 20.40 10.48 -3.70
CA ARG D 87 19.75 10.80 -2.44
C ARG D 87 18.72 11.90 -2.67
N SER D 88 17.91 12.17 -1.64
CA SER D 88 16.96 13.29 -1.73
C SER D 88 17.67 14.58 -2.10
N GLU D 89 18.83 14.83 -1.50
CA GLU D 89 19.57 16.06 -1.74
C GLU D 89 19.93 16.27 -3.21
N ASP D 90 19.87 15.22 -4.04
CA ASP D 90 20.29 15.33 -5.43
C ASP D 90 19.18 15.78 -6.37
N THR D 91 17.95 15.94 -5.88
CA THR D 91 16.88 16.48 -6.69
C THR D 91 17.20 17.92 -7.09
N ALA D 92 17.25 18.16 -8.41
CA ALA D 92 17.77 19.42 -8.92
C ALA D 92 17.71 19.40 -10.44
N VAL D 93 17.81 20.59 -11.02
CA VAL D 93 17.96 20.74 -12.47
C VAL D 93 19.44 20.76 -12.78
N TYR D 94 19.88 19.85 -13.66
CA TYR D 94 21.30 19.71 -13.99
C TYR D 94 21.55 20.39 -15.34
N TYR D 95 22.37 21.44 -15.35
CA TYR D 95 22.72 22.18 -16.54
C TYR D 95 24.13 21.83 -17.01
N CYS D 96 24.32 21.85 -18.33
CA CYS D 96 25.65 21.78 -18.92
C CYS D 96 25.97 23.12 -19.55
N ALA D 97 27.23 23.54 -19.41
CA ALA D 97 27.68 24.84 -19.89
C ALA D 97 29.05 24.70 -20.53
N ARG D 98 29.20 25.31 -21.71
CA ARG D 98 30.49 25.34 -22.38
C ARG D 98 31.38 26.40 -21.76
N VAL D 99 32.67 26.09 -21.68
CA VAL D 99 33.64 26.95 -21.01
C VAL D 99 34.83 27.17 -21.93
N GLY D 100 35.32 28.40 -21.97
CA GLY D 100 36.52 28.73 -22.70
C GLY D 100 36.22 29.30 -24.07
N ASP D 101 37.26 29.85 -24.69
CA ASP D 101 37.16 30.37 -26.03
C ASP D 101 37.72 29.34 -27.01
N ARG D 102 38.11 29.79 -28.21
CA ARG D 102 38.58 28.87 -29.23
C ARG D 102 39.87 28.18 -28.84
N PHE D 103 40.68 28.82 -27.99
CA PHE D 103 42.02 28.34 -27.67
C PHE D 103 42.13 27.85 -26.23
N GLY D 104 41.00 27.64 -25.56
CA GLY D 104 40.97 27.08 -24.23
C GLY D 104 41.17 28.07 -23.11
N SER D 105 41.32 29.36 -23.42
CA SER D 105 41.49 30.38 -22.41
C SER D 105 40.13 30.85 -21.89
N GLY D 106 40.14 31.36 -20.66
CA GLY D 106 38.90 31.81 -20.05
C GLY D 106 38.19 30.69 -19.32
N TYR D 107 37.51 31.07 -18.24
CA TYR D 107 36.82 30.09 -17.39
C TYR D 107 35.36 30.46 -17.17
N ALA D 108 34.81 31.33 -18.01
CA ALA D 108 33.42 31.72 -17.94
C ALA D 108 32.54 30.74 -18.72
N MET D 109 31.35 30.48 -18.20
CA MET D 109 30.42 29.56 -18.82
C MET D 109 29.45 30.37 -19.67
N ASP D 110 29.73 30.46 -20.98
CA ASP D 110 29.00 31.35 -21.87
C ASP D 110 27.83 30.70 -22.61
N VAL D 111 27.87 29.39 -22.88
CA VAL D 111 26.77 28.70 -23.55
C VAL D 111 26.19 27.70 -22.56
N TRP D 112 24.86 27.69 -22.47
CA TRP D 112 24.18 26.87 -21.47
C TRP D 112 23.11 26.01 -22.14
N GLY D 113 22.98 24.77 -21.65
CA GLY D 113 21.81 23.98 -21.99
C GLY D 113 20.62 24.41 -21.16
N ARG D 114 19.44 23.91 -21.55
CA ARG D 114 18.24 24.30 -20.82
C ARG D 114 18.06 23.53 -19.52
N GLY D 115 18.85 22.50 -19.30
CA GLY D 115 18.80 21.80 -18.03
C GLY D 115 17.82 20.64 -18.04
N ALA D 116 18.09 19.67 -17.18
CA ALA D 116 17.26 18.48 -17.06
C ALA D 116 16.93 18.28 -15.59
N LEU D 117 15.64 18.21 -15.27
CA LEU D 117 15.22 18.01 -13.89
C LEU D 117 15.40 16.55 -13.51
N VAL D 118 16.10 16.30 -12.41
CA VAL D 118 16.20 14.96 -11.84
C VAL D 118 15.47 14.99 -10.50
N THR D 119 14.47 14.12 -10.35
CA THR D 119 13.71 14.02 -9.11
C THR D 119 14.06 12.68 -8.46
N VAL D 120 14.57 12.75 -7.24
CA VAL D 120 14.89 11.57 -6.44
C VAL D 120 13.84 11.48 -5.35
N SER D 121 13.14 10.35 -5.30
CA SER D 121 12.10 10.16 -4.29
C SER D 121 11.86 8.67 -4.14
N SER D 122 11.53 8.26 -2.91
CA SER D 122 11.18 6.88 -2.66
C SER D 122 9.77 6.54 -3.11
N ALA D 123 9.00 7.54 -3.52
CA ALA D 123 7.63 7.30 -3.95
C ALA D 123 7.60 6.55 -5.27
N SER D 124 6.50 5.82 -5.50
CA SER D 124 6.28 5.08 -6.73
C SER D 124 5.17 5.74 -7.53
N THR D 125 5.23 5.54 -8.85
CA THR D 125 4.25 6.12 -9.75
C THR D 125 2.84 5.74 -9.32
N LYS D 126 1.98 6.75 -9.22
CA LYS D 126 0.60 6.55 -8.80
C LYS D 126 -0.27 7.59 -9.48
N GLY D 127 -1.39 7.15 -10.04
CA GLY D 127 -2.36 8.04 -10.63
C GLY D 127 -3.22 8.69 -9.57
N PRO D 128 -3.76 9.87 -9.88
CA PRO D 128 -4.47 10.67 -8.87
C PRO D 128 -5.93 10.27 -8.72
N SER D 129 -6.48 10.60 -7.56
CA SER D 129 -7.91 10.55 -7.31
C SER D 129 -8.49 11.95 -7.51
N VAL D 130 -9.50 12.05 -8.37
CA VAL D 130 -10.08 13.32 -8.76
C VAL D 130 -11.40 13.50 -8.03
N PHE D 131 -11.54 14.60 -7.29
CA PHE D 131 -12.76 14.88 -6.55
C PHE D 131 -13.34 16.22 -6.96
N PRO D 132 -14.66 16.35 -7.03
CA PRO D 132 -15.26 17.65 -7.40
C PRO D 132 -15.39 18.58 -6.21
N LEU D 133 -15.13 19.87 -6.45
CA LEU D 133 -15.32 20.92 -5.45
C LEU D 133 -16.57 21.70 -5.84
N ALA D 134 -17.69 21.35 -5.23
CA ALA D 134 -18.97 21.88 -5.63
C ALA D 134 -19.14 23.33 -5.16
N PRO D 135 -19.81 24.17 -5.96
CA PRO D 135 -20.11 25.54 -5.51
C PRO D 135 -21.46 25.63 -4.80
N SER D 136 -21.83 26.84 -4.38
CA SER D 136 -23.14 27.05 -3.70
C SER D 136 -24.02 27.97 -4.56
N SER D 137 -24.82 28.82 -3.92
CA SER D 137 -25.70 29.76 -4.66
C SER D 137 -25.99 30.99 -3.79
N GLY D 142 -25.84 39.07 -11.84
CA GLY D 142 -25.54 38.64 -10.49
C GLY D 142 -24.05 38.51 -10.22
N GLY D 143 -23.68 37.62 -9.31
CA GLY D 143 -22.30 37.40 -8.95
C GLY D 143 -21.66 36.29 -9.74
N THR D 144 -20.61 35.72 -9.17
CA THR D 144 -19.90 34.61 -9.78
C THR D 144 -19.87 33.44 -8.81
N ALA D 145 -19.77 32.24 -9.38
CA ALA D 145 -19.56 31.02 -8.62
C ALA D 145 -18.18 30.47 -8.92
N ALA D 146 -17.57 29.87 -7.91
CA ALA D 146 -16.26 29.25 -8.04
C ALA D 146 -16.41 27.75 -7.83
N LEU D 147 -16.19 26.98 -8.88
CA LEU D 147 -16.22 25.53 -8.78
C LEU D 147 -14.88 24.95 -9.24
N GLY D 148 -14.54 23.80 -8.70
CA GLY D 148 -13.23 23.23 -8.99
C GLY D 148 -13.11 21.72 -8.94
N CYS D 149 -11.86 21.26 -8.98
CA CYS D 149 -11.51 19.85 -8.93
C CYS D 149 -10.26 19.68 -8.07
N LEU D 150 -10.32 18.72 -7.17
CA LEU D 150 -9.18 18.33 -6.36
C LEU D 150 -8.53 17.11 -6.97
N VAL D 151 -7.28 17.26 -7.40
CA VAL D 151 -6.49 16.17 -7.98
C VAL D 151 -5.51 15.65 -6.93
N LYS D 152 -5.92 14.62 -6.19
CA LYS D 152 -5.25 14.22 -4.95
C LYS D 152 -4.33 13.01 -5.14
N ASP D 153 -3.23 13.00 -4.39
CA ASP D 153 -2.39 11.81 -4.20
C ASP D 153 -1.91 11.19 -5.50
N TYR D 154 -0.98 11.84 -6.19
CA TYR D 154 -0.38 11.29 -7.39
C TYR D 154 1.12 11.50 -7.35
N PHE D 155 1.81 10.86 -8.30
CA PHE D 155 3.26 10.92 -8.41
C PHE D 155 3.66 10.22 -9.71
N PRO D 156 4.59 10.80 -10.48
CA PRO D 156 5.18 12.10 -10.17
C PRO D 156 4.48 13.27 -10.86
N GLU D 157 5.07 14.45 -10.77
CA GLU D 157 4.59 15.59 -11.54
C GLU D 157 4.90 15.38 -13.02
N PRO D 158 4.14 16.01 -13.91
CA PRO D 158 3.01 16.90 -13.68
C PRO D 158 1.67 16.26 -14.02
N VAL D 159 0.59 17.00 -13.79
CA VAL D 159 -0.74 16.68 -14.32
C VAL D 159 -1.23 17.89 -15.10
N THR D 160 -2.08 17.63 -16.09
CA THR D 160 -2.71 18.68 -16.89
C THR D 160 -4.21 18.63 -16.64
N VAL D 161 -4.79 19.78 -16.31
CA VAL D 161 -6.23 19.90 -16.07
C VAL D 161 -6.81 20.87 -17.08
N SER D 162 -7.88 20.43 -17.76
CA SER D 162 -8.66 21.30 -18.63
C SER D 162 -10.12 21.20 -18.22
N TRP D 163 -10.96 22.05 -18.82
CA TRP D 163 -12.37 22.05 -18.48
C TRP D 163 -13.19 21.98 -19.76
N ASN D 164 -14.19 21.10 -19.75
CA ASN D 164 -15.06 20.88 -20.89
C ASN D 164 -14.24 20.65 -22.17
N SER D 165 -13.23 19.80 -22.04
CA SER D 165 -12.37 19.41 -23.16
C SER D 165 -11.71 20.61 -23.82
N GLY D 166 -11.50 21.67 -23.05
CA GLY D 166 -10.94 22.89 -23.59
C GLY D 166 -11.97 23.90 -24.05
N ALA D 167 -13.25 23.54 -24.08
CA ALA D 167 -14.27 24.53 -24.45
C ALA D 167 -14.37 25.65 -23.44
N LEU D 168 -13.90 25.44 -22.21
CA LEU D 168 -13.98 26.41 -21.13
C LEU D 168 -12.55 26.72 -20.69
N THR D 169 -12.03 27.87 -21.11
CA THR D 169 -10.70 28.32 -20.74
C THR D 169 -10.68 29.66 -20.03
N SER D 170 -11.70 30.49 -20.20
CA SER D 170 -11.75 31.78 -19.51
C SER D 170 -12.05 31.58 -18.04
N GLY D 171 -11.26 32.22 -17.18
CA GLY D 171 -11.47 32.14 -15.75
C GLY D 171 -11.02 30.87 -15.09
N VAL D 172 -10.11 30.12 -15.71
CA VAL D 172 -9.59 28.88 -15.16
C VAL D 172 -8.27 29.16 -14.46
N HIS D 173 -8.17 28.76 -13.20
CA HIS D 173 -6.95 28.94 -12.41
C HIS D 173 -6.53 27.59 -11.87
N THR D 174 -5.48 27.01 -12.45
CA THR D 174 -4.89 25.77 -11.96
C THR D 174 -3.72 26.12 -11.04
N PHE D 175 -3.85 25.77 -9.75
CA PHE D 175 -2.83 26.15 -8.77
C PHE D 175 -1.66 25.16 -8.78
N PRO D 176 -0.47 25.61 -8.39
CA PRO D 176 0.66 24.68 -8.27
C PRO D 176 0.40 23.63 -7.18
N ALA D 177 0.95 22.44 -7.39
CA ALA D 177 0.66 21.33 -6.48
C ALA D 177 1.39 21.50 -5.15
N VAL D 178 0.86 20.85 -4.13
CA VAL D 178 1.54 20.71 -2.85
C VAL D 178 2.14 19.33 -2.77
N LEU D 179 3.31 19.22 -2.14
CA LEU D 179 3.97 17.94 -1.90
C LEU D 179 3.70 17.53 -0.46
N GLN D 180 2.84 16.53 -0.29
CA GLN D 180 2.54 16.04 1.05
C GLN D 180 3.73 15.28 1.62
N SER D 181 3.72 15.10 2.95
CA SER D 181 4.80 14.39 3.62
C SER D 181 4.91 12.94 3.17
N SER D 182 3.83 12.36 2.65
CA SER D 182 3.87 10.98 2.17
C SER D 182 4.66 10.81 0.88
N GLY D 183 5.04 11.90 0.23
CA GLY D 183 5.75 11.85 -1.03
C GLY D 183 4.89 12.13 -2.25
N LEU D 184 3.57 12.03 -2.12
CA LEU D 184 2.63 12.25 -3.21
C LEU D 184 2.24 13.72 -3.32
N TYR D 185 1.73 14.10 -4.49
CA TYR D 185 1.31 15.47 -4.78
C TYR D 185 -0.22 15.62 -4.74
N SER D 186 -0.66 16.87 -4.65
CA SER D 186 -2.06 17.24 -4.75
C SER D 186 -2.14 18.66 -5.31
N LEU D 187 -3.05 18.89 -6.26
CA LEU D 187 -3.33 20.23 -6.75
C LEU D 187 -4.82 20.39 -6.99
N SER D 188 -5.24 21.65 -7.11
CA SER D 188 -6.63 22.01 -7.36
C SER D 188 -6.70 22.94 -8.56
N SER D 189 -7.77 22.81 -9.33
CA SER D 189 -8.06 23.71 -10.44
C SER D 189 -9.47 24.25 -10.25
N VAL D 190 -9.63 25.55 -10.42
CA VAL D 190 -10.94 26.18 -10.22
C VAL D 190 -11.25 26.99 -11.46
N VAL D 191 -12.54 27.09 -11.77
CA VAL D 191 -13.01 27.99 -12.81
C VAL D 191 -14.12 28.85 -12.22
N THR D 192 -14.00 30.16 -12.43
CA THR D 192 -15.02 31.11 -12.00
C THR D 192 -16.02 31.30 -13.14
N VAL D 193 -17.30 31.14 -12.83
CA VAL D 193 -18.35 31.30 -13.85
C VAL D 193 -19.43 32.21 -13.29
N PRO D 194 -20.20 32.86 -14.17
CA PRO D 194 -21.37 33.60 -13.69
C PRO D 194 -22.31 32.68 -12.95
N SER D 195 -22.87 33.18 -11.86
CA SER D 195 -23.75 32.37 -11.02
C SER D 195 -24.99 31.91 -11.79
N SER D 196 -25.41 32.66 -12.80
CA SER D 196 -26.58 32.30 -13.59
C SER D 196 -26.33 31.08 -14.48
N SER D 197 -25.08 30.71 -14.69
CA SER D 197 -24.73 29.55 -15.48
C SER D 197 -24.85 28.23 -14.72
N LEU D 198 -24.97 28.27 -13.40
CA LEU D 198 -25.04 27.05 -12.60
C LEU D 198 -26.10 26.10 -13.13
N GLY D 199 -27.22 26.63 -13.59
CA GLY D 199 -28.29 25.78 -14.07
C GLY D 199 -28.45 25.76 -15.58
N THR D 200 -27.40 26.14 -16.31
CA THR D 200 -27.51 26.21 -17.77
C THR D 200 -26.68 25.18 -18.51
N GLN D 201 -25.72 24.52 -17.86
CA GLN D 201 -24.80 23.65 -18.56
C GLN D 201 -24.05 22.80 -17.54
N THR D 202 -23.30 21.83 -18.06
CA THR D 202 -22.47 20.95 -17.26
C THR D 202 -21.03 21.46 -17.21
N TYR D 203 -20.32 21.07 -16.15
CA TYR D 203 -18.93 21.42 -15.98
C TYR D 203 -18.15 20.16 -15.69
N ILE D 204 -17.21 19.83 -16.57
CA ILE D 204 -16.44 18.59 -16.48
C ILE D 204 -14.98 18.97 -16.52
N CYS D 205 -14.22 18.57 -15.50
CA CYS D 205 -12.78 18.77 -15.51
C CYS D 205 -12.12 17.49 -15.98
N ASN D 206 -11.19 17.61 -16.93
CA ASN D 206 -10.49 16.49 -17.53
C ASN D 206 -9.07 16.47 -17.01
N VAL D 207 -8.73 15.47 -16.20
CA VAL D 207 -7.41 15.36 -15.59
C VAL D 207 -6.61 14.34 -16.37
N ASN D 208 -5.37 14.70 -16.72
CA ASN D 208 -4.48 13.79 -17.43
C ASN D 208 -3.16 13.71 -16.70
N HIS D 209 -2.77 12.50 -16.30
CA HIS D 209 -1.50 12.24 -15.63
C HIS D 209 -0.69 11.34 -16.54
N LYS D 210 0.10 11.95 -17.42
CA LYS D 210 0.86 11.18 -18.40
C LYS D 210 1.88 10.22 -17.80
N PRO D 211 2.54 10.50 -16.67
CA PRO D 211 3.46 9.49 -16.11
C PRO D 211 2.79 8.16 -15.81
N SER D 212 1.48 8.16 -15.55
CA SER D 212 0.75 6.94 -15.25
C SER D 212 -0.30 6.61 -16.29
N ASN D 213 -0.38 7.40 -17.37
CA ASN D 213 -1.42 7.27 -18.40
C ASN D 213 -2.80 7.16 -17.76
N THR D 214 -3.08 8.06 -16.84
CA THR D 214 -4.38 8.12 -16.17
C THR D 214 -5.14 9.34 -16.70
N LYS D 215 -6.30 9.08 -17.31
CA LYS D 215 -7.23 10.12 -17.72
C LYS D 215 -8.51 9.95 -16.92
N VAL D 216 -8.99 11.05 -16.34
CA VAL D 216 -10.19 11.04 -15.50
C VAL D 216 -11.01 12.28 -15.81
N ASP D 217 -12.28 12.08 -16.11
CA ASP D 217 -13.26 13.16 -16.25
C ASP D 217 -14.20 13.11 -15.06
N LYS D 218 -14.33 14.25 -14.37
CA LYS D 218 -15.23 14.34 -13.20
C LYS D 218 -16.09 15.60 -13.36
N ARG D 219 -17.41 15.42 -13.50
CA ARG D 219 -18.32 16.58 -13.72
C ARG D 219 -18.67 17.21 -12.38
N VAL D 220 -18.29 18.47 -12.18
CA VAL D 220 -18.61 19.19 -10.91
C VAL D 220 -20.07 19.65 -10.97
N GLU D 221 -20.87 19.20 -10.01
CA GLU D 221 -22.31 19.52 -9.99
C GLU D 221 -22.64 20.38 -8.78
N PRO D 222 -23.52 21.38 -8.94
CA PRO D 222 -23.95 22.20 -7.82
C PRO D 222 -24.58 21.40 -6.68
N LYS D 223 -24.22 21.73 -5.43
CA LYS D 223 -24.83 21.11 -4.21
C LYS D 223 -23.90 21.37 -3.03
N SER E 2 37.35 28.09 -0.88
CA SER E 2 36.86 29.42 -1.25
C SER E 2 35.37 29.54 -0.99
N ALA E 3 34.90 30.77 -0.82
CA ALA E 3 33.48 31.01 -0.59
C ALA E 3 33.15 32.44 -1.03
N LEU E 4 32.09 32.59 -1.80
CA LEU E 4 31.67 33.88 -2.32
C LEU E 4 30.35 34.27 -1.67
N THR E 5 30.30 35.47 -1.11
CA THR E 5 29.15 35.94 -0.35
C THR E 5 28.51 37.13 -1.05
N GLN E 6 27.20 37.05 -1.25
CA GLN E 6 26.40 38.07 -1.91
C GLN E 6 25.26 38.49 -1.01
N PRO E 7 24.79 39.72 -1.14
CA PRO E 7 23.57 40.12 -0.42
C PRO E 7 22.39 39.31 -0.93
N PRO E 8 21.50 38.88 -0.03
CA PRO E 8 20.37 38.07 -0.50
C PRO E 8 19.41 38.81 -1.39
N SER E 9 19.31 40.14 -1.25
CA SER E 9 18.25 40.87 -1.98
C SER E 9 18.63 42.29 -2.37
N VAL E 10 18.23 42.71 -3.56
CA VAL E 10 18.42 44.12 -3.99
C VAL E 10 17.08 44.59 -4.55
N SER E 11 16.70 45.84 -4.30
CA SER E 11 15.41 46.38 -4.75
C SER E 11 15.56 47.79 -5.31
N GLY E 12 14.89 48.08 -6.40
CA GLY E 12 14.92 49.42 -6.98
C GLY E 12 13.75 49.65 -7.91
N ALA E 13 13.43 50.90 -8.19
CA ALA E 13 12.30 51.24 -9.07
C ALA E 13 12.78 51.38 -10.51
N PRO E 14 11.88 51.20 -11.49
CA PRO E 14 12.29 51.22 -12.89
C PRO E 14 12.99 52.54 -13.26
N GLY E 15 14.14 52.44 -13.94
CA GLY E 15 14.92 53.63 -14.32
C GLY E 15 16.02 53.93 -13.33
N GLU E 16 16.03 53.23 -12.21
CA GLU E 16 17.03 53.46 -11.16
C GLU E 16 18.31 52.64 -11.39
N ARG E 17 19.37 52.97 -10.66
CA ARG E 17 20.65 52.23 -10.73
C ARG E 17 20.75 51.34 -9.49
N VAL E 18 21.06 50.06 -9.68
CA VAL E 18 21.20 49.11 -8.55
C VAL E 18 22.54 48.40 -8.68
N THR E 19 23.18 48.09 -7.56
CA THR E 19 24.51 47.45 -7.57
C THR E 19 24.50 46.22 -6.65
N ILE E 20 25.10 45.13 -7.13
CA ILE E 20 25.19 43.87 -6.35
C ILE E 20 26.65 43.61 -5.98
N SER E 21 26.89 43.33 -4.71
CA SER E 21 28.24 43.12 -4.23
C SER E 21 28.55 41.62 -4.11
N CYS E 22 29.84 41.31 -4.14
CA CYS E 22 30.30 39.93 -4.07
C CYS E 22 31.69 39.92 -3.45
N SER E 23 31.85 39.15 -2.37
CA SER E 23 33.10 39.11 -1.61
C SER E 23 33.53 37.66 -1.48
N GLY E 24 34.79 37.38 -1.84
CA GLY E 24 35.37 36.05 -1.71
C GLY E 24 36.18 35.93 -0.44
N SER E 25 36.08 34.76 0.20
CA SER E 25 36.74 34.52 1.48
C SER E 25 38.21 34.17 1.35
N GLY E 26 38.76 34.16 0.13
CA GLY E 26 40.15 33.81 -0.08
C GLY E 26 41.07 35.02 -0.02
N SER E 27 42.36 34.74 -0.12
CA SER E 27 43.35 35.79 -0.21
C SER E 27 43.62 36.22 -1.65
N ASN E 28 43.45 35.32 -2.61
CA ASN E 28 43.68 35.62 -4.02
C ASN E 28 42.46 36.17 -4.73
N PHE E 29 41.37 36.42 -4.00
CA PHE E 29 40.13 36.83 -4.67
C PHE E 29 40.29 38.17 -5.38
N GLU E 30 41.07 39.08 -4.79
CA GLU E 30 41.28 40.39 -5.41
C GLU E 30 41.82 40.26 -6.83
N TYR E 31 42.75 39.34 -7.05
CA TYR E 31 43.40 39.23 -8.36
C TYR E 31 42.75 38.20 -9.27
N SER E 32 41.91 37.33 -8.71
CA SER E 32 41.16 36.37 -9.51
C SER E 32 40.05 37.07 -10.29
N PHE E 33 39.76 36.57 -11.48
CA PHE E 33 38.66 37.10 -12.28
C PHE E 33 37.32 36.65 -11.72
N VAL E 34 36.34 37.56 -11.77
CA VAL E 34 34.97 37.24 -11.35
C VAL E 34 34.05 37.32 -12.56
N TYR E 35 33.06 36.45 -12.60
CA TYR E 35 32.04 36.42 -13.64
C TYR E 35 30.66 36.57 -13.02
N TRP E 36 29.72 37.10 -13.80
CA TRP E 36 28.38 37.39 -13.32
C TRP E 36 27.36 36.71 -14.22
N TYR E 37 26.35 36.11 -13.61
CA TYR E 37 25.32 35.39 -14.35
C TYR E 37 23.94 35.88 -13.93
N GLN E 38 23.03 35.95 -14.88
CA GLN E 38 21.63 36.24 -14.63
C GLN E 38 20.79 35.00 -14.89
N GLN E 39 19.92 34.68 -13.95
CA GLN E 39 19.00 33.56 -14.10
C GLN E 39 17.57 34.04 -13.84
N VAL E 40 16.81 34.23 -14.92
CA VAL E 40 15.36 34.39 -14.77
C VAL E 40 14.76 33.10 -14.24
N PRO E 41 13.98 33.11 -13.15
CA PRO E 41 13.46 31.86 -12.57
C PRO E 41 12.69 31.07 -13.62
N GLY E 42 12.95 29.77 -13.67
CA GLY E 42 12.37 28.91 -14.67
C GLY E 42 13.15 28.79 -15.96
N MET E 43 14.34 29.36 -16.01
CA MET E 43 15.18 29.35 -17.21
C MET E 43 16.61 28.98 -16.83
N ALA E 44 17.44 28.84 -17.85
CA ALA E 44 18.84 28.53 -17.65
C ALA E 44 19.62 29.82 -17.39
N PRO E 45 20.69 29.75 -16.60
CA PRO E 45 21.53 30.93 -16.37
C PRO E 45 22.07 31.50 -17.66
N LYS E 46 22.56 32.73 -17.58
CA LYS E 46 23.10 33.42 -18.74
C LYS E 46 24.30 34.26 -18.32
N LEU E 47 25.40 34.14 -19.06
CA LEU E 47 26.59 34.94 -18.77
C LEU E 47 26.32 36.42 -19.01
N LEU E 48 26.61 37.25 -18.01
CA LEU E 48 26.51 38.71 -18.10
C LEU E 48 27.86 39.38 -18.20
N ILE E 49 28.81 39.05 -17.32
CA ILE E 49 30.12 39.67 -17.28
C ILE E 49 31.16 38.57 -17.12
N TYR E 50 32.28 38.70 -17.83
CA TYR E 50 33.43 37.84 -17.63
C TYR E 50 34.68 38.69 -17.49
N ASP E 51 35.66 38.15 -16.76
CA ASP E 51 36.94 38.82 -16.54
C ASP E 51 36.73 40.21 -15.93
N ASN E 52 35.94 40.23 -14.85
CA ASN E 52 35.69 41.41 -14.04
C ASN E 52 34.74 42.41 -14.70
N TYR E 53 34.96 42.77 -15.97
CA TYR E 53 34.22 43.86 -16.60
C TYR E 53 33.82 43.65 -18.05
N LYS E 54 34.33 42.63 -18.73
CA LYS E 54 34.02 42.47 -20.14
C LYS E 54 32.63 41.85 -20.30
N ARG E 55 31.98 42.25 -21.40
CA ARG E 55 30.58 41.91 -21.66
C ARG E 55 30.48 41.07 -22.92
N PRO E 56 29.82 39.92 -22.87
CA PRO E 56 29.54 39.17 -24.10
C PRO E 56 28.75 40.01 -25.09
N SER E 57 28.82 39.61 -26.35
CA SER E 57 28.00 40.26 -27.38
C SER E 57 26.54 39.91 -27.17
N GLY E 58 25.67 40.93 -27.22
CA GLY E 58 24.26 40.76 -26.98
C GLY E 58 23.81 41.18 -25.60
N VAL E 59 24.70 41.15 -24.60
CA VAL E 59 24.33 41.60 -23.27
C VAL E 59 24.21 43.12 -23.28
N SER E 60 23.08 43.61 -22.78
CA SER E 60 22.82 45.05 -22.82
C SER E 60 23.91 45.83 -22.09
N ASP E 61 24.22 47.01 -22.62
CA ASP E 61 25.22 47.89 -22.02
C ASP E 61 24.78 48.46 -20.68
N ARG E 62 23.56 48.20 -20.24
CA ARG E 62 23.13 48.63 -18.91
C ARG E 62 23.83 47.86 -17.81
N PHE E 63 24.40 46.70 -18.12
CA PHE E 63 25.16 45.91 -17.16
C PHE E 63 26.64 46.25 -17.27
N SER E 64 27.31 46.30 -16.12
CA SER E 64 28.74 46.53 -16.10
C SER E 64 29.28 45.96 -14.79
N GLY E 65 30.57 45.60 -14.81
CA GLY E 65 31.22 45.06 -13.64
C GLY E 65 32.49 45.81 -13.31
N SER E 66 32.84 45.78 -12.02
CA SER E 66 34.04 46.46 -11.54
C SER E 66 34.56 45.73 -10.31
N ARG E 67 35.73 46.18 -9.84
CA ARG E 67 36.37 45.63 -8.65
C ARG E 67 36.76 46.77 -7.74
N SER E 68 36.52 46.59 -6.45
CA SER E 68 36.89 47.57 -5.43
C SER E 68 37.43 46.80 -4.25
N GLY E 69 38.65 47.11 -3.83
CA GLY E 69 39.24 46.45 -2.68
C GLY E 69 39.42 44.97 -2.95
N THR E 70 38.78 44.15 -2.12
CA THR E 70 38.76 42.70 -2.30
C THR E 70 37.37 42.21 -2.70
N SER E 71 36.54 43.08 -3.27
CA SER E 71 35.19 42.71 -3.64
C SER E 71 34.96 42.96 -5.13
N ALA E 72 33.86 42.40 -5.63
CA ALA E 72 33.39 42.61 -6.98
C ALA E 72 31.98 43.18 -6.93
N SER E 73 31.60 43.91 -7.98
CA SER E 73 30.30 44.56 -8.03
C SER E 73 29.72 44.53 -9.42
N LEU E 74 28.45 44.13 -9.52
CA LEU E 74 27.64 44.26 -10.72
C LEU E 74 26.72 45.46 -10.58
N THR E 75 26.73 46.34 -11.59
CA THR E 75 25.88 47.53 -11.59
C THR E 75 24.90 47.45 -12.75
N ILE E 76 23.63 47.73 -12.47
CA ILE E 76 22.55 47.71 -13.46
C ILE E 76 21.98 49.11 -13.56
N THR E 77 22.15 49.75 -14.71
CA THR E 77 21.65 51.09 -14.95
C THR E 77 20.30 51.03 -15.67
N GLY E 78 19.44 52.01 -15.36
CA GLY E 78 18.12 52.10 -15.96
C GLY E 78 17.30 50.84 -15.79
N LEU E 79 16.96 50.51 -14.54
CA LEU E 79 16.27 49.27 -14.23
C LEU E 79 15.05 49.08 -15.13
N GLN E 80 14.69 47.82 -15.33
CA GLN E 80 13.46 47.48 -16.02
C GLN E 80 12.82 46.31 -15.29
N THR E 81 11.52 46.14 -15.51
CA THR E 81 10.83 45.02 -14.88
C THR E 81 11.37 43.68 -15.38
N GLU E 82 12.01 43.66 -16.54
CA GLU E 82 12.58 42.43 -17.08
C GLU E 82 13.83 42.00 -16.32
N ASP E 83 14.49 42.93 -15.62
CA ASP E 83 15.68 42.62 -14.86
C ASP E 83 15.39 41.90 -13.55
N GLU E 84 14.11 41.70 -13.22
CA GLU E 84 13.74 40.95 -12.03
C GLU E 84 14.20 39.50 -12.20
N SER E 85 15.29 39.14 -11.52
CA SER E 85 15.91 37.83 -11.68
C SER E 85 16.83 37.57 -10.50
N ASP E 86 17.53 36.45 -10.58
CA ASP E 86 18.60 36.10 -9.67
C ASP E 86 19.94 36.36 -10.37
N TYR E 87 20.88 36.97 -9.63
CA TYR E 87 22.20 37.26 -10.15
C TYR E 87 23.24 36.52 -9.32
N TYR E 88 24.21 35.91 -9.99
CA TYR E 88 25.23 35.10 -9.35
C TYR E 88 26.61 35.58 -9.79
N CYS E 89 27.49 35.81 -8.82
CA CYS E 89 28.90 35.99 -9.11
C CYS E 89 29.60 34.63 -9.02
N GLN E 90 30.80 34.57 -9.58
CA GLN E 90 31.48 33.29 -9.70
C GLN E 90 32.97 33.51 -9.91
N SER E 91 33.77 32.61 -9.36
CA SER E 91 35.21 32.63 -9.55
C SER E 91 35.72 31.23 -9.83
N TYR E 92 36.92 31.15 -10.39
CA TYR E 92 37.56 29.89 -10.73
C TYR E 92 38.85 29.77 -9.93
N ASP E 93 38.95 28.74 -9.09
CA ASP E 93 40.19 28.46 -8.37
C ASP E 93 41.14 27.69 -9.28
N SER E 94 42.33 28.23 -9.51
CA SER E 94 43.20 27.62 -10.52
C SER E 94 43.91 26.37 -10.00
N SER E 95 44.11 26.24 -8.68
CA SER E 95 44.82 25.09 -8.17
C SER E 95 43.92 23.87 -8.04
N LEU E 96 42.61 24.06 -7.84
CA LEU E 96 41.70 22.95 -7.64
C LEU E 96 40.90 22.58 -8.89
N THR E 97 40.95 23.41 -9.93
CA THR E 97 40.03 23.31 -11.07
C THR E 97 38.59 23.28 -10.59
N TYR E 98 38.29 24.11 -9.59
CA TYR E 98 36.95 24.29 -9.07
C TYR E 98 36.33 25.55 -9.66
N TRP E 99 35.01 25.54 -9.79
CA TRP E 99 34.24 26.76 -9.93
C TRP E 99 33.49 26.99 -8.63
N VAL E 100 33.38 28.25 -8.23
CA VAL E 100 32.71 28.63 -6.99
C VAL E 100 31.66 29.67 -7.34
N PHE E 101 30.40 29.32 -7.08
CA PHE E 101 29.31 30.27 -7.21
C PHE E 101 29.09 31.00 -5.89
N GLY E 102 28.62 32.25 -5.99
CA GLY E 102 28.09 32.94 -4.84
C GLY E 102 26.67 32.47 -4.50
N GLY E 103 26.19 32.89 -3.33
CA GLY E 103 24.88 32.46 -2.89
C GLY E 103 23.73 32.96 -3.74
N GLY E 104 23.97 34.02 -4.51
CA GLY E 104 22.94 34.57 -5.37
C GLY E 104 22.19 35.72 -4.75
N THR E 105 21.82 36.70 -5.57
CA THR E 105 21.11 37.88 -5.14
C THR E 105 19.80 37.97 -5.92
N ARG E 106 18.70 38.19 -5.22
CA ARG E 106 17.41 38.39 -5.88
C ARG E 106 17.17 39.87 -6.06
N LEU E 107 16.82 40.27 -7.29
CA LEU E 107 16.50 41.65 -7.60
C LEU E 107 14.99 41.78 -7.80
N THR E 108 14.35 42.56 -6.93
CA THR E 108 12.94 42.86 -7.05
C THR E 108 12.78 44.28 -7.61
N VAL E 109 12.04 44.41 -8.70
CA VAL E 109 11.74 45.69 -9.30
C VAL E 109 10.46 46.24 -8.68
N LEU E 110 10.58 47.36 -7.95
CA LEU E 110 9.45 47.95 -7.24
C LEU E 110 8.47 48.61 -8.21
N GLY E 111 7.26 48.88 -7.72
CA GLY E 111 6.27 49.55 -8.53
C GLY E 111 4.86 48.99 -8.44
N GLN E 112 4.72 47.67 -8.43
CA GLN E 112 3.41 47.05 -8.29
C GLN E 112 2.78 47.49 -6.97
N PRO E 113 1.51 47.88 -6.96
CA PRO E 113 0.86 48.27 -5.71
C PRO E 113 0.47 47.05 -4.89
N LYS E 114 0.28 47.27 -3.59
CA LYS E 114 -0.10 46.19 -2.70
C LYS E 114 -1.49 45.68 -3.09
N ALA E 115 -1.60 44.35 -3.24
CA ALA E 115 -2.88 43.71 -3.50
C ALA E 115 -3.14 42.68 -2.41
N ALA E 116 -4.37 42.68 -1.86
CA ALA E 116 -4.73 41.78 -0.79
C ALA E 116 -5.07 40.39 -1.34
N PRO E 117 -4.92 39.34 -0.51
CA PRO E 117 -5.26 38.00 -0.98
C PRO E 117 -6.75 37.85 -1.24
N SER E 118 -7.07 37.09 -2.28
CA SER E 118 -8.43 36.64 -2.54
C SER E 118 -8.49 35.15 -2.21
N VAL E 119 -9.36 34.78 -1.29
CA VAL E 119 -9.38 33.45 -0.69
C VAL E 119 -10.63 32.70 -1.15
N THR E 120 -10.46 31.44 -1.53
CA THR E 120 -11.54 30.51 -1.85
C THR E 120 -11.34 29.25 -1.04
N LEU E 121 -12.33 28.90 -0.21
CA LEU E 121 -12.23 27.76 0.71
C LEU E 121 -13.27 26.72 0.34
N PHE E 122 -12.82 25.50 0.10
CA PHE E 122 -13.70 24.40 -0.27
C PHE E 122 -13.76 23.36 0.84
N PRO E 123 -14.94 22.87 1.19
CA PRO E 123 -15.04 21.78 2.17
C PRO E 123 -14.74 20.45 1.52
N PRO E 124 -14.57 19.38 2.30
CA PRO E 124 -14.37 18.05 1.68
C PRO E 124 -15.61 17.61 0.94
N SER E 125 -15.42 17.15 -0.30
CA SER E 125 -16.53 16.65 -1.10
C SER E 125 -17.11 15.39 -0.46
N SER E 126 -18.38 15.11 -0.79
CA SER E 126 -19.01 13.92 -0.25
C SER E 126 -18.28 12.66 -0.69
N GLU E 127 -17.83 12.61 -1.94
CA GLU E 127 -17.19 11.41 -2.47
C GLU E 127 -15.85 11.13 -1.80
N GLU E 128 -15.11 12.19 -1.43
CA GLU E 128 -13.89 11.98 -0.65
C GLU E 128 -14.22 11.42 0.73
N LEU E 129 -15.35 11.84 1.29
CA LEU E 129 -15.81 11.26 2.56
C LEU E 129 -16.22 9.80 2.40
N GLN E 130 -16.78 9.43 1.24
CA GLN E 130 -17.11 8.03 1.01
C GLN E 130 -15.87 7.18 0.80
N ALA E 131 -14.76 7.79 0.41
CA ALA E 131 -13.48 7.12 0.33
C ALA E 131 -12.69 7.22 1.63
N ASN E 132 -13.36 7.57 2.73
CA ASN E 132 -12.75 7.65 4.06
C ASN E 132 -11.58 8.63 4.09
N LYS E 133 -11.78 9.80 3.47
CA LYS E 133 -10.77 10.85 3.47
C LYS E 133 -11.46 12.21 3.59
N ALA E 134 -10.71 13.21 4.02
CA ALA E 134 -11.25 14.56 4.18
C ALA E 134 -10.15 15.56 3.95
N THR E 135 -10.39 16.52 3.06
CA THR E 135 -9.38 17.52 2.74
C THR E 135 -10.04 18.88 2.58
N LEU E 136 -9.54 19.86 3.32
CA LEU E 136 -9.96 21.25 3.16
C LEU E 136 -8.99 21.94 2.21
N VAL E 137 -9.54 22.68 1.25
CA VAL E 137 -8.76 23.33 0.19
C VAL E 137 -8.95 24.84 0.33
N CYS E 138 -7.87 25.53 0.72
CA CYS E 138 -7.84 26.99 0.82
C CYS E 138 -6.97 27.51 -0.32
N LEU E 139 -7.58 28.21 -1.27
CA LEU E 139 -6.91 28.70 -2.46
C LEU E 139 -6.77 30.23 -2.37
N ILE E 140 -5.53 30.71 -2.40
CA ILE E 140 -5.26 32.17 -2.27
C ILE E 140 -4.68 32.67 -3.60
N SER E 141 -4.98 33.92 -3.98
CA SER E 141 -4.52 34.42 -5.30
C SER E 141 -4.62 35.95 -5.37
N ASP E 142 -3.88 36.56 -6.31
CA ASP E 142 -3.98 38.03 -6.54
C ASP E 142 -3.38 38.82 -5.37
N PHE E 143 -2.36 38.30 -4.68
CA PHE E 143 -1.71 39.10 -3.67
C PHE E 143 -0.34 39.55 -4.12
N TYR E 144 0.06 40.73 -3.65
CA TYR E 144 1.36 41.31 -3.88
C TYR E 144 1.69 42.19 -2.67
N PRO E 145 2.88 42.07 -2.08
CA PRO E 145 3.98 41.18 -2.49
C PRO E 145 3.72 39.69 -2.23
N GLY E 146 4.58 38.83 -2.77
CA GLY E 146 4.37 37.40 -2.72
C GLY E 146 4.78 36.73 -1.43
N ALA E 147 4.19 37.15 -0.32
CA ALA E 147 4.51 36.56 0.99
C ALA E 147 3.25 36.62 1.84
N VAL E 148 2.59 35.48 2.00
CA VAL E 148 1.48 35.35 2.93
C VAL E 148 1.89 34.35 4.00
N THR E 149 1.08 34.30 5.06
CA THR E 149 1.15 33.21 6.03
C THR E 149 -0.27 32.72 6.29
N VAL E 150 -0.41 31.41 6.44
CA VAL E 150 -1.72 30.76 6.49
C VAL E 150 -1.88 30.09 7.85
N ALA E 151 -3.03 30.31 8.48
CA ALA E 151 -3.37 29.72 9.76
C ALA E 151 -4.76 29.12 9.68
N TRP E 152 -4.94 27.96 10.29
CA TRP E 152 -6.22 27.28 10.28
C TRP E 152 -6.78 27.21 11.69
N LYS E 153 -8.11 27.29 11.77
CA LYS E 153 -8.83 27.21 13.03
C LYS E 153 -9.95 26.20 12.90
N ALA E 154 -10.20 25.44 13.98
CA ALA E 154 -11.30 24.49 14.05
C ALA E 154 -12.09 24.75 15.31
N ASP E 155 -13.36 25.14 15.14
CA ASP E 155 -14.21 25.47 16.29
C ASP E 155 -13.54 26.52 17.18
N SER E 156 -12.86 27.48 16.52
CA SER E 156 -12.03 28.50 17.16
C SER E 156 -10.81 27.92 17.88
N SER E 157 -10.29 26.80 17.41
CA SER E 157 -9.07 26.29 18.01
C SER E 157 -7.93 26.30 16.99
N PRO E 158 -6.75 26.75 17.40
CA PRO E 158 -5.57 26.67 16.52
C PRO E 158 -5.32 25.24 16.08
N VAL E 159 -5.17 25.04 14.77
CA VAL E 159 -4.91 23.74 14.17
C VAL E 159 -3.55 23.79 13.49
N LYS E 160 -2.54 23.20 14.14
CA LYS E 160 -1.21 23.15 13.54
C LYS E 160 -1.02 21.87 12.73
N ALA E 161 -1.36 20.73 13.30
CA ALA E 161 -1.12 19.43 12.66
C ALA E 161 -2.05 19.21 11.48
N GLY E 162 -1.48 18.71 10.39
CA GLY E 162 -2.24 18.40 9.19
C GLY E 162 -2.21 19.47 8.11
N VAL E 163 -1.41 20.51 8.27
CA VAL E 163 -1.40 21.64 7.35
C VAL E 163 -0.26 21.47 6.35
N GLU E 164 -0.60 21.50 5.07
CA GLU E 164 0.38 21.49 3.99
C GLU E 164 0.17 22.76 3.16
N THR E 165 1.17 23.63 3.16
CA THR E 165 1.08 24.91 2.47
C THR E 165 2.17 25.03 1.42
N THR E 166 1.79 25.44 0.21
CA THR E 166 2.74 25.67 -0.87
C THR E 166 3.43 27.01 -0.71
N THR E 167 4.62 27.11 -1.31
CA THR E 167 5.29 28.39 -1.40
C THR E 167 4.53 29.32 -2.34
N PRO E 168 4.73 30.63 -2.22
CA PRO E 168 4.12 31.55 -3.17
C PRO E 168 4.72 31.38 -4.56
N SER E 169 3.85 31.42 -5.58
CA SER E 169 4.26 31.32 -6.97
C SER E 169 3.64 32.45 -7.77
N LYS E 170 4.31 32.82 -8.86
CA LYS E 170 3.90 33.98 -9.65
C LYS E 170 2.77 33.59 -10.59
N GLN E 171 1.65 34.31 -10.49
CA GLN E 171 0.58 34.17 -11.46
C GLN E 171 0.96 34.86 -12.77
N SER E 172 0.08 34.76 -13.76
CA SER E 172 0.34 35.39 -15.05
C SER E 172 0.19 36.90 -15.01
N ASN E 173 -0.55 37.44 -14.04
CA ASN E 173 -0.77 38.88 -13.94
C ASN E 173 0.27 39.57 -13.05
N ASN E 174 1.40 38.91 -12.79
CA ASN E 174 2.49 39.41 -11.94
C ASN E 174 2.08 39.56 -10.47
N LYS E 175 0.91 39.06 -10.09
CA LYS E 175 0.58 38.84 -8.70
C LYS E 175 0.88 37.38 -8.35
N TYR E 176 0.59 36.99 -7.10
CA TYR E 176 1.02 35.70 -6.58
C TYR E 176 -0.17 34.85 -6.15
N ALA E 177 0.03 33.54 -6.19
CA ALA E 177 -0.96 32.57 -5.77
C ALA E 177 -0.32 31.57 -4.81
N ALA E 178 -1.17 30.88 -4.06
CA ALA E 178 -0.71 29.90 -3.08
C ALA E 178 -1.87 28.98 -2.73
N SER E 179 -1.55 27.85 -2.12
CA SER E 179 -2.55 26.90 -1.68
C SER E 179 -2.15 26.35 -0.32
N SER E 180 -3.14 26.09 0.52
CA SER E 180 -2.92 25.42 1.80
C SER E 180 -3.97 24.34 1.96
N TYR E 181 -3.53 23.12 2.22
CA TYR E 181 -4.48 21.98 2.37
C TYR E 181 -4.45 21.46 3.81
N LEU E 182 -5.61 21.40 4.46
CA LEU E 182 -5.69 20.88 5.85
C LEU E 182 -6.22 19.44 5.80
N SER E 183 -5.33 18.45 6.00
CA SER E 183 -5.74 17.02 5.97
C SER E 183 -6.49 16.68 7.26
N LEU E 184 -7.63 16.00 7.15
CA LEU E 184 -8.44 15.64 8.34
C LEU E 184 -9.10 14.27 8.12
N THR E 185 -9.45 13.57 9.19
CA THR E 185 -10.19 12.29 9.06
C THR E 185 -11.68 12.61 9.01
N PRO E 186 -12.54 11.90 8.24
CA PRO E 186 -13.95 12.28 8.11
C PRO E 186 -14.62 12.54 9.45
N GLU E 187 -14.18 11.86 10.52
CA GLU E 187 -14.76 12.11 11.84
C GLU E 187 -14.26 13.42 12.43
N GLN E 188 -13.00 13.80 12.16
CA GLN E 188 -12.52 15.10 12.59
C GLN E 188 -13.32 16.22 11.93
N TRP E 189 -13.68 16.05 10.66
CA TRP E 189 -14.40 17.09 9.94
C TRP E 189 -15.80 17.31 10.51
N LYS E 190 -16.50 16.22 10.83
CA LYS E 190 -17.84 16.27 11.38
C LYS E 190 -17.85 16.66 12.87
N SER E 191 -16.71 16.53 13.54
CA SER E 191 -16.66 16.74 14.98
C SER E 191 -16.70 18.21 15.35
N HIS E 192 -16.43 19.11 14.40
CA HIS E 192 -16.34 20.53 14.67
C HIS E 192 -17.42 21.29 13.92
N ARG E 193 -17.87 22.39 14.53
CA ARG E 193 -18.95 23.18 13.95
C ARG E 193 -18.50 24.01 12.75
N SER E 194 -17.22 24.33 12.64
CA SER E 194 -16.73 25.11 11.52
C SER E 194 -15.22 25.02 11.44
N TYR E 195 -14.70 25.27 10.25
CA TYR E 195 -13.27 25.39 10.00
C TYR E 195 -13.00 26.69 9.24
N SER E 196 -11.82 27.27 9.46
CA SER E 196 -11.45 28.51 8.78
C SER E 196 -9.97 28.50 8.45
N CYS E 197 -9.64 29.03 7.27
CA CYS E 197 -8.25 29.40 6.98
C CYS E 197 -8.15 30.92 7.04
N GLN E 198 -7.15 31.40 7.78
CA GLN E 198 -6.88 32.82 7.93
C GLN E 198 -5.58 33.13 7.19
N VAL E 199 -5.68 33.89 6.12
CA VAL E 199 -4.51 34.32 5.36
C VAL E 199 -4.08 35.70 5.85
N THR E 200 -2.83 35.81 6.29
CA THR E 200 -2.28 37.08 6.75
C THR E 200 -1.33 37.63 5.70
N HIS E 201 -1.44 38.92 5.43
CA HIS E 201 -0.67 39.55 4.36
C HIS E 201 -0.56 41.04 4.66
N GLU E 202 0.66 41.51 4.91
CA GLU E 202 0.92 42.93 5.13
C GLU E 202 0.06 43.49 6.25
N GLY E 203 0.11 42.82 7.41
CA GLY E 203 -0.61 43.27 8.57
C GLY E 203 -2.12 43.18 8.48
N SER E 204 -2.65 42.51 7.47
CA SER E 204 -4.09 42.32 7.34
C SER E 204 -4.38 40.84 7.16
N THR E 205 -5.46 40.38 7.75
CA THR E 205 -5.85 38.98 7.71
C THR E 205 -7.19 38.83 6.99
N VAL E 206 -7.21 37.98 5.98
CA VAL E 206 -8.43 37.64 5.25
C VAL E 206 -8.87 36.24 5.68
N GLU E 207 -10.14 36.09 6.03
CA GLU E 207 -10.63 34.85 6.61
C GLU E 207 -11.88 34.36 5.89
N LYS E 208 -11.94 33.05 5.66
CA LYS E 208 -13.15 32.39 5.18
C LYS E 208 -13.41 31.16 6.04
N THR E 209 -14.69 30.82 6.19
CA THR E 209 -15.13 29.76 7.07
C THR E 209 -16.08 28.84 6.32
N VAL E 210 -15.97 27.54 6.59
CA VAL E 210 -16.83 26.54 6.00
C VAL E 210 -17.27 25.57 7.10
N ALA E 211 -18.42 24.94 6.89
CA ALA E 211 -19.02 24.06 7.88
C ALA E 211 -19.86 23.00 7.18
N PRO E 212 -20.04 21.83 7.81
CA PRO E 212 -20.94 20.79 7.28
C PRO E 212 -22.39 21.26 7.20
N GLN F 1 -37.73 -16.03 -30.86
CA GLN F 1 -37.13 -16.41 -32.13
C GLN F 1 -36.73 -17.87 -32.18
N SER F 2 -36.70 -18.44 -33.39
CA SER F 2 -36.23 -19.80 -33.59
C SER F 2 -34.74 -19.79 -33.91
N ALA F 3 -34.06 -20.85 -33.50
CA ALA F 3 -32.61 -20.92 -33.61
C ALA F 3 -32.18 -21.57 -34.92
N LEU F 4 -30.93 -21.29 -35.31
CA LEU F 4 -30.29 -21.93 -36.44
C LEU F 4 -29.19 -22.85 -35.96
N THR F 5 -29.15 -24.05 -36.53
CA THR F 5 -28.19 -25.07 -36.15
C THR F 5 -27.19 -25.29 -37.28
N GLN F 6 -25.90 -25.25 -36.95
CA GLN F 6 -24.79 -25.51 -37.86
C GLN F 6 -23.94 -26.65 -37.32
N PRO F 7 -23.34 -27.44 -38.21
CA PRO F 7 -22.35 -28.42 -37.74
C PRO F 7 -21.12 -27.71 -37.20
N PRO F 8 -20.54 -28.22 -36.12
CA PRO F 8 -19.44 -27.47 -35.48
C PRO F 8 -18.19 -27.35 -36.34
N SER F 9 -17.94 -28.30 -37.24
CA SER F 9 -16.66 -28.31 -37.94
C SER F 9 -16.78 -28.98 -39.31
N VAL F 10 -15.98 -28.50 -40.24
CA VAL F 10 -15.79 -29.14 -41.55
C VAL F 10 -14.31 -29.13 -41.87
N SER F 11 -13.87 -30.13 -42.62
CA SER F 11 -12.45 -30.34 -42.89
C SER F 11 -12.27 -30.69 -44.36
N GLY F 12 -11.19 -30.18 -44.96
CA GLY F 12 -10.89 -30.49 -46.33
C GLY F 12 -9.43 -30.27 -46.70
N ALA F 13 -8.87 -31.13 -47.53
CA ALA F 13 -7.54 -30.86 -48.04
C ALA F 13 -7.63 -29.91 -49.23
N PRO F 14 -6.56 -29.16 -49.51
CA PRO F 14 -6.68 -28.09 -50.52
C PRO F 14 -7.05 -28.62 -51.89
N GLY F 15 -7.88 -27.85 -52.59
CA GLY F 15 -8.41 -28.25 -53.87
C GLY F 15 -9.74 -28.98 -53.82
N GLU F 16 -10.15 -29.47 -52.65
CA GLU F 16 -11.39 -30.22 -52.54
C GLU F 16 -12.58 -29.29 -52.36
N ARG F 17 -13.77 -29.88 -52.34
CA ARG F 17 -15.00 -29.15 -52.14
C ARG F 17 -15.56 -29.48 -50.76
N VAL F 18 -16.12 -28.48 -50.08
CA VAL F 18 -16.77 -28.70 -48.80
C VAL F 18 -18.10 -27.98 -48.80
N THR F 19 -19.01 -28.44 -47.96
CA THR F 19 -20.32 -27.83 -47.85
C THR F 19 -20.69 -27.74 -46.37
N ILE F 20 -21.34 -26.63 -46.00
CA ILE F 20 -21.75 -26.38 -44.63
C ILE F 20 -23.27 -26.29 -44.61
N SER F 21 -23.90 -27.04 -43.72
CA SER F 21 -25.35 -27.05 -43.65
C SER F 21 -25.83 -26.03 -42.62
N CYS F 22 -27.13 -25.75 -42.67
CA CYS F 22 -27.77 -24.78 -41.78
C CYS F 22 -29.24 -25.14 -41.71
N SER F 23 -29.73 -25.49 -40.52
CA SER F 23 -31.11 -25.89 -40.31
C SER F 23 -31.82 -24.88 -39.41
N GLY F 24 -33.09 -24.61 -39.72
CA GLY F 24 -33.87 -23.66 -38.96
C GLY F 24 -35.13 -24.30 -38.38
N SER F 25 -35.52 -23.80 -37.20
CA SER F 25 -36.64 -24.38 -36.46
C SER F 25 -37.99 -23.79 -36.85
N GLY F 26 -38.01 -22.55 -37.35
CA GLY F 26 -39.28 -21.90 -37.63
C GLY F 26 -40.05 -22.57 -38.74
N SER F 27 -41.38 -22.42 -38.69
CA SER F 27 -42.24 -22.99 -39.72
C SER F 27 -42.12 -22.26 -41.06
N ASN F 28 -41.61 -21.03 -41.06
CA ASN F 28 -41.42 -20.25 -42.27
C ASN F 28 -39.99 -20.34 -42.80
N PHE F 29 -39.12 -21.09 -42.13
CA PHE F 29 -37.70 -21.06 -42.46
C PHE F 29 -37.43 -21.44 -43.91
N GLU F 30 -38.25 -22.31 -44.49
CA GLU F 30 -38.03 -22.71 -45.87
C GLU F 30 -38.04 -21.52 -46.82
N TYR F 31 -38.97 -20.60 -46.63
CA TYR F 31 -39.13 -19.49 -47.56
C TYR F 31 -38.38 -18.24 -47.14
N SER F 32 -38.02 -18.13 -45.87
CA SER F 32 -37.25 -16.98 -45.42
C SER F 32 -35.85 -17.02 -46.01
N PHE F 33 -35.26 -15.84 -46.19
CA PHE F 33 -33.93 -15.74 -46.77
C PHE F 33 -32.86 -16.16 -45.77
N VAL F 34 -31.79 -16.77 -46.26
CA VAL F 34 -30.63 -17.13 -45.46
C VAL F 34 -29.43 -16.36 -46.00
N TYR F 35 -28.57 -15.88 -45.09
CA TYR F 35 -27.34 -15.20 -45.43
C TYR F 35 -26.16 -15.90 -44.78
N TRP F 36 -25.00 -15.80 -45.44
CA TRP F 36 -23.77 -16.44 -44.98
C TRP F 36 -22.67 -15.39 -44.80
N TYR F 37 -21.85 -15.58 -43.77
CA TYR F 37 -20.74 -14.71 -43.47
C TYR F 37 -19.49 -15.54 -43.21
N GLN F 38 -18.33 -14.95 -43.49
CA GLN F 38 -17.05 -15.57 -43.21
C GLN F 38 -16.28 -14.69 -42.23
N GLN F 39 -15.81 -15.28 -41.14
CA GLN F 39 -14.99 -14.56 -40.15
C GLN F 39 -13.60 -15.19 -40.09
N VAL F 40 -12.63 -14.53 -40.69
CA VAL F 40 -11.22 -14.89 -40.49
C VAL F 40 -10.89 -14.74 -39.00
N PRO F 41 -10.13 -15.66 -38.40
CA PRO F 41 -10.00 -15.68 -36.92
C PRO F 41 -9.61 -14.36 -36.27
N GLY F 42 -8.93 -13.45 -36.97
CA GLY F 42 -8.54 -12.19 -36.35
C GLY F 42 -9.10 -10.93 -36.99
N MET F 43 -10.27 -11.03 -37.60
CA MET F 43 -10.85 -9.91 -38.35
C MET F 43 -12.35 -9.87 -38.11
N ALA F 44 -12.97 -8.83 -38.65
CA ALA F 44 -14.41 -8.65 -38.58
C ALA F 44 -15.11 -9.55 -39.59
N PRO F 45 -16.33 -9.99 -39.31
CA PRO F 45 -17.05 -10.82 -40.27
C PRO F 45 -17.29 -10.07 -41.58
N LYS F 46 -17.64 -10.82 -42.61
CA LYS F 46 -17.87 -10.24 -43.92
C LYS F 46 -18.91 -11.07 -44.65
N LEU F 47 -19.71 -10.41 -45.48
CA LEU F 47 -20.82 -11.07 -46.17
C LEU F 47 -20.32 -11.86 -47.37
N LEU F 48 -20.76 -13.12 -47.47
CA LEU F 48 -20.46 -13.99 -48.60
C LEU F 48 -21.66 -14.18 -49.53
N ILE F 49 -22.83 -14.45 -48.95
CA ILE F 49 -24.03 -14.81 -49.69
C ILE F 49 -25.21 -14.11 -49.01
N TYR F 50 -26.09 -13.54 -49.82
CA TYR F 50 -27.32 -12.95 -49.30
C TYR F 50 -28.48 -13.43 -50.17
N ASP F 51 -29.66 -13.50 -49.56
CA ASP F 51 -30.89 -13.94 -50.22
C ASP F 51 -30.69 -15.30 -50.89
N ASN F 52 -30.22 -16.26 -50.10
CA ASN F 52 -30.08 -17.67 -50.44
C ASN F 52 -28.84 -17.97 -51.29
N TYR F 53 -28.62 -17.22 -52.36
CA TYR F 53 -27.58 -17.60 -53.32
C TYR F 53 -26.82 -16.46 -53.96
N LYS F 54 -27.19 -15.20 -53.72
CA LYS F 54 -26.58 -14.09 -54.42
C LYS F 54 -25.27 -13.68 -53.77
N ARG F 55 -24.26 -13.44 -54.60
CA ARG F 55 -22.94 -13.00 -54.16
C ARG F 55 -22.81 -11.49 -54.30
N PRO F 56 -22.27 -10.79 -53.31
CA PRO F 56 -21.92 -9.39 -53.52
C PRO F 56 -20.63 -9.28 -54.32
N SER F 57 -20.37 -8.10 -54.87
CA SER F 57 -19.19 -7.97 -55.77
C SER F 57 -17.90 -8.16 -54.98
N GLY F 58 -16.91 -8.81 -55.59
CA GLY F 58 -15.64 -9.06 -54.90
C GLY F 58 -15.58 -10.38 -54.16
N VAL F 59 -16.71 -11.06 -53.99
CA VAL F 59 -16.68 -12.42 -53.37
C VAL F 59 -16.43 -13.48 -54.45
N SER F 60 -15.46 -14.37 -54.22
CA SER F 60 -15.09 -15.41 -55.23
C SER F 60 -16.32 -16.27 -55.57
N ASP F 61 -16.44 -16.69 -56.84
CA ASP F 61 -17.59 -17.50 -57.29
C ASP F 61 -17.54 -18.88 -56.62
N ARG F 62 -16.34 -19.39 -56.32
CA ARG F 62 -16.21 -20.74 -55.71
C ARG F 62 -17.10 -20.81 -54.47
N PHE F 63 -17.57 -19.65 -53.98
CA PHE F 63 -18.50 -19.64 -52.84
C PHE F 63 -19.92 -19.62 -53.44
N SER F 64 -20.77 -20.50 -52.93
CA SER F 64 -22.14 -20.62 -53.46
C SER F 64 -23.12 -21.06 -52.38
N GLY F 65 -24.34 -20.58 -52.47
CA GLY F 65 -25.39 -21.00 -51.54
C GLY F 65 -26.56 -21.68 -52.22
N SER F 66 -27.25 -22.52 -51.47
CA SER F 66 -28.42 -23.17 -52.03
C SER F 66 -29.39 -23.49 -50.90
N ARG F 67 -30.62 -23.84 -51.29
CA ARG F 67 -31.66 -24.27 -50.36
C ARG F 67 -32.18 -25.63 -50.78
N SER F 68 -32.37 -26.51 -49.80
CA SER F 68 -32.94 -27.83 -50.04
C SER F 68 -33.87 -28.15 -48.88
N GLY F 69 -35.15 -28.33 -49.17
CA GLY F 69 -36.12 -28.58 -48.11
C GLY F 69 -36.16 -27.41 -47.15
N THR F 70 -36.05 -27.71 -45.86
CA THR F 70 -36.03 -26.68 -44.82
C THR F 70 -34.61 -26.32 -44.38
N SER F 71 -33.64 -26.42 -45.28
CA SER F 71 -32.24 -26.20 -44.91
C SER F 71 -31.57 -25.28 -45.91
N ALA F 72 -30.39 -24.80 -45.54
CA ALA F 72 -29.55 -23.98 -46.39
C ALA F 72 -28.13 -24.53 -46.38
N SER F 73 -27.41 -24.34 -47.47
CA SER F 73 -26.08 -24.91 -47.58
C SER F 73 -25.13 -23.95 -48.28
N LEU F 74 -23.95 -23.78 -47.69
CA LEU F 74 -22.85 -23.05 -48.32
C LEU F 74 -21.87 -24.08 -48.84
N THR F 75 -21.46 -23.91 -50.10
CA THR F 75 -20.54 -24.82 -50.76
C THR F 75 -19.29 -24.05 -51.17
N ILE F 76 -18.13 -24.53 -50.72
CA ILE F 76 -16.84 -23.93 -51.05
C ILE F 76 -16.08 -24.91 -51.94
N THR F 77 -15.80 -24.50 -53.17
CA THR F 77 -15.04 -25.33 -54.10
C THR F 77 -13.60 -24.84 -54.20
N GLY F 78 -12.73 -25.72 -54.71
CA GLY F 78 -11.32 -25.42 -54.80
C GLY F 78 -10.74 -24.94 -53.50
N LEU F 79 -10.88 -25.74 -52.44
CA LEU F 79 -10.57 -25.27 -51.08
C LEU F 79 -9.19 -24.65 -50.98
N GLN F 80 -9.09 -23.48 -50.36
CA GLN F 80 -7.78 -22.84 -50.21
C GLN F 80 -7.51 -22.64 -48.72
N THR F 81 -6.21 -22.55 -48.44
CA THR F 81 -5.78 -22.46 -47.03
C THR F 81 -6.28 -21.18 -46.37
N GLU F 82 -6.43 -20.11 -47.15
CA GLU F 82 -7.00 -18.87 -46.66
C GLU F 82 -8.47 -19.03 -46.27
N ASP F 83 -9.16 -20.03 -46.80
CA ASP F 83 -10.54 -20.31 -46.44
C ASP F 83 -10.71 -20.79 -45.00
N GLU F 84 -9.61 -21.07 -44.29
CA GLU F 84 -9.71 -21.44 -42.89
C GLU F 84 -10.33 -20.26 -42.15
N SER F 85 -11.54 -20.45 -41.64
CA SER F 85 -12.32 -19.37 -41.04
C SER F 85 -13.53 -20.00 -40.38
N ASP F 86 -14.21 -19.19 -39.58
CA ASP F 86 -15.54 -19.55 -39.10
C ASP F 86 -16.56 -19.08 -40.13
N TYR F 87 -17.61 -19.88 -40.31
CA TYR F 87 -18.68 -19.56 -41.26
C TYR F 87 -20.01 -19.59 -40.53
N TYR F 88 -20.79 -18.52 -40.69
CA TYR F 88 -22.05 -18.35 -39.98
C TYR F 88 -23.18 -18.20 -40.99
N CYS F 89 -24.28 -18.89 -40.77
CA CYS F 89 -25.50 -18.60 -41.50
C CYS F 89 -26.37 -17.70 -40.65
N GLN F 90 -27.33 -17.05 -41.31
CA GLN F 90 -28.17 -16.05 -40.62
C GLN F 90 -29.53 -15.88 -41.30
N SER F 91 -30.55 -15.61 -40.50
CA SER F 91 -31.91 -15.35 -41.02
C SER F 91 -32.48 -14.12 -40.29
N TYR F 92 -33.33 -13.35 -40.96
CA TYR F 92 -34.00 -12.21 -40.28
C TYR F 92 -35.48 -12.51 -40.10
N ASP F 93 -36.04 -12.11 -38.94
CA ASP F 93 -37.49 -12.29 -38.70
C ASP F 93 -38.15 -10.91 -38.72
N SER F 94 -38.91 -10.59 -39.78
CA SER F 94 -39.54 -9.26 -39.91
C SER F 94 -40.52 -9.02 -38.76
N SER F 95 -41.26 -10.06 -38.36
CA SER F 95 -42.28 -9.91 -37.29
C SER F 95 -41.61 -9.38 -36.01
N LEU F 96 -40.39 -9.86 -35.71
CA LEU F 96 -39.71 -9.44 -34.46
C LEU F 96 -38.55 -8.50 -34.78
N THR F 97 -38.26 -8.29 -36.07
CA THR F 97 -37.08 -7.46 -36.45
C THR F 97 -35.86 -8.03 -35.73
N TYR F 98 -35.78 -9.36 -35.62
CA TYR F 98 -34.68 -10.00 -34.86
C TYR F 98 -33.77 -10.78 -35.81
N TRP F 99 -32.46 -10.52 -35.76
CA TRP F 99 -31.50 -11.26 -36.62
C TRP F 99 -31.02 -12.51 -35.87
N VAL F 100 -31.28 -13.70 -36.43
CA VAL F 100 -30.83 -14.98 -35.80
C VAL F 100 -29.50 -15.40 -36.40
N PHE F 101 -28.42 -15.31 -35.61
CA PHE F 101 -27.08 -15.74 -36.10
C PHE F 101 -26.90 -17.24 -35.87
N GLY F 102 -26.49 -17.97 -36.90
CA GLY F 102 -26.23 -19.42 -36.76
C GLY F 102 -25.08 -19.66 -35.80
N GLY F 103 -25.07 -20.80 -35.12
CA GLY F 103 -24.02 -21.09 -34.12
C GLY F 103 -22.64 -20.91 -34.73
N GLY F 104 -22.44 -21.41 -35.95
CA GLY F 104 -21.15 -21.23 -36.64
C GLY F 104 -20.55 -22.55 -37.09
N THR F 105 -19.51 -22.49 -37.92
CA THR F 105 -18.85 -23.71 -38.40
C THR F 105 -17.38 -23.40 -38.67
N ARG F 106 -16.48 -24.08 -37.96
CA ARG F 106 -15.05 -23.90 -38.16
C ARG F 106 -14.57 -24.78 -39.30
N LEU F 107 -13.97 -24.17 -40.31
CA LEU F 107 -13.41 -24.88 -41.44
C LEU F 107 -11.91 -25.01 -41.28
N THR F 108 -11.41 -26.25 -41.29
CA THR F 108 -9.98 -26.53 -41.29
C THR F 108 -9.57 -27.03 -42.67
N VAL F 109 -8.47 -26.50 -43.18
CA VAL F 109 -7.90 -26.94 -44.45
C VAL F 109 -6.74 -27.89 -44.13
N LEU F 110 -6.96 -29.18 -44.36
CA LEU F 110 -5.97 -30.20 -44.04
C LEU F 110 -4.75 -30.09 -44.97
N GLY F 111 -3.66 -30.74 -44.57
CA GLY F 111 -2.49 -30.77 -45.42
C GLY F 111 -1.18 -30.42 -44.73
N GLN F 112 -1.24 -29.47 -43.80
CA GLN F 112 -0.03 -29.09 -43.03
C GLN F 112 0.47 -30.34 -42.29
N PRO F 113 1.77 -30.68 -42.37
CA PRO F 113 2.27 -31.91 -41.77
C PRO F 113 2.35 -31.81 -40.25
N LYS F 114 2.19 -32.95 -39.60
CA LYS F 114 2.27 -33.01 -38.15
C LYS F 114 3.63 -32.50 -37.68
N ALA F 115 3.62 -31.68 -36.63
CA ALA F 115 4.85 -31.16 -36.05
C ALA F 115 4.77 -31.28 -34.53
N ALA F 116 5.81 -31.86 -33.93
CA ALA F 116 5.82 -32.03 -32.48
C ALA F 116 6.13 -30.70 -31.79
N PRO F 117 5.64 -30.53 -30.56
CA PRO F 117 5.95 -29.30 -29.82
C PRO F 117 7.41 -29.23 -29.43
N SER F 118 7.93 -28.02 -29.43
CA SER F 118 9.23 -27.69 -28.86
C SER F 118 8.98 -27.00 -27.53
N VAL F 119 9.65 -27.45 -26.48
CA VAL F 119 9.36 -27.03 -25.11
C VAL F 119 10.60 -26.36 -24.51
N THR F 120 10.40 -25.18 -23.91
CA THR F 120 11.46 -24.47 -23.19
C THR F 120 10.99 -24.24 -21.75
N LEU F 121 11.83 -24.62 -20.78
CA LEU F 121 11.46 -24.61 -19.36
C LEU F 121 12.44 -23.74 -18.59
N PHE F 122 11.91 -22.73 -17.90
CA PHE F 122 12.78 -21.89 -17.11
C PHE F 122 12.54 -22.09 -15.62
N PRO F 123 13.60 -22.11 -14.82
CA PRO F 123 13.42 -22.11 -13.36
C PRO F 123 13.10 -20.71 -12.86
N PRO F 124 12.69 -20.57 -11.59
CA PRO F 124 12.48 -19.22 -11.07
C PRO F 124 13.79 -18.46 -11.00
N SER F 125 13.77 -17.22 -11.46
CA SER F 125 14.95 -16.37 -11.38
C SER F 125 15.27 -16.00 -9.94
N SER F 126 16.56 -15.79 -9.67
CA SER F 126 16.98 -15.38 -8.34
C SER F 126 16.38 -14.02 -7.96
N GLU F 127 16.14 -13.16 -8.96
CA GLU F 127 15.49 -11.88 -8.69
C GLU F 127 14.06 -12.09 -8.19
N GLU F 128 13.36 -13.08 -8.73
CA GLU F 128 12.02 -13.39 -8.24
C GLU F 128 12.07 -14.07 -6.88
N LEU F 129 13.07 -14.95 -6.66
CA LEU F 129 13.17 -15.63 -5.37
C LEU F 129 13.46 -14.67 -4.24
N GLN F 130 14.09 -13.52 -4.52
CA GLN F 130 14.29 -12.48 -3.52
C GLN F 130 13.06 -11.62 -3.30
N ALA F 131 12.05 -11.73 -4.17
CA ALA F 131 10.74 -11.14 -3.93
C ALA F 131 9.77 -12.12 -3.29
N ASN F 132 10.29 -13.18 -2.66
CA ASN F 132 9.51 -14.19 -1.94
C ASN F 132 8.55 -14.96 -2.86
N LYS F 133 8.78 -14.90 -4.18
CA LYS F 133 7.92 -15.57 -5.15
C LYS F 133 8.74 -16.58 -5.95
N ALA F 134 8.02 -17.41 -6.71
CA ALA F 134 8.67 -18.42 -7.56
C ALA F 134 7.71 -18.81 -8.67
N THR F 135 8.18 -18.77 -9.91
CA THR F 135 7.35 -19.06 -11.07
C THR F 135 8.15 -19.90 -12.06
N LEU F 136 7.64 -21.08 -12.39
CA LEU F 136 8.22 -21.90 -13.44
C LEU F 136 7.49 -21.62 -14.75
N VAL F 137 8.24 -21.49 -15.83
CA VAL F 137 7.70 -21.07 -17.12
C VAL F 137 7.99 -22.14 -18.15
N CYS F 138 6.93 -22.70 -18.74
CA CYS F 138 7.03 -23.73 -19.77
C CYS F 138 6.45 -23.16 -21.06
N LEU F 139 7.32 -22.92 -22.04
CA LEU F 139 6.92 -22.32 -23.30
C LEU F 139 6.94 -23.36 -24.41
N ILE F 140 5.81 -23.48 -25.09
CA ILE F 140 5.58 -24.51 -26.10
C ILE F 140 5.37 -23.82 -27.44
N SER F 141 5.98 -24.36 -28.49
CA SER F 141 5.91 -23.65 -29.76
C SER F 141 6.08 -24.63 -30.91
N ASP F 142 5.64 -24.19 -32.10
CA ASP F 142 5.90 -24.82 -33.39
C ASP F 142 5.19 -26.15 -33.57
N PHE F 143 4.10 -26.39 -32.85
CA PHE F 143 3.38 -27.65 -32.95
C PHE F 143 2.19 -27.50 -33.88
N TYR F 144 1.79 -28.63 -34.49
CA TYR F 144 0.64 -28.72 -35.36
C TYR F 144 0.08 -30.14 -35.29
N PRO F 145 -1.24 -30.31 -35.12
CA PRO F 145 -2.26 -29.27 -35.06
C PRO F 145 -2.28 -28.54 -33.72
N GLY F 146 -3.07 -27.46 -33.63
CA GLY F 146 -3.10 -26.60 -32.46
C GLY F 146 -3.84 -27.17 -31.26
N ALA F 147 -3.25 -28.17 -30.62
CA ALA F 147 -3.89 -28.80 -29.45
C ALA F 147 -2.83 -29.54 -28.66
N VAL F 148 -2.70 -29.20 -27.37
CA VAL F 148 -1.76 -29.85 -26.47
C VAL F 148 -2.43 -29.98 -25.10
N THR F 149 -1.89 -30.89 -24.29
CA THR F 149 -2.19 -30.96 -22.87
C THR F 149 -0.88 -30.91 -22.10
N VAL F 150 -0.89 -30.22 -20.96
CA VAL F 150 0.30 -30.02 -20.16
C VAL F 150 0.10 -30.64 -18.79
N ALA F 151 1.16 -31.22 -18.25
CA ALA F 151 1.12 -31.85 -16.95
C ALA F 151 2.44 -31.57 -16.26
N TRP F 152 2.37 -31.11 -15.02
CA TRP F 152 3.57 -30.79 -14.27
C TRP F 152 3.86 -31.90 -13.27
N LYS F 153 5.12 -31.98 -12.85
CA LYS F 153 5.55 -32.97 -11.89
C LYS F 153 6.56 -32.35 -10.95
N ALA F 154 6.39 -32.61 -9.65
CA ALA F 154 7.40 -32.31 -8.65
C ALA F 154 8.04 -33.63 -8.24
N ASP F 155 9.38 -33.70 -8.38
CA ASP F 155 10.09 -34.97 -8.34
C ASP F 155 9.47 -35.91 -9.36
N SER F 156 8.66 -36.86 -8.90
CA SER F 156 7.93 -37.74 -9.79
C SER F 156 6.42 -37.72 -9.57
N SER F 157 5.94 -36.90 -8.64
CA SER F 157 4.53 -36.83 -8.25
C SER F 157 3.82 -35.68 -8.97
N PRO F 158 2.57 -35.90 -9.38
CA PRO F 158 1.86 -34.87 -10.14
C PRO F 158 1.54 -33.64 -9.30
N VAL F 159 1.25 -32.55 -10.01
CA VAL F 159 0.91 -31.27 -9.41
C VAL F 159 -0.13 -30.59 -10.30
N LYS F 160 -1.25 -30.17 -9.72
CA LYS F 160 -2.21 -29.36 -10.45
C LYS F 160 -2.50 -28.02 -9.80
N ALA F 161 -2.02 -27.78 -8.58
CA ALA F 161 -2.23 -26.50 -7.92
C ALA F 161 -1.16 -25.51 -8.38
N GLY F 162 -1.58 -24.27 -8.63
CA GLY F 162 -0.68 -23.24 -9.11
C GLY F 162 -0.42 -23.26 -10.59
N VAL F 163 -1.18 -24.04 -11.35
CA VAL F 163 -0.96 -24.22 -12.78
C VAL F 163 -1.90 -23.31 -13.55
N GLU F 164 -1.33 -22.45 -14.38
CA GLU F 164 -2.09 -21.64 -15.32
C GLU F 164 -1.54 -21.89 -16.72
N THR F 165 -2.42 -22.22 -17.65
CA THR F 165 -2.05 -22.61 -19.00
C THR F 165 -2.90 -21.85 -20.00
N THR F 166 -2.27 -21.36 -21.07
CA THR F 166 -2.99 -20.65 -22.11
C THR F 166 -3.64 -21.63 -23.09
N THR F 167 -4.53 -21.09 -23.90
CA THR F 167 -5.05 -21.82 -25.03
C THR F 167 -4.06 -21.77 -26.17
N PRO F 168 -4.10 -22.75 -27.09
CA PRO F 168 -3.26 -22.68 -28.27
C PRO F 168 -3.53 -21.41 -29.08
N SER F 169 -2.53 -20.99 -29.83
CA SER F 169 -2.59 -19.75 -30.59
C SER F 169 -1.70 -19.87 -31.81
N LYS F 170 -2.09 -19.19 -32.88
CA LYS F 170 -1.44 -19.38 -34.17
C LYS F 170 -0.20 -18.49 -34.29
N GLN F 171 0.93 -19.10 -34.63
CA GLN F 171 2.16 -18.37 -34.87
C GLN F 171 2.15 -17.77 -36.27
N SER F 172 3.24 -17.07 -36.61
CA SER F 172 3.35 -16.44 -37.91
C SER F 172 3.73 -17.45 -39.00
N ASN F 173 4.42 -18.52 -38.64
CA ASN F 173 4.77 -19.59 -39.58
C ASN F 173 3.67 -20.64 -39.71
N ASN F 174 2.44 -20.30 -39.31
CA ASN F 174 1.24 -21.12 -39.44
C ASN F 174 1.27 -22.36 -38.56
N LYS F 175 2.17 -22.43 -37.60
CA LYS F 175 2.12 -23.40 -36.52
C LYS F 175 1.58 -22.72 -35.26
N TYR F 176 1.57 -23.44 -34.15
CA TYR F 176 0.87 -22.99 -32.96
C TYR F 176 1.80 -22.94 -31.75
N ALA F 177 1.42 -22.10 -30.79
CA ALA F 177 2.19 -21.90 -29.57
C ALA F 177 1.25 -21.81 -28.38
N ALA F 178 1.79 -22.05 -27.19
CA ALA F 178 1.05 -21.98 -25.93
C ALA F 178 2.05 -21.87 -24.77
N SER F 179 1.53 -21.50 -23.60
CA SER F 179 2.35 -21.31 -22.41
C SER F 179 1.66 -21.93 -21.21
N SER F 180 2.48 -22.32 -20.22
CA SER F 180 1.98 -22.84 -18.95
C SER F 180 2.86 -22.32 -17.82
N TYR F 181 2.23 -21.95 -16.71
CA TYR F 181 2.92 -21.35 -15.58
C TYR F 181 2.60 -22.13 -14.30
N LEU F 182 3.61 -22.29 -13.46
CA LEU F 182 3.48 -22.99 -12.18
C LEU F 182 3.97 -22.04 -11.09
N SER F 183 3.04 -21.57 -10.25
CA SER F 183 3.35 -20.69 -9.13
C SER F 183 3.63 -21.52 -7.89
N LEU F 184 4.77 -21.24 -7.25
CA LEU F 184 5.22 -21.97 -6.07
C LEU F 184 5.68 -20.98 -5.02
N THR F 185 6.02 -21.51 -3.84
CA THR F 185 6.76 -20.71 -2.89
C THR F 185 8.23 -21.06 -2.96
N PRO F 186 9.11 -20.13 -2.61
CA PRO F 186 10.54 -20.45 -2.56
C PRO F 186 10.85 -21.71 -1.76
N GLU F 187 10.05 -22.03 -0.75
CA GLU F 187 10.30 -23.24 0.03
C GLU F 187 9.91 -24.49 -0.76
N GLN F 188 8.78 -24.44 -1.49
CA GLN F 188 8.40 -25.58 -2.31
C GLN F 188 9.43 -25.83 -3.42
N TRP F 189 9.86 -24.77 -4.10
CA TRP F 189 10.82 -24.92 -5.19
C TRP F 189 12.13 -25.52 -4.69
N LYS F 190 12.58 -25.13 -3.50
CA LYS F 190 13.84 -25.64 -2.96
C LYS F 190 13.71 -27.03 -2.36
N SER F 191 12.50 -27.43 -1.96
CA SER F 191 12.33 -28.70 -1.25
C SER F 191 12.53 -29.88 -2.20
N HIS F 192 11.80 -29.90 -3.31
CA HIS F 192 11.86 -31.04 -4.22
C HIS F 192 13.21 -31.09 -4.93
N ARG F 193 13.49 -32.23 -5.56
CA ARG F 193 14.74 -32.39 -6.28
C ARG F 193 14.68 -31.74 -7.65
N SER F 194 13.55 -31.88 -8.34
CA SER F 194 13.41 -31.31 -9.67
C SER F 194 11.93 -31.10 -9.97
N TYR F 195 11.67 -30.28 -10.99
CA TYR F 195 10.33 -30.07 -11.52
C TYR F 195 10.36 -30.31 -13.02
N SER F 196 9.26 -30.85 -13.56
CA SER F 196 9.17 -31.20 -14.96
C SER F 196 7.86 -30.73 -15.58
N CYS F 197 7.96 -30.24 -16.81
CA CYS F 197 6.81 -29.87 -17.64
C CYS F 197 6.67 -30.90 -18.75
N GLN F 198 5.49 -31.51 -18.86
CA GLN F 198 5.25 -32.59 -19.81
C GLN F 198 4.14 -32.19 -20.76
N VAL F 199 4.46 -32.12 -22.04
CA VAL F 199 3.54 -31.65 -23.06
C VAL F 199 3.18 -32.82 -23.97
N THR F 200 1.90 -33.19 -23.98
CA THR F 200 1.43 -34.28 -24.82
C THR F 200 0.82 -33.72 -26.09
N HIS F 201 1.14 -34.34 -27.21
CA HIS F 201 0.66 -33.89 -28.52
C HIS F 201 0.55 -35.11 -29.43
N GLU F 202 -0.67 -35.61 -29.61
CA GLU F 202 -0.96 -36.73 -30.50
C GLU F 202 -0.17 -37.98 -30.13
N GLY F 203 -0.42 -38.46 -28.91
CA GLY F 203 0.20 -39.68 -28.43
C GLY F 203 1.66 -39.57 -28.06
N SER F 204 2.29 -38.43 -28.30
CA SER F 204 3.71 -38.21 -28.01
C SER F 204 3.83 -37.17 -26.91
N THR F 205 4.78 -37.38 -25.99
CA THR F 205 4.97 -36.49 -24.86
C THR F 205 6.40 -35.99 -24.85
N VAL F 206 6.55 -34.66 -24.84
CA VAL F 206 7.84 -33.99 -24.77
C VAL F 206 8.01 -33.47 -23.34
N GLU F 207 9.14 -33.80 -22.71
CA GLU F 207 9.38 -33.49 -21.31
C GLU F 207 10.67 -32.69 -21.13
N LYS F 208 10.64 -31.75 -20.18
CA LYS F 208 11.79 -30.98 -19.75
C LYS F 208 11.83 -30.96 -18.22
N THR F 209 12.99 -30.63 -17.66
CA THR F 209 13.19 -30.74 -16.23
C THR F 209 14.18 -29.69 -15.74
N VAL F 210 13.85 -29.01 -14.64
CA VAL F 210 14.74 -28.05 -14.01
C VAL F 210 14.84 -28.34 -12.52
N ALA F 211 15.95 -27.93 -11.93
CA ALA F 211 16.27 -28.19 -10.53
C ALA F 211 16.98 -26.98 -9.95
N PRO F 212 16.93 -26.79 -8.62
CA PRO F 212 17.65 -25.70 -7.96
C PRO F 212 19.17 -25.80 -8.12
N GLN G 1 20.66 17.68 6.45
CA GLN G 1 20.59 16.39 5.78
C GLN G 1 21.41 15.34 6.53
N VAL G 2 22.55 15.73 7.08
CA VAL G 2 23.33 14.84 7.92
C VAL G 2 22.54 14.58 9.20
N GLN G 3 22.30 13.32 9.50
CA GLN G 3 21.51 12.98 10.67
C GLN G 3 21.97 11.62 11.21
N LEU G 4 21.63 11.38 12.46
CA LEU G 4 21.87 10.11 13.12
C LEU G 4 20.51 9.48 13.39
N VAL G 5 20.23 8.35 12.77
CA VAL G 5 18.96 7.65 12.95
C VAL G 5 19.13 6.57 14.00
N GLN G 6 18.27 6.58 15.01
CA GLN G 6 18.37 5.66 16.13
C GLN G 6 17.25 4.63 16.07
N SER G 7 17.43 3.54 16.83
CA SER G 7 16.37 2.56 16.97
C SER G 7 15.29 3.09 17.91
N GLY G 8 14.17 2.37 17.97
CA GLY G 8 13.01 2.81 18.71
C GLY G 8 13.10 2.51 20.19
N ALA G 9 12.00 2.79 20.89
CA ALA G 9 11.88 2.56 22.32
C ALA G 9 11.94 1.07 22.64
N GLU G 10 12.33 0.77 23.87
CA GLU G 10 12.42 -0.59 24.38
C GLU G 10 11.92 -0.65 25.81
N VAL G 11 11.17 -1.70 26.13
CA VAL G 11 10.73 -1.97 27.50
C VAL G 11 11.39 -3.27 27.95
N LYS G 12 11.98 -3.24 29.15
CA LYS G 12 12.84 -4.33 29.59
C LYS G 12 12.64 -4.62 31.07
N LYS G 13 12.72 -5.91 31.41
CA LYS G 13 12.74 -6.31 32.79
C LYS G 13 14.11 -5.98 33.41
N PRO G 14 14.16 -5.72 34.71
CA PRO G 14 15.45 -5.53 35.37
C PRO G 14 16.30 -6.78 35.22
N GLY G 15 17.61 -6.58 35.07
CA GLY G 15 18.53 -7.67 34.84
C GLY G 15 18.76 -8.00 33.38
N ALA G 16 17.93 -7.50 32.48
CA ALA G 16 18.06 -7.74 31.05
C ALA G 16 19.06 -6.80 30.41
N SER G 17 19.08 -6.75 29.07
CA SER G 17 20.01 -5.90 28.33
C SER G 17 19.30 -5.25 27.15
N VAL G 18 19.78 -4.07 26.79
CA VAL G 18 19.31 -3.35 25.61
C VAL G 18 20.49 -3.11 24.69
N LYS G 19 20.22 -3.09 23.40
CA LYS G 19 21.19 -2.63 22.41
C LYS G 19 20.51 -1.56 21.56
N VAL G 20 20.89 -0.32 21.78
CA VAL G 20 20.38 0.81 21.00
C VAL G 20 21.39 1.11 19.90
N SER G 21 20.90 1.35 18.70
CA SER G 21 21.76 1.58 17.55
C SER G 21 21.67 3.03 17.08
N CYS G 22 22.70 3.45 16.34
CA CYS G 22 22.79 4.81 15.82
C CYS G 22 23.49 4.72 14.47
N LYS G 23 22.73 4.86 13.39
CA LYS G 23 23.24 4.81 12.04
C LYS G 23 23.44 6.23 11.50
N ALA G 24 24.60 6.46 10.88
CA ALA G 24 24.93 7.75 10.29
C ALA G 24 24.37 7.85 8.88
N SER G 25 23.64 8.93 8.61
CA SER G 25 23.05 9.18 7.30
C SER G 25 23.58 10.50 6.75
N GLY G 26 24.09 10.47 5.53
CA GLY G 26 24.67 11.64 4.91
C GLY G 26 26.15 11.81 5.13
N PHE G 27 26.81 10.85 5.76
CA PHE G 27 28.26 10.90 6.00
C PHE G 27 28.70 9.54 6.51
N THR G 28 30.01 9.31 6.44
CA THR G 28 30.62 8.09 6.95
C THR G 28 31.37 8.41 8.24
N PHE G 29 31.83 7.35 8.91
CA PHE G 29 32.51 7.49 10.19
C PHE G 29 33.65 8.51 10.08
N GLY G 30 34.57 8.28 9.14
CA GLY G 30 35.66 9.22 8.95
C GLY G 30 36.44 9.43 10.23
N ARG G 31 36.75 10.69 10.53
CA ARG G 31 37.43 11.05 11.77
C ARG G 31 36.45 11.54 12.83
N TYR G 32 35.16 11.22 12.69
CA TYR G 32 34.18 11.63 13.69
C TYR G 32 34.19 10.67 14.87
N SER G 33 33.84 11.19 16.03
CA SER G 33 33.56 10.39 17.20
C SER G 33 32.05 10.38 17.45
N PHE G 34 31.60 9.41 18.25
CA PHE G 34 30.18 9.21 18.52
C PHE G 34 30.01 8.93 20.00
N THR G 35 29.29 9.80 20.69
CA THR G 35 29.05 9.67 22.12
C THR G 35 27.61 9.22 22.37
N TRP G 36 27.38 8.77 23.59
CA TRP G 36 26.04 8.38 24.05
C TRP G 36 25.74 9.15 25.31
N VAL G 37 24.58 9.80 25.32
CA VAL G 37 24.14 10.63 26.44
C VAL G 37 22.72 10.22 26.79
N ARG G 38 22.42 10.14 28.08
CA ARG G 38 21.09 9.74 28.51
C ARG G 38 20.46 10.81 29.41
N GLN G 39 19.16 10.67 29.61
CA GLN G 39 18.41 11.59 30.46
C GLN G 39 17.26 10.81 31.09
N ALA G 40 17.41 10.46 32.37
CA ALA G 40 16.31 9.88 33.12
C ALA G 40 15.16 10.88 33.18
N PRO G 41 13.91 10.40 33.17
CA PRO G 41 12.76 11.33 33.13
C PRO G 41 12.81 12.34 34.27
N GLY G 42 12.70 13.63 33.91
CA GLY G 42 12.74 14.71 34.86
C GLY G 42 14.12 15.24 35.19
N GLN G 43 15.18 14.49 34.90
CA GLN G 43 16.52 14.81 35.34
C GLN G 43 17.33 15.42 34.18
N GLY G 44 18.62 15.65 34.43
CA GLY G 44 19.48 16.30 33.47
C GLY G 44 20.24 15.32 32.58
N LEU G 45 20.95 15.87 31.60
CA LEU G 45 21.71 15.05 30.68
C LEU G 45 22.91 14.42 31.39
N GLU G 46 23.22 13.18 31.03
CA GLU G 46 24.27 12.42 31.70
C GLU G 46 25.08 11.67 30.64
N TRP G 47 26.38 11.95 30.59
CA TRP G 47 27.23 11.32 29.59
C TRP G 47 27.48 9.86 29.94
N VAL G 48 27.34 8.99 28.94
CA VAL G 48 27.42 7.54 29.11
C VAL G 48 28.75 6.98 28.59
N GLY G 49 29.07 7.25 27.32
CA GLY G 49 30.26 6.67 26.75
C GLY G 49 30.52 7.21 25.35
N VAL G 50 31.61 6.72 24.75
CA VAL G 50 32.11 7.23 23.48
C VAL G 50 32.83 6.11 22.73
N ILE G 51 32.88 6.25 21.41
CA ILE G 51 33.67 5.38 20.55
C ILE G 51 34.32 6.22 19.47
N VAL G 52 35.61 5.97 19.23
CA VAL G 52 36.35 6.64 18.15
C VAL G 52 36.65 5.59 17.08
N PRO G 53 35.79 5.41 16.08
CA PRO G 53 35.93 4.26 15.18
C PRO G 53 37.26 4.17 14.45
N LEU G 54 37.92 5.30 14.18
CA LEU G 54 39.16 5.28 13.41
C LEU G 54 40.24 4.51 14.16
N VAL G 55 40.43 4.81 15.44
CA VAL G 55 41.44 4.13 16.25
C VAL G 55 40.84 3.02 17.11
N GLY G 56 39.52 2.88 17.14
CA GLY G 56 38.88 1.80 17.86
C GLY G 56 38.73 2.01 19.36
N VAL G 57 39.05 3.19 19.87
CA VAL G 57 38.97 3.43 21.31
C VAL G 57 37.52 3.58 21.73
N THR G 58 37.17 3.03 22.89
CA THR G 58 35.88 3.21 23.52
C THR G 58 36.09 3.52 24.98
N ASN G 59 35.25 4.37 25.54
CA ASN G 59 35.30 4.66 26.96
C ASN G 59 33.88 4.91 27.43
N SER G 60 33.69 4.85 28.75
CA SER G 60 32.37 5.05 29.33
C SER G 60 32.52 5.60 30.74
N ALA G 61 31.44 6.22 31.22
CA ALA G 61 31.44 6.76 32.58
C ALA G 61 31.66 5.65 33.60
N LYS G 62 32.39 5.98 34.68
CA LYS G 62 32.76 4.94 35.64
C LYS G 62 31.54 4.38 36.38
N LYS G 63 30.47 5.17 36.52
CA LYS G 63 29.25 4.65 37.12
C LYS G 63 28.70 3.47 36.32
N PHE G 64 28.95 3.46 35.00
CA PHE G 64 28.72 2.28 34.17
C PHE G 64 30.01 1.48 34.16
N GLN G 65 30.24 0.75 35.25
CA GLN G 65 31.46 -0.02 35.44
C GLN G 65 31.24 -1.42 34.91
N GLY G 66 31.59 -1.64 33.64
CA GLY G 66 31.48 -2.97 33.06
C GLY G 66 30.09 -3.37 32.63
N ARG G 67 29.17 -2.41 32.48
CA ARG G 67 27.83 -2.69 31.96
C ARG G 67 27.59 -2.10 30.58
N VAL G 68 28.55 -1.34 30.04
CA VAL G 68 28.41 -0.67 28.75
C VAL G 68 29.43 -1.26 27.79
N THR G 69 28.97 -1.69 26.63
CA THR G 69 29.84 -2.12 25.54
C THR G 69 29.41 -1.36 24.29
N ILE G 70 30.31 -0.52 23.77
CA ILE G 70 30.04 0.27 22.58
C ILE G 70 30.85 -0.30 21.42
N THR G 71 30.17 -0.60 20.31
CA THR G 71 30.78 -1.18 19.13
C THR G 71 30.32 -0.41 17.90
N ALA G 72 31.00 -0.62 16.78
CA ALA G 72 30.67 0.10 15.55
C ALA G 72 30.92 -0.80 14.34
N ASP G 73 29.95 -0.81 13.41
CA ASP G 73 30.05 -1.53 12.13
C ASP G 73 30.46 -0.51 11.07
N THR G 74 31.72 -0.57 10.65
CA THR G 74 32.23 0.41 9.69
C THR G 74 31.60 0.28 8.31
N SER G 75 31.08 -0.89 7.96
CA SER G 75 30.48 -1.06 6.65
C SER G 75 29.11 -0.40 6.56
N THR G 76 28.36 -0.36 7.67
CA THR G 76 27.03 0.24 7.69
C THR G 76 27.01 1.62 8.33
N ASN G 77 28.14 2.05 8.91
CA ASN G 77 28.22 3.33 9.63
C ASN G 77 27.21 3.37 10.75
N THR G 78 27.19 2.30 11.54
CA THR G 78 26.27 2.17 12.66
C THR G 78 27.08 1.95 13.93
N VAL G 79 26.80 2.73 14.95
CA VAL G 79 27.38 2.50 16.27
C VAL G 79 26.31 1.88 17.14
N TYR G 80 26.75 1.09 18.11
CA TYR G 80 25.85 0.37 18.99
C TYR G 80 26.26 0.61 20.43
N MET G 81 25.27 0.76 21.31
CA MET G 81 25.48 0.84 22.75
C MET G 81 24.72 -0.29 23.40
N ASP G 82 25.45 -1.18 24.07
CA ASP G 82 24.85 -2.27 24.82
C ASP G 82 24.91 -1.95 26.31
N LEU G 83 23.76 -1.96 26.97
CA LEU G 83 23.69 -1.77 28.40
C LEU G 83 23.14 -3.04 29.04
N SER G 84 23.94 -3.65 29.91
CA SER G 84 23.57 -4.92 30.53
C SER G 84 23.20 -4.71 31.99
N SER G 85 22.60 -5.74 32.58
CA SER G 85 22.15 -5.75 33.97
C SER G 85 21.38 -4.47 34.31
N LEU G 86 20.29 -4.27 33.57
CA LEU G 86 19.53 -3.04 33.71
C LEU G 86 18.86 -2.97 35.08
N ARG G 87 18.71 -1.75 35.57
CA ARG G 87 17.98 -1.47 36.80
C ARG G 87 16.99 -0.35 36.53
N SER G 88 16.09 -0.11 37.49
CA SER G 88 15.11 0.96 37.35
C SER G 88 15.77 2.32 37.11
N GLU G 89 16.92 2.56 37.75
CA GLU G 89 17.65 3.79 37.56
C GLU G 89 18.08 4.02 36.12
N ASP G 90 18.08 2.97 35.29
CA ASP G 90 18.50 3.10 33.90
C ASP G 90 17.39 3.60 32.99
N THR G 91 16.17 3.74 33.50
CA THR G 91 15.07 4.27 32.69
C THR G 91 15.42 5.69 32.24
N ALA G 92 15.49 5.89 30.93
CA ALA G 92 16.02 7.13 30.40
C ALA G 92 15.90 7.13 28.89
N VAL G 93 15.94 8.32 28.31
CA VAL G 93 16.05 8.45 26.86
C VAL G 93 17.54 8.47 26.52
N TYR G 94 17.97 7.57 25.66
CA TYR G 94 19.37 7.44 25.28
C TYR G 94 19.60 8.13 23.94
N TYR G 95 20.46 9.15 23.94
CA TYR G 95 20.82 9.88 22.73
C TYR G 95 22.20 9.49 22.23
N CYS G 96 22.38 9.51 20.91
CA CYS G 96 23.69 9.47 20.29
C CYS G 96 24.01 10.83 19.69
N ALA G 97 25.29 11.19 19.71
CA ALA G 97 25.73 12.48 19.21
C ALA G 97 27.06 12.33 18.52
N ARG G 98 27.22 13.02 17.39
CA ARG G 98 28.51 13.10 16.70
C ARG G 98 29.39 14.17 17.34
N VAL G 99 30.70 13.92 17.33
CA VAL G 99 31.67 14.80 17.97
C VAL G 99 32.81 15.09 16.99
N GLY G 100 33.15 16.36 16.83
CA GLY G 100 34.35 16.73 16.11
C GLY G 100 34.06 17.24 14.71
N ASP G 101 35.07 17.89 14.13
CA ASP G 101 35.03 18.30 12.74
C ASP G 101 35.55 17.15 11.88
N ARG G 102 35.76 17.40 10.59
CA ARG G 102 36.22 16.35 9.69
C ARG G 102 37.72 16.05 9.83
N PHE G 103 38.39 16.65 10.80
CA PHE G 103 39.80 16.39 11.06
C PHE G 103 40.05 15.72 12.40
N GLY G 104 38.99 15.46 13.18
CA GLY G 104 39.13 14.85 14.49
C GLY G 104 39.24 15.83 15.64
N SER G 105 39.27 17.14 15.37
CA SER G 105 39.37 18.16 16.39
C SER G 105 37.97 18.61 16.84
N GLY G 106 37.91 19.14 18.05
CA GLY G 106 36.65 19.62 18.59
C GLY G 106 35.92 18.55 19.37
N TYR G 107 35.30 18.93 20.48
CA TYR G 107 34.68 17.95 21.37
C TYR G 107 33.24 18.34 21.70
N ALA G 108 32.64 19.24 20.92
CA ALA G 108 31.24 19.58 21.07
C ALA G 108 30.39 18.58 20.29
N MET G 109 29.26 18.19 20.88
CA MET G 109 28.33 17.29 20.21
C MET G 109 27.41 18.13 19.33
N ASP G 110 27.67 18.10 18.02
CA ASP G 110 26.97 18.98 17.09
C ASP G 110 25.74 18.35 16.45
N VAL G 111 25.76 17.05 16.16
CA VAL G 111 24.62 16.37 15.53
C VAL G 111 24.04 15.38 16.53
N TRP G 112 22.71 15.34 16.63
CA TRP G 112 22.05 14.52 17.63
C TRP G 112 20.97 13.66 16.99
N GLY G 113 20.90 12.39 17.43
CA GLY G 113 19.77 11.56 17.08
C GLY G 113 18.53 11.94 17.87
N ARG G 114 17.40 11.36 17.44
CA ARG G 114 16.11 11.66 18.06
C ARG G 114 16.03 11.19 19.51
N GLY G 115 16.87 10.24 19.90
CA GLY G 115 16.76 9.62 21.20
C GLY G 115 15.89 8.37 21.18
N ALA G 116 16.13 7.49 22.14
CA ALA G 116 15.40 6.24 22.26
C ALA G 116 15.06 6.01 23.72
N LEU G 117 13.77 5.86 24.02
CA LEU G 117 13.33 5.68 25.40
C LEU G 117 13.51 4.24 25.82
N VAL G 118 14.18 4.03 26.93
CA VAL G 118 14.33 2.70 27.53
C VAL G 118 13.62 2.72 28.87
N THR G 119 12.57 1.92 28.99
CA THR G 119 11.82 1.78 30.23
C THR G 119 12.18 0.45 30.88
N VAL G 120 12.62 0.51 32.14
CA VAL G 120 12.99 -0.68 32.91
C VAL G 120 12.01 -0.82 34.06
N SER G 121 11.33 -1.97 34.14
CA SER G 121 10.32 -2.19 35.15
C SER G 121 10.06 -3.68 35.29
N SER G 122 9.79 -4.12 36.52
CA SER G 122 9.45 -5.51 36.76
C SER G 122 8.02 -5.85 36.31
N ALA G 123 7.21 -4.84 36.00
CA ALA G 123 5.84 -5.09 35.56
C ALA G 123 5.83 -5.84 34.22
N SER G 124 4.74 -6.56 33.98
CA SER G 124 4.53 -7.28 32.74
C SER G 124 3.38 -6.65 31.96
N THR G 125 3.46 -6.75 30.64
CA THR G 125 2.43 -6.18 29.74
C THR G 125 1.03 -6.60 30.18
N LYS G 126 0.16 -5.62 30.43
CA LYS G 126 -1.24 -5.88 30.81
C LYS G 126 -2.15 -4.86 30.13
N GLY G 127 -3.22 -5.33 29.50
CA GLY G 127 -4.21 -4.43 28.89
C GLY G 127 -5.03 -3.71 29.92
N PRO G 128 -5.55 -2.49 29.65
CA PRO G 128 -6.23 -1.70 30.69
C PRO G 128 -7.72 -2.02 30.90
N SER G 129 -8.24 -1.73 32.10
CA SER G 129 -9.68 -1.94 32.38
C SER G 129 -10.40 -0.59 32.26
N VAL G 130 -11.27 -0.44 31.27
CA VAL G 130 -11.95 0.87 31.04
C VAL G 130 -13.22 0.98 31.89
N PHE G 131 -13.48 2.16 32.46
CA PHE G 131 -14.71 2.38 33.26
C PHE G 131 -15.36 3.68 32.82
N PRO G 132 -16.70 3.74 32.87
CA PRO G 132 -17.42 4.96 32.50
C PRO G 132 -17.51 6.00 33.63
N LEU G 133 -17.17 7.25 33.33
CA LEU G 133 -17.32 8.34 34.30
C LEU G 133 -18.60 9.09 33.93
N ALA G 134 -19.69 8.73 34.61
CA ALA G 134 -21.01 9.22 34.21
C ALA G 134 -21.18 10.69 34.57
N PRO G 135 -21.72 11.51 33.67
CA PRO G 135 -22.05 12.89 34.02
C PRO G 135 -23.37 12.96 34.77
N SER G 136 -23.62 14.12 35.38
CA SER G 136 -24.87 14.37 36.06
C SER G 136 -25.37 15.76 35.69
N SER G 137 -26.69 15.93 35.71
CA SER G 137 -27.33 17.19 35.36
C SER G 137 -27.95 17.87 36.57
N GLY G 142 -26.52 28.24 29.94
CA GLY G 142 -26.49 27.32 28.81
C GLY G 142 -26.18 25.90 29.22
N GLY G 143 -25.53 25.75 30.37
CA GLY G 143 -25.23 24.45 30.92
C GLY G 143 -24.10 23.74 30.22
N THR G 144 -23.37 22.90 30.96
CA THR G 144 -22.32 22.09 30.37
C THR G 144 -22.09 20.88 31.28
N ALA G 145 -22.00 19.70 30.67
CA ALA G 145 -21.82 18.44 31.37
C ALA G 145 -20.50 17.81 30.95
N ALA G 146 -19.79 17.27 31.93
CA ALA G 146 -18.49 16.64 31.69
C ALA G 146 -18.61 15.14 31.90
N LEU G 147 -18.15 14.36 30.92
CA LEU G 147 -18.16 12.91 31.05
C LEU G 147 -16.83 12.36 30.57
N GLY G 148 -16.43 11.24 31.16
CA GLY G 148 -15.11 10.73 30.90
C GLY G 148 -14.98 9.22 30.84
N CYS G 149 -13.73 8.75 30.80
CA CYS G 149 -13.42 7.32 30.78
C CYS G 149 -12.18 7.10 31.64
N LEU G 150 -12.29 6.22 32.62
CA LEU G 150 -11.15 5.86 33.46
C LEU G 150 -10.48 4.62 32.86
N VAL G 151 -9.20 4.75 32.53
CA VAL G 151 -8.43 3.69 31.90
C VAL G 151 -7.41 3.16 32.89
N LYS G 152 -7.78 2.09 33.62
CA LYS G 152 -7.10 1.70 34.84
C LYS G 152 -6.20 0.49 34.65
N ASP G 153 -5.02 0.55 35.28
CA ASP G 153 -4.14 -0.61 35.50
C ASP G 153 -3.70 -1.24 34.18
N TYR G 154 -2.84 -0.52 33.47
CA TYR G 154 -2.24 -1.04 32.23
C TYR G 154 -0.73 -0.80 32.25
N PHE G 155 -0.04 -1.54 31.38
CA PHE G 155 1.41 -1.47 31.22
C PHE G 155 1.77 -2.10 29.90
N PRO G 156 2.68 -1.51 29.12
CA PRO G 156 3.30 -0.21 29.38
C PRO G 156 2.61 0.91 28.62
N GLU G 157 3.15 2.12 28.77
CA GLU G 157 2.71 3.24 27.96
C GLU G 157 2.95 2.92 26.48
N PRO G 158 2.20 3.57 25.58
CA PRO G 158 1.08 4.50 25.80
C PRO G 158 -0.28 3.89 25.53
N VAL G 159 -1.34 4.64 25.86
CA VAL G 159 -2.70 4.34 25.41
C VAL G 159 -3.26 5.58 24.74
N THR G 160 -4.14 5.36 23.78
CA THR G 160 -4.84 6.43 23.09
C THR G 160 -6.33 6.36 23.41
N VAL G 161 -6.96 7.52 23.53
CA VAL G 161 -8.39 7.62 23.77
C VAL G 161 -8.99 8.60 22.78
N SER G 162 -9.95 8.12 21.99
CA SER G 162 -10.79 8.96 21.15
C SER G 162 -12.23 8.81 21.61
N TRP G 163 -13.10 9.63 21.04
CA TRP G 163 -14.51 9.56 21.37
C TRP G 163 -15.31 9.47 20.09
N ASN G 164 -16.27 8.55 20.06
CA ASN G 164 -17.10 8.32 18.87
C ASN G 164 -16.22 8.17 17.63
N SER G 165 -15.13 7.41 17.79
CA SER G 165 -14.19 7.12 16.70
C SER G 165 -13.61 8.40 16.11
N GLY G 166 -13.54 9.45 16.91
CA GLY G 166 -13.03 10.74 16.46
C GLY G 166 -14.09 11.71 16.02
N ALA G 167 -15.36 11.29 15.95
CA ALA G 167 -16.44 12.21 15.61
C ALA G 167 -16.76 13.19 16.72
N LEU G 168 -16.08 13.12 17.86
CA LEU G 168 -16.28 14.06 18.96
C LEU G 168 -14.90 14.43 19.49
N THR G 169 -14.41 15.62 19.10
CA THR G 169 -13.10 16.10 19.51
C THR G 169 -13.14 17.42 20.26
N SER G 170 -14.22 18.19 20.15
CA SER G 170 -14.32 19.48 20.83
C SER G 170 -14.58 19.27 22.31
N GLY G 171 -13.72 19.82 23.15
CA GLY G 171 -13.83 19.65 24.58
C GLY G 171 -13.25 18.36 25.11
N VAL G 172 -12.43 17.67 24.31
CA VAL G 172 -11.82 16.40 24.71
C VAL G 172 -10.46 16.67 25.31
N HIS G 173 -10.24 16.20 26.54
CA HIS G 173 -8.98 16.36 27.25
C HIS G 173 -8.58 15.00 27.80
N THR G 174 -7.54 14.41 27.22
CA THR G 174 -6.97 13.17 27.72
C THR G 174 -5.77 13.53 28.60
N PHE G 175 -5.88 13.26 29.90
CA PHE G 175 -4.86 13.65 30.87
C PHE G 175 -3.72 12.65 30.88
N PRO G 176 -2.51 13.11 31.19
CA PRO G 176 -1.38 12.17 31.29
C PRO G 176 -1.61 11.10 32.35
N ALA G 177 -0.92 9.98 32.22
CA ALA G 177 -1.17 8.85 33.15
C ALA G 177 -0.46 9.00 34.49
N VAL G 178 -0.94 8.25 35.50
CA VAL G 178 -0.25 8.26 36.82
C VAL G 178 0.22 6.82 37.11
N LEU G 179 1.53 6.58 36.98
CA LEU G 179 2.06 5.19 37.18
C LEU G 179 1.84 4.78 38.64
N GLN G 180 1.28 3.59 38.85
CA GLN G 180 1.01 3.10 40.24
C GLN G 180 2.20 2.26 40.72
N SER G 181 2.27 2.01 42.03
CA SER G 181 3.36 1.14 42.57
C SER G 181 3.26 -0.24 41.94
N SER G 182 2.06 -0.65 41.53
CA SER G 182 1.85 -1.95 40.86
C SER G 182 2.53 -1.94 39.48
N GLY G 183 2.99 -0.76 39.03
CA GLY G 183 3.60 -0.64 37.70
C GLY G 183 2.55 -0.52 36.62
N LEU G 184 1.28 -0.32 37.02
CA LEU G 184 0.17 -0.19 36.05
C LEU G 184 -0.27 1.28 35.99
N TYR G 185 -0.37 1.83 34.78
CA TYR G 185 -0.77 3.26 34.62
C TYR G 185 -2.30 3.37 34.67
N SER G 186 -2.81 4.56 35.02
CA SER G 186 -4.28 4.78 35.08
C SER G 186 -4.59 6.23 34.69
N LEU G 187 -5.04 6.45 33.45
CA LEU G 187 -5.34 7.79 32.99
C LEU G 187 -6.83 7.94 32.76
N SER G 188 -7.26 9.18 32.52
CA SER G 188 -8.64 9.50 32.24
C SER G 188 -8.71 10.43 31.05
N SER G 189 -9.81 10.34 30.29
CA SER G 189 -10.02 11.24 29.14
C SER G 189 -11.47 11.74 29.18
N VAL G 190 -11.67 13.04 29.40
CA VAL G 190 -13.06 13.57 29.57
C VAL G 190 -13.41 14.48 28.39
N VAL G 191 -14.69 14.50 27.99
CA VAL G 191 -15.15 15.40 26.89
C VAL G 191 -16.34 16.22 27.41
N THR G 192 -16.28 17.54 27.25
CA THR G 192 -17.39 18.42 27.72
C THR G 192 -18.40 18.60 26.59
N VAL G 193 -19.69 18.41 26.90
CA VAL G 193 -20.77 18.53 25.85
C VAL G 193 -21.94 19.30 26.45
N PRO G 194 -22.47 20.35 25.76
CA PRO G 194 -23.66 21.06 26.25
C PRO G 194 -24.68 20.08 26.83
N SER G 195 -25.21 20.44 28.01
CA SER G 195 -26.10 19.52 28.72
C SER G 195 -27.31 19.13 27.89
N SER G 196 -27.71 19.97 26.94
CA SER G 196 -28.87 19.68 26.10
C SER G 196 -28.62 18.57 25.10
N SER G 197 -27.37 18.15 24.90
CA SER G 197 -27.05 17.07 23.98
C SER G 197 -26.98 15.70 24.65
N LEU G 198 -27.15 15.64 25.97
CA LEU G 198 -27.03 14.36 26.68
C LEU G 198 -28.07 13.35 26.23
N GLY G 199 -29.26 13.80 25.85
CA GLY G 199 -30.29 12.92 25.38
C GLY G 199 -30.43 12.84 23.87
N THR G 200 -29.46 13.37 23.11
CA THR G 200 -29.54 13.38 21.65
C THR G 200 -28.68 12.34 20.97
N GLN G 201 -27.59 11.91 21.59
CA GLN G 201 -26.65 11.01 20.92
C GLN G 201 -26.00 10.10 21.95
N THR G 202 -25.33 9.07 21.44
CA THR G 202 -24.50 8.19 22.25
C THR G 202 -23.11 8.79 22.41
N TYR G 203 -22.47 8.46 23.54
CA TYR G 203 -21.09 8.84 23.77
C TYR G 203 -20.30 7.57 24.06
N ILE G 204 -19.31 7.30 23.22
CA ILE G 204 -18.52 6.08 23.28
C ILE G 204 -17.06 6.46 23.22
N CYS G 205 -16.28 6.05 24.20
CA CYS G 205 -14.84 6.28 24.18
C CYS G 205 -14.13 5.02 23.71
N ASN G 206 -13.19 5.19 22.79
CA ASN G 206 -12.46 4.10 22.18
C ASN G 206 -11.04 4.11 22.71
N VAL G 207 -10.67 3.07 23.43
CA VAL G 207 -9.34 2.97 24.05
C VAL G 207 -8.53 1.95 23.28
N ASN G 208 -7.32 2.33 22.90
CA ASN G 208 -6.41 1.45 22.19
C ASN G 208 -5.09 1.37 22.96
N HIS G 209 -4.69 0.15 23.32
CA HIS G 209 -3.41 -0.11 23.97
C HIS G 209 -2.59 -1.01 23.04
N LYS G 210 -1.81 -0.38 22.17
CA LYS G 210 -0.99 -1.14 21.21
C LYS G 210 -0.05 -2.15 21.85
N PRO G 211 0.64 -1.87 22.96
CA PRO G 211 1.50 -2.90 23.56
C PRO G 211 0.80 -4.21 23.86
N SER G 212 -0.48 -4.18 24.22
CA SER G 212 -1.24 -5.39 24.46
C SER G 212 -2.25 -5.68 23.36
N ASN G 213 -2.42 -4.76 22.40
CA ASN G 213 -3.48 -4.85 21.38
C ASN G 213 -4.85 -5.02 22.03
N THR G 214 -5.08 -4.26 23.09
CA THR G 214 -6.39 -4.20 23.75
C THR G 214 -7.17 -3.05 23.15
N LYS G 215 -8.36 -3.33 22.63
CA LYS G 215 -9.28 -2.32 22.13
C LYS G 215 -10.60 -2.45 22.89
N VAL G 216 -11.04 -1.35 23.50
CA VAL G 216 -12.23 -1.35 24.33
C VAL G 216 -13.05 -0.12 23.97
N ASP G 217 -14.28 -0.33 23.53
CA ASP G 217 -15.24 0.74 23.31
C ASP G 217 -16.22 0.73 24.47
N LYS G 218 -16.24 1.82 25.25
CA LYS G 218 -17.06 1.90 26.46
C LYS G 218 -18.17 2.92 26.26
N ARG G 219 -19.41 2.47 26.42
CA ARG G 219 -20.54 3.37 26.38
C ARG G 219 -20.64 4.13 27.70
N VAL G 220 -20.75 5.46 27.63
CA VAL G 220 -20.89 6.32 28.79
C VAL G 220 -22.28 6.93 28.75
N GLU G 221 -23.08 6.65 29.78
CA GLU G 221 -24.46 7.11 29.86
C GLU G 221 -24.71 7.83 31.17
N PRO G 222 -25.67 8.76 31.20
CA PRO G 222 -26.03 9.40 32.47
C PRO G 222 -26.54 8.37 33.47
N LYS G 223 -26.27 8.62 34.74
CA LYS G 223 -26.54 7.62 35.78
C LYS G 223 -28.05 7.36 36.00
N GLN H 1 36.78 14.85 39.63
CA GLN H 1 35.57 14.48 38.89
C GLN H 1 35.15 15.60 37.93
N SER H 2 35.50 16.84 38.30
CA SER H 2 35.21 18.03 37.50
C SER H 2 33.70 18.26 37.39
N ALA H 3 33.09 18.63 38.51
CA ALA H 3 31.64 18.89 38.52
C ALA H 3 31.35 20.29 37.99
N LEU H 4 30.36 20.40 37.11
CA LEU H 4 29.98 21.72 36.57
C LEU H 4 28.70 22.12 37.31
N THR H 5 28.62 23.36 37.77
CA THR H 5 27.42 23.84 38.51
C THR H 5 26.60 24.77 37.59
N GLN H 6 25.27 24.63 37.60
CA GLN H 6 24.39 25.50 36.77
C GLN H 6 23.27 26.06 37.66
N PRO H 7 22.76 27.28 37.39
CA PRO H 7 21.63 27.83 38.15
C PRO H 7 20.44 26.87 38.06
N PRO H 8 19.67 26.66 39.14
CA PRO H 8 18.48 25.81 39.08
C PRO H 8 17.53 26.31 37.99
N SER H 9 17.31 27.62 37.93
CA SER H 9 16.41 28.21 36.90
C SER H 9 16.68 29.71 36.74
N VAL H 10 16.27 30.30 35.61
CA VAL H 10 16.44 31.76 35.39
C VAL H 10 15.12 32.30 34.80
N SER H 11 14.81 33.58 35.03
CA SER H 11 13.51 34.12 34.57
C SER H 11 13.66 35.52 33.99
N GLY H 12 12.85 35.85 33.00
CA GLY H 12 12.94 37.15 32.32
C GLY H 12 11.76 37.42 31.40
N ALA H 13 11.35 38.68 31.31
CA ALA H 13 10.23 39.05 30.42
C ALA H 13 10.72 39.15 28.97
N PRO H 14 9.82 38.95 27.98
CA PRO H 14 10.20 39.02 26.56
C PRO H 14 10.95 40.32 26.21
N GLY H 15 12.07 40.20 25.48
CA GLY H 15 12.87 41.38 25.08
C GLY H 15 13.95 41.73 26.07
N GLU H 16 14.03 40.99 27.17
CA GLU H 16 15.03 41.26 28.24
C GLU H 16 16.28 40.42 28.01
N ARG H 17 17.28 40.63 28.86
CA ARG H 17 18.57 39.92 28.74
C ARG H 17 18.75 39.01 29.97
N VAL H 18 19.15 37.77 29.73
CA VAL H 18 19.32 36.78 30.82
C VAL H 18 20.66 36.08 30.63
N THR H 19 21.35 35.82 31.74
CA THR H 19 22.66 35.15 31.68
C THR H 19 22.61 33.88 32.54
N ILE H 20 23.27 32.82 32.08
CA ILE H 20 23.32 31.53 32.82
C ILE H 20 24.78 31.28 33.19
N SER H 21 25.02 30.99 34.46
CA SER H 21 26.39 30.76 34.95
C SER H 21 26.74 29.26 35.03
N CYS H 22 28.04 28.95 34.93
CA CYS H 22 28.56 27.56 35.03
C CYS H 22 29.89 27.63 35.77
N SER H 23 29.96 27.00 36.94
CA SER H 23 31.21 26.94 37.71
C SER H 23 31.86 25.57 37.55
N GLY H 24 33.19 25.56 37.45
CA GLY H 24 33.92 24.29 37.40
C GLY H 24 34.87 24.19 38.57
N SER H 25 34.98 23.00 39.15
CA SER H 25 35.88 22.74 40.28
C SER H 25 37.10 21.99 39.76
N GLY H 26 37.00 21.41 38.58
CA GLY H 26 38.10 20.62 37.98
C GLY H 26 39.41 21.38 37.91
N SER H 27 40.47 20.72 37.45
CA SER H 27 41.82 21.32 37.46
C SER H 27 42.01 22.37 36.37
N ASN H 28 41.76 22.03 35.11
CA ASN H 28 42.02 22.97 33.99
C ASN H 28 40.71 23.56 33.48
N PHE H 29 39.72 23.71 34.36
CA PHE H 29 38.39 24.19 33.91
C PHE H 29 38.51 25.61 33.34
N GLU H 30 39.34 26.43 33.97
CA GLU H 30 39.53 27.83 33.51
C GLU H 30 40.07 27.87 32.08
N TYR H 31 41.00 26.99 31.73
CA TYR H 31 41.63 27.07 30.39
C TYR H 31 41.02 26.01 29.48
N SER H 32 40.10 25.24 30.03
CA SER H 32 39.38 24.23 29.23
C SER H 32 38.18 24.89 28.56
N PHE H 33 37.79 24.38 27.40
CA PHE H 33 36.67 24.99 26.64
C PHE H 33 35.33 24.53 27.21
N VAL H 34 34.36 25.42 27.19
CA VAL H 34 33.00 25.10 27.70
C VAL H 34 32.06 25.07 26.49
N TYR H 35 31.12 24.14 26.51
CA TYR H 35 30.13 24.06 25.41
C TYR H 35 28.73 24.29 25.99
N TRP H 36 27.89 24.99 25.22
CA TRP H 36 26.50 25.28 25.66
C TRP H 36 25.50 24.51 24.81
N TYR H 37 24.45 24.03 25.44
CA TYR H 37 23.44 23.22 24.74
C TYR H 37 22.03 23.63 25.18
N GLN H 38 21.11 23.73 24.22
CA GLN H 38 19.70 24.07 24.56
C GLN H 38 18.81 22.86 24.31
N GLN H 39 18.65 22.00 25.33
CA GLN H 39 17.74 20.84 25.18
C GLN H 39 16.31 21.30 25.51
N VAL H 40 15.59 21.78 24.51
CA VAL H 40 14.17 22.21 24.72
C VAL H 40 13.42 21.03 25.35
N PRO H 41 12.58 21.26 26.38
CA PRO H 41 11.82 20.17 27.00
C PRO H 41 11.13 19.33 25.92
N GLY H 42 11.31 18.01 25.95
CA GLY H 42 10.71 17.12 24.94
C GLY H 42 11.44 17.20 23.62
N MET H 43 12.66 17.74 23.62
CA MET H 43 13.46 17.88 22.37
C MET H 43 14.89 17.42 22.62
N ALA H 44 15.56 16.88 21.60
CA ALA H 44 16.97 16.43 21.75
C ALA H 44 17.87 17.64 22.02
N PRO H 45 18.94 17.51 22.83
CA PRO H 45 19.83 18.62 23.15
C PRO H 45 20.43 19.24 21.88
N LYS H 46 20.45 20.57 21.80
CA LYS H 46 20.99 21.27 20.60
C LYS H 46 22.27 22.03 21.01
N LEU H 47 23.32 21.93 20.19
CA LEU H 47 24.59 22.66 20.49
C LEU H 47 24.37 24.16 20.26
N LEU H 48 24.37 24.95 21.34
CA LEU H 48 24.21 26.42 21.24
C LEU H 48 25.58 27.08 21.01
N ILE H 49 26.60 26.68 21.77
CA ILE H 49 27.92 27.36 21.65
C ILE H 49 29.08 26.38 21.86
N TYR H 50 30.17 26.56 21.11
CA TYR H 50 31.38 25.71 21.24
C TYR H 50 32.62 26.60 21.38
N ASP H 51 33.64 26.12 22.08
CA ASP H 51 34.94 26.82 22.24
C ASP H 51 34.76 28.13 23.02
N ASN H 52 33.91 28.12 24.05
CA ASN H 52 33.72 29.30 24.92
C ASN H 52 32.79 30.35 24.29
N TYR H 53 32.94 30.68 23.02
CA TYR H 53 32.16 31.80 22.42
C TYR H 53 31.71 31.55 20.98
N LYS H 54 32.20 30.51 20.34
CA LYS H 54 31.89 30.30 18.91
C LYS H 54 30.48 29.73 18.74
N ARG H 55 29.81 30.14 17.66
CA ARG H 55 28.41 29.73 17.46
C ARG H 55 28.28 28.94 16.16
N PRO H 56 27.54 27.82 16.15
CA PRO H 56 27.27 27.10 14.91
C PRO H 56 26.53 27.97 13.89
N SER H 57 26.47 27.53 12.64
CA SER H 57 25.88 28.33 11.51
C SER H 57 24.48 28.89 11.78
N GLY H 58 23.50 28.04 12.09
CA GLY H 58 22.12 28.53 12.22
C GLY H 58 21.69 28.81 13.64
N VAL H 59 22.61 29.29 14.48
CA VAL H 59 22.22 29.69 15.85
C VAL H 59 22.19 31.22 15.88
N SER H 60 21.13 31.78 16.45
CA SER H 60 20.95 33.24 16.49
C SER H 60 22.11 33.95 17.20
N ASP H 61 22.42 35.17 16.77
CA ASP H 61 23.47 35.99 17.43
C ASP H 61 22.94 36.50 18.78
N ARG H 62 21.72 36.11 19.16
CA ARG H 62 21.15 36.49 20.46
C ARG H 62 21.80 35.65 21.56
N PHE H 63 22.42 34.55 21.16
CA PHE H 63 23.12 33.66 22.10
C PHE H 63 24.60 33.99 22.02
N SER H 64 25.23 34.15 23.18
CA SER H 64 26.67 34.51 23.24
C SER H 64 27.30 33.84 24.46
N GLY H 65 28.56 33.47 24.34
CA GLY H 65 29.29 32.83 25.44
C GLY H 65 30.46 33.64 25.91
N SER H 66 30.77 33.54 27.20
CA SER H 66 31.87 34.36 27.77
C SER H 66 32.54 33.59 28.90
N ARG H 67 33.76 33.98 29.24
CA ARG H 67 34.48 33.34 30.36
C ARG H 67 34.92 34.43 31.33
N SER H 68 34.66 34.23 32.61
CA SER H 68 35.06 35.19 33.66
C SER H 68 35.65 34.38 34.81
N GLY H 69 36.96 34.22 34.82
CA GLY H 69 37.66 33.47 35.88
C GLY H 69 37.41 31.98 35.79
N THR H 70 37.01 31.38 36.91
CA THR H 70 36.76 29.94 36.95
C THR H 70 35.33 29.66 36.50
N SER H 71 34.74 30.58 35.74
CA SER H 71 33.30 30.40 35.40
C SER H 71 33.01 30.61 33.92
N ALA H 72 31.84 30.17 33.49
CA ALA H 72 31.39 30.34 32.09
C ALA H 72 29.99 30.92 32.14
N SER H 73 29.66 31.74 31.15
CA SER H 73 28.32 32.33 31.11
C SER H 73 27.71 32.25 29.71
N LEU H 74 26.44 31.88 29.64
CA LEU H 74 25.69 31.97 28.38
C LEU H 74 24.79 33.19 28.57
N THR H 75 24.82 34.12 27.64
CA THR H 75 23.97 35.33 27.74
C THR H 75 22.95 35.28 26.60
N ILE H 76 21.70 35.55 26.93
CA ILE H 76 20.61 35.51 25.92
C ILE H 76 19.97 36.90 25.84
N THR H 77 20.18 37.58 24.72
CA THR H 77 19.63 38.94 24.52
C THR H 77 18.35 38.84 23.69
N GLY H 78 17.50 39.86 23.73
CA GLY H 78 16.30 39.88 22.88
C GLY H 78 15.40 38.71 23.22
N LEU H 79 15.17 38.43 24.51
CA LEU H 79 14.44 37.22 24.97
C LEU H 79 13.13 36.96 24.23
N GLN H 80 12.99 35.75 23.72
CA GLN H 80 11.74 35.32 23.03
C GLN H 80 11.16 34.12 23.78
N THR H 81 9.86 33.87 23.62
CA THR H 81 9.18 32.76 24.34
C THR H 81 9.68 31.39 23.86
N GLU H 82 10.20 31.32 22.64
CA GLU H 82 10.80 30.06 22.10
C GLU H 82 12.06 29.69 22.88
N ASP H 83 12.61 30.63 23.65
CA ASP H 83 13.85 30.40 24.44
C ASP H 83 13.50 29.62 25.70
N GLU H 84 12.22 29.48 26.02
CA GLU H 84 11.83 28.63 27.18
C GLU H 84 12.40 27.23 26.92
N SER H 85 13.38 26.81 27.71
CA SER H 85 14.10 25.55 27.46
C SER H 85 15.04 25.24 28.62
N ASP H 86 15.80 24.14 28.50
CA ASP H 86 16.81 23.80 29.54
C ASP H 86 18.21 23.93 28.94
N TYR H 87 19.05 24.78 29.51
CA TYR H 87 20.41 25.01 28.97
C TYR H 87 21.43 24.27 29.84
N TYR H 88 22.35 23.53 29.21
CA TYR H 88 23.34 22.72 29.97
C TYR H 88 24.76 23.06 29.53
N CYS H 89 25.62 23.48 30.47
CA CYS H 89 27.04 23.72 30.13
C CYS H 89 27.74 22.36 30.04
N GLN H 90 28.84 22.31 29.29
CA GLN H 90 29.58 21.03 29.16
C GLN H 90 31.09 21.28 29.05
N SER H 91 31.86 20.35 29.59
CA SER H 91 33.33 20.44 29.49
C SER H 91 33.87 19.05 29.13
N TYR H 92 35.07 19.01 28.58
CA TYR H 92 35.70 17.73 28.19
C TYR H 92 37.04 17.58 28.88
N ASP H 93 37.30 16.41 29.46
CA ASP H 93 38.61 16.13 30.08
C ASP H 93 39.39 15.20 29.14
N SER H 94 40.32 15.74 28.36
CA SER H 94 41.03 14.91 27.35
C SER H 94 41.42 13.55 27.95
N SER H 95 42.17 13.56 29.05
CA SER H 95 42.66 12.28 29.66
C SER H 95 41.47 11.37 29.97
N LEU H 96 40.48 11.88 30.70
CA LEU H 96 39.32 11.03 31.10
C LEU H 96 38.48 10.72 29.87
N THR H 97 38.49 11.61 28.87
CA THR H 97 37.59 11.43 27.69
C THR H 97 36.16 11.56 28.18
N TYR H 98 35.98 12.11 29.39
CA TYR H 98 34.63 12.29 29.97
C TYR H 98 34.14 13.71 29.68
N TRP H 99 33.06 13.83 28.90
CA TRP H 99 32.48 15.18 28.67
C TRP H 99 31.53 15.51 29.83
N VAL H 100 31.99 16.28 30.81
CA VAL H 100 31.14 16.57 32.00
C VAL H 100 29.90 17.35 31.55
N PHE H 101 28.71 16.92 31.98
CA PHE H 101 27.45 17.63 31.66
C PHE H 101 27.02 18.46 32.87
N GLY H 102 26.77 19.75 32.69
CA GLY H 102 26.30 20.60 33.80
C GLY H 102 24.92 20.19 34.26
N GLY H 103 24.56 20.52 35.50
CA GLY H 103 23.26 20.09 36.06
C GLY H 103 22.10 20.56 35.20
N GLY H 104 22.18 21.79 34.68
CA GLY H 104 21.10 22.34 33.83
C GLY H 104 20.50 23.60 34.42
N THR H 105 19.80 24.39 33.59
CA THR H 105 19.17 25.65 34.07
C THR H 105 17.88 25.90 33.28
N ARG H 106 16.74 25.94 33.97
CA ARG H 106 15.48 26.16 33.27
C ARG H 106 15.23 27.64 33.11
N LEU H 107 15.01 28.07 31.88
CA LEU H 107 14.69 29.44 31.56
C LEU H 107 13.19 29.58 31.42
N THR H 108 12.60 30.48 32.19
CA THR H 108 11.17 30.79 32.10
C THR H 108 11.01 32.19 31.52
N VAL H 109 10.14 32.33 30.54
CA VAL H 109 9.81 33.63 29.96
C VAL H 109 8.54 34.13 30.65
N LEU H 110 8.70 35.15 31.49
CA LEU H 110 7.57 35.73 32.21
C LEU H 110 6.62 36.44 31.25
N GLY H 111 5.38 36.65 31.70
CA GLY H 111 4.42 37.38 30.90
C GLY H 111 3.02 36.80 30.87
N GLN H 112 2.92 35.49 30.64
CA GLN H 112 1.59 34.82 30.65
C GLN H 112 0.92 35.11 32.00
N PRO H 113 -0.37 35.48 32.03
CA PRO H 113 -1.03 35.84 33.29
C PRO H 113 -1.39 34.61 34.13
N LYS H 114 -1.56 34.85 35.42
CA LYS H 114 -1.91 33.77 36.34
C LYS H 114 -3.31 33.26 36.02
N ALA H 115 -3.49 31.95 36.13
CA ALA H 115 -4.78 31.30 35.86
C ALA H 115 -5.07 30.29 36.96
N ALA H 116 -6.26 30.37 37.55
CA ALA H 116 -6.66 29.42 38.56
C ALA H 116 -6.99 28.07 37.92
N PRO H 117 -6.83 26.98 38.66
CA PRO H 117 -7.13 25.65 38.10
C PRO H 117 -8.62 25.36 38.01
N SER H 118 -8.98 24.62 36.97
CA SER H 118 -10.31 24.05 36.82
C SER H 118 -10.27 22.62 37.32
N VAL H 119 -11.25 22.25 38.14
CA VAL H 119 -11.27 20.97 38.82
C VAL H 119 -12.52 20.22 38.41
N THR H 120 -12.34 18.96 38.00
CA THR H 120 -13.44 18.05 37.70
C THR H 120 -13.25 16.80 38.56
N LEU H 121 -14.26 16.49 39.39
CA LEU H 121 -14.15 15.42 40.37
C LEU H 121 -15.19 14.35 40.08
N PHE H 122 -14.72 13.12 39.83
CA PHE H 122 -15.63 12.03 39.51
C PHE H 122 -15.69 11.04 40.68
N PRO H 123 -16.87 10.50 40.96
CA PRO H 123 -16.99 9.45 41.98
C PRO H 123 -16.76 8.07 41.36
N PRO H 124 -16.61 7.03 42.18
CA PRO H 124 -16.47 5.67 41.61
C PRO H 124 -17.70 5.29 40.80
N SER H 125 -17.46 4.69 39.64
CA SER H 125 -18.56 4.22 38.81
C SER H 125 -19.16 2.96 39.40
N SER H 126 -20.44 2.72 39.08
CA SER H 126 -21.07 1.50 39.56
C SER H 126 -20.35 0.27 39.02
N GLU H 127 -19.77 0.38 37.82
CA GLU H 127 -19.05 -0.75 37.25
C GLU H 127 -17.80 -1.09 38.04
N GLU H 128 -17.07 -0.08 38.52
CA GLU H 128 -15.88 -0.34 39.31
C GLU H 128 -16.24 -0.89 40.69
N LEU H 129 -17.33 -0.38 41.28
CA LEU H 129 -17.83 -0.96 42.53
C LEU H 129 -18.22 -2.41 42.35
N GLN H 130 -18.68 -2.79 41.15
CA GLN H 130 -18.99 -4.19 40.88
C GLN H 130 -17.74 -5.05 40.90
N ALA H 131 -16.61 -4.51 40.46
CA ALA H 131 -15.35 -5.24 40.48
C ALA H 131 -14.64 -5.15 41.82
N ASN H 132 -15.34 -4.72 42.87
CA ASN H 132 -14.79 -4.64 44.22
C ASN H 132 -13.60 -3.67 44.30
N LYS H 133 -13.70 -2.56 43.56
CA LYS H 133 -12.71 -1.50 43.61
C LYS H 133 -13.43 -0.15 43.60
N ALA H 134 -12.68 0.90 43.91
CA ALA H 134 -13.26 2.25 43.95
C ALA H 134 -12.14 3.26 43.75
N THR H 135 -12.35 4.18 42.82
CA THR H 135 -11.34 5.20 42.51
C THR H 135 -12.02 6.54 42.33
N LEU H 136 -11.54 7.56 43.04
CA LEU H 136 -11.97 8.92 42.80
C LEU H 136 -10.97 9.58 41.86
N VAL H 137 -11.49 10.33 40.90
CA VAL H 137 -10.67 10.94 39.86
C VAL H 137 -10.81 12.45 39.97
N CYS H 138 -9.71 13.13 40.25
CA CYS H 138 -9.67 14.59 40.33
C CYS H 138 -8.79 15.10 39.19
N LEU H 139 -9.40 15.80 38.24
CA LEU H 139 -8.72 16.26 37.04
C LEU H 139 -8.58 17.78 37.10
N ILE H 140 -7.33 18.24 37.09
CA ILE H 140 -7.00 19.65 37.27
C ILE H 140 -6.42 20.16 35.96
N SER H 141 -6.96 21.28 35.46
CA SER H 141 -6.52 21.80 34.17
C SER H 141 -6.56 23.33 34.17
N ASP H 142 -5.85 23.90 33.19
CA ASP H 142 -5.96 25.31 32.80
C ASP H 142 -5.31 26.25 33.81
N PHE H 143 -4.31 25.80 34.54
CA PHE H 143 -3.67 26.66 35.53
C PHE H 143 -2.28 27.08 35.08
N TYR H 144 -1.83 28.23 35.62
CA TYR H 144 -0.52 28.79 35.37
C TYR H 144 -0.15 29.70 36.53
N PRO H 145 1.09 29.62 37.05
CA PRO H 145 2.15 28.70 36.64
C PRO H 145 1.87 27.25 37.01
N GLY H 146 2.63 26.32 36.45
CA GLY H 146 2.36 24.90 36.62
C GLY H 146 2.82 24.32 37.95
N ALA H 147 2.21 24.77 39.05
CA ALA H 147 2.58 24.28 40.38
C ALA H 147 1.32 24.27 41.23
N VAL H 148 0.80 23.08 41.52
CA VAL H 148 -0.35 22.93 42.40
C VAL H 148 -0.02 21.90 43.48
N THR H 149 -0.83 21.91 44.54
CA THR H 149 -0.79 20.88 45.56
C THR H 149 -2.23 20.40 45.78
N VAL H 150 -2.38 19.09 45.96
CA VAL H 150 -3.69 18.46 46.03
C VAL H 150 -3.87 17.85 47.41
N ALA H 151 -5.02 18.11 48.03
CA ALA H 151 -5.36 17.56 49.33
C ALA H 151 -6.71 16.87 49.23
N TRP H 152 -6.81 15.67 49.80
CA TRP H 152 -8.05 14.91 49.78
C TRP H 152 -8.66 14.90 51.18
N LYS H 153 -9.99 14.95 51.23
CA LYS H 153 -10.74 15.01 52.48
C LYS H 153 -11.84 13.97 52.47
N ALA H 154 -11.82 13.08 53.45
CA ALA H 154 -12.94 12.17 53.72
C ALA H 154 -13.83 12.83 54.75
N ASP H 155 -15.03 13.22 54.34
CA ASP H 155 -15.85 14.15 55.11
C ASP H 155 -15.05 15.44 55.34
N SER H 156 -14.47 15.59 56.53
CA SER H 156 -13.63 16.75 56.84
C SER H 156 -12.25 16.37 57.35
N SER H 157 -11.91 15.09 57.35
CA SER H 157 -10.60 14.65 57.82
C SER H 157 -9.64 14.47 56.64
N PRO H 158 -8.41 14.93 56.80
CA PRO H 158 -7.42 14.79 55.72
C PRO H 158 -7.14 13.32 55.43
N VAL H 159 -6.96 13.02 54.14
CA VAL H 159 -6.63 11.69 53.66
C VAL H 159 -5.28 11.77 52.95
N LYS H 160 -4.36 10.86 53.32
CA LYS H 160 -3.13 10.69 52.57
C LYS H 160 -2.86 9.24 52.18
N ALA H 161 -3.64 8.28 52.67
CA ALA H 161 -3.51 6.89 52.24
C ALA H 161 -4.20 6.69 50.89
N GLY H 162 -3.46 6.11 49.95
CA GLY H 162 -4.03 5.80 48.65
C GLY H 162 -4.20 6.98 47.72
N VAL H 163 -3.44 8.06 47.92
CA VAL H 163 -3.45 9.21 47.03
C VAL H 163 -2.27 9.09 46.08
N GLU H 164 -2.52 9.29 44.79
CA GLU H 164 -1.47 9.28 43.77
C GLU H 164 -1.72 10.45 42.82
N THR H 165 -0.72 11.33 42.69
CA THR H 165 -0.85 12.57 41.95
C THR H 165 0.24 12.68 40.88
N THR H 166 -0.15 13.11 39.68
CA THR H 166 0.81 13.33 38.60
C THR H 166 1.52 14.67 38.77
N THR H 167 2.71 14.75 38.19
CA THR H 167 3.36 16.03 38.03
C THR H 167 2.60 16.87 37.02
N PRO H 168 2.73 18.19 37.07
CA PRO H 168 2.05 19.04 36.08
C PRO H 168 2.70 18.89 34.71
N SER H 169 1.87 18.95 33.67
CA SER H 169 2.33 18.87 32.30
C SER H 169 1.68 19.98 31.48
N LYS H 170 2.36 20.38 30.42
CA LYS H 170 1.94 21.52 29.61
C LYS H 170 0.83 21.11 28.65
N GLN H 171 -0.24 21.90 28.63
CA GLN H 171 -1.33 21.68 27.68
C GLN H 171 -1.00 22.35 26.34
N SER H 172 -1.93 22.19 25.39
CA SER H 172 -1.75 22.80 24.07
C SER H 172 -1.79 24.32 24.16
N ASN H 173 -2.68 24.86 25.02
CA ASN H 173 -2.79 26.31 25.16
C ASN H 173 -1.73 26.90 26.07
N ASN H 174 -0.62 26.18 26.28
CA ASN H 174 0.51 26.63 27.09
C ASN H 174 0.13 26.84 28.56
N LYS H 175 -0.99 26.28 28.99
CA LYS H 175 -1.33 26.17 30.40
C LYS H 175 -1.03 24.75 30.86
N TYR H 176 -1.29 24.46 32.14
CA TYR H 176 -0.86 23.21 32.74
C TYR H 176 -2.04 22.37 33.20
N ALA H 177 -1.81 21.06 33.25
CA ALA H 177 -2.79 20.08 33.68
C ALA H 177 -2.14 19.10 34.65
N ALA H 178 -2.99 18.40 35.40
CA ALA H 178 -2.55 17.42 36.40
C ALA H 178 -3.74 16.58 36.82
N SER H 179 -3.45 15.46 37.50
CA SER H 179 -4.48 14.53 37.94
C SER H 179 -4.10 13.97 39.30
N SER H 180 -5.10 13.67 40.11
CA SER H 180 -4.90 13.03 41.41
C SER H 180 -5.94 11.94 41.58
N TYR H 181 -5.49 10.77 42.01
CA TYR H 181 -6.36 9.62 42.18
C TYR H 181 -6.37 9.20 43.64
N LEU H 182 -7.57 9.02 44.20
CA LEU H 182 -7.74 8.47 45.53
C LEU H 182 -8.27 7.04 45.40
N SER H 183 -7.42 6.07 45.72
CA SER H 183 -7.82 4.67 45.70
C SER H 183 -8.42 4.28 47.05
N LEU H 184 -9.61 3.67 47.00
CA LEU H 184 -10.34 3.31 48.20
C LEU H 184 -10.94 1.92 48.07
N THR H 185 -11.29 1.34 49.20
CA THR H 185 -12.17 0.19 49.13
C THR H 185 -13.61 0.67 48.98
N PRO H 186 -14.45 -0.10 48.30
CA PRO H 186 -15.87 0.28 48.17
C PRO H 186 -16.55 0.54 49.50
N GLU H 187 -16.03 -0.06 50.58
CA GLU H 187 -16.61 0.13 51.90
C GLU H 187 -16.26 1.50 52.47
N GLN H 188 -15.01 1.96 52.29
CA GLN H 188 -14.65 3.31 52.69
C GLN H 188 -15.51 4.34 51.96
N TRP H 189 -15.70 4.14 50.66
CA TRP H 189 -16.47 5.10 49.86
C TRP H 189 -17.89 5.21 50.38
N LYS H 190 -18.54 4.07 50.63
CA LYS H 190 -19.94 4.09 51.05
C LYS H 190 -20.10 4.58 52.48
N SER H 191 -19.07 4.42 53.31
CA SER H 191 -19.18 4.79 54.72
C SER H 191 -19.27 6.31 54.89
N HIS H 192 -18.24 7.03 54.48
CA HIS H 192 -18.23 8.48 54.63
C HIS H 192 -19.32 9.11 53.77
N ARG H 193 -19.84 10.24 54.23
CA ARG H 193 -20.91 10.90 53.50
C ARG H 193 -20.43 11.69 52.30
N SER H 194 -19.16 12.11 52.28
CA SER H 194 -18.66 12.86 51.13
C SER H 194 -17.14 12.72 51.07
N TYR H 195 -16.61 13.01 49.88
CA TYR H 195 -15.18 13.11 49.65
C TYR H 195 -14.91 14.38 48.84
N SER H 196 -13.80 15.05 49.14
CA SER H 196 -13.47 16.32 48.51
C SER H 196 -12.05 16.31 47.98
N CYS H 197 -11.88 16.89 46.79
CA CYS H 197 -10.58 17.18 46.22
C CYS H 197 -10.32 18.68 46.36
N GLN H 198 -9.20 19.04 46.98
CA GLN H 198 -8.84 20.43 47.25
C GLN H 198 -7.50 20.76 46.60
N VAL H 199 -7.52 21.67 45.64
CA VAL H 199 -6.33 22.04 44.88
C VAL H 199 -5.94 23.47 45.27
N THR H 200 -4.70 23.64 45.72
CA THR H 200 -4.18 24.93 46.13
C THR H 200 -3.20 25.45 45.08
N HIS H 201 -3.34 26.72 44.73
CA HIS H 201 -2.56 27.32 43.65
C HIS H 201 -2.49 28.81 43.92
N GLU H 202 -1.32 29.31 44.30
CA GLU H 202 -1.08 30.74 44.53
C GLU H 202 -2.02 31.31 45.59
N GLY H 203 -2.10 30.63 46.72
CA GLY H 203 -2.89 31.10 47.84
C GLY H 203 -4.39 30.86 47.73
N SER H 204 -4.88 30.43 46.58
CA SER H 204 -6.28 30.07 46.42
C SER H 204 -6.46 28.57 46.46
N THR H 205 -7.56 28.12 47.04
CA THR H 205 -7.92 26.71 47.05
C THR H 205 -9.22 26.53 46.28
N VAL H 206 -9.17 25.73 45.21
CA VAL H 206 -10.36 25.32 44.48
C VAL H 206 -10.77 23.95 44.99
N GLU H 207 -12.07 23.78 45.28
CA GLU H 207 -12.56 22.60 45.98
C GLU H 207 -13.78 22.04 45.26
N LYS H 208 -13.80 20.73 45.09
CA LYS H 208 -14.96 19.99 44.62
C LYS H 208 -15.28 18.89 45.63
N THR H 209 -16.55 18.51 45.69
CA THR H 209 -17.00 17.50 46.63
C THR H 209 -17.94 16.54 45.91
N VAL H 210 -17.75 15.25 46.13
CA VAL H 210 -18.67 14.25 45.61
C VAL H 210 -19.17 13.39 46.76
N ALA H 211 -20.34 12.80 46.56
CA ALA H 211 -21.01 12.00 47.59
C ALA H 211 -21.67 10.79 46.95
N PRO H 212 -21.79 9.68 47.69
CA PRO H 212 -22.44 8.48 47.14
C PRO H 212 -23.96 8.65 47.16
N THR H 213 -24.58 8.60 45.99
CA THR H 213 -26.03 8.74 45.90
C THR H 213 -26.57 7.82 44.81
#